data_4WHX
#
_entry.id   4WHX
#
_cell.length_a   104.140
_cell.length_b   230.350
_cell.length_c   77.530
_cell.angle_alpha   90.000
_cell.angle_beta   90.000
_cell.angle_gamma   90.000
#
_symmetry.space_group_name_H-M   'P 21 21 21'
#
loop_
_entity.id
_entity.type
_entity.pdbx_description
1 polymer 'Branched-chain-amino-acid transaminase'
2 non-polymer ALANINE
3 non-polymer 1,2-ETHANEDIOL
4 water water
#
_entity_poly.entity_id   1
_entity_poly.type   'polypeptide(L)'
_entity_poly.pdbx_seq_one_letter_code
;GPGSMSMADRDGKIWMDGKLIEWRDAKIHVLTHTLHYGMGVFEGVRAYKTADGGTAIFRLKEHTKRLLNSAKIFQMDVPF
DQETLEAAQRDVVRENKLESCYLRPIIWIGSEKLGVSAKGNTIHVAIAAWPWGAYLGEEGLAKGIRVKTSSFTRHHVNVS
MVRA(LLP)ASGWYVNSILANQEATADGYDEALLLDVDGYVSEGSGENFFLVNRGKLYTPDLASCLDGITRDTVITLAKE
AGIEVIEKRITRDEVYTADEAFFTGTAAEVTPIRELDNRTIGGGARGPITEKLQSAFFDVVNGKSAKHADWLTKI
;
_entity_poly.pdbx_strand_id   A,B,C,D,E,F
#
loop_
_chem_comp.id
_chem_comp.type
_chem_comp.name
_chem_comp.formula
EDO non-polymer 1,2-ETHANEDIOL 'C2 H6 O2'
#
# COMPACT_ATOMS: atom_id res chain seq x y z
N SER A 6 -40.73 -1.25 -16.82
CA SER A 6 -39.70 -1.89 -17.64
C SER A 6 -39.00 -0.89 -18.57
N MET A 7 -37.69 -1.02 -18.71
CA MET A 7 -36.93 -0.15 -19.60
C MET A 7 -37.02 -0.62 -21.05
N ALA A 8 -37.28 -1.91 -21.23
CA ALA A 8 -37.33 -2.52 -22.55
C ALA A 8 -38.67 -2.27 -23.24
N ASP A 9 -39.74 -2.41 -22.47
CA ASP A 9 -41.09 -2.44 -23.01
C ASP A 9 -41.74 -1.07 -22.98
N ARG A 10 -41.31 -0.19 -23.87
CA ARG A 10 -41.82 1.19 -23.93
C ARG A 10 -42.02 1.62 -25.37
N ASP A 11 -42.90 2.59 -25.57
CA ASP A 11 -43.05 3.24 -26.86
C ASP A 11 -42.02 4.34 -27.02
N GLY A 12 -41.61 4.62 -28.25
CA GLY A 12 -40.66 5.69 -28.50
C GLY A 12 -39.56 5.29 -29.45
N LYS A 13 -38.54 6.14 -29.54
CA LYS A 13 -37.44 5.90 -30.48
C LYS A 13 -36.09 5.82 -29.76
N ILE A 14 -35.26 4.88 -30.20
CA ILE A 14 -33.88 4.79 -29.74
C ILE A 14 -32.95 4.96 -30.93
N TRP A 15 -31.93 5.80 -30.77
CA TRP A 15 -30.92 5.97 -31.79
C TRP A 15 -29.91 4.84 -31.64
N MET A 16 -29.67 4.09 -32.71
CA MET A 16 -28.74 2.97 -32.64
C MET A 16 -27.98 2.79 -33.95
N ASP A 17 -26.66 2.85 -33.85
CA ASP A 17 -25.78 2.59 -34.98
C ASP A 17 -26.16 3.39 -36.23
N GLY A 18 -26.48 4.67 -36.03
CA GLY A 18 -26.69 5.57 -37.15
C GLY A 18 -28.12 5.97 -37.45
N LYS A 19 -29.09 5.37 -36.78
CA LYS A 19 -30.48 5.69 -37.08
C LYS A 19 -31.43 5.46 -35.92
N LEU A 20 -32.55 6.19 -35.95
CA LEU A 20 -33.61 6.00 -34.98
C LEU A 20 -34.40 4.76 -35.31
N ILE A 21 -34.44 3.82 -34.38
CA ILE A 21 -35.31 2.66 -34.52
C ILE A 21 -36.40 2.72 -33.45
N GLU A 22 -37.41 1.88 -33.56
CA GLU A 22 -38.44 1.80 -32.53
C GLU A 22 -37.81 1.30 -31.23
N TRP A 23 -38.31 1.79 -30.11
CA TRP A 23 -37.71 1.53 -28.80
C TRP A 23 -37.48 0.04 -28.52
N ARG A 24 -38.51 -0.76 -28.70
CA ARG A 24 -38.43 -2.18 -28.38
C ARG A 24 -37.52 -2.96 -29.33
N ASP A 25 -37.18 -2.38 -30.47
CA ASP A 25 -36.33 -3.05 -31.45
C ASP A 25 -34.85 -2.98 -31.12
N ALA A 26 -34.49 -2.22 -30.08
CA ALA A 26 -33.09 -2.04 -29.72
C ALA A 26 -32.59 -3.23 -28.91
N LYS A 27 -32.34 -4.33 -29.60
CA LYS A 27 -31.98 -5.59 -28.97
C LYS A 27 -30.57 -6.02 -29.34
N ILE A 28 -30.01 -6.92 -28.53
CA ILE A 28 -28.71 -7.53 -28.82
C ILE A 28 -28.75 -9.00 -28.41
N HIS A 29 -27.81 -9.78 -28.96
CA HIS A 29 -27.70 -11.20 -28.61
C HIS A 29 -27.05 -11.34 -27.23
N VAL A 30 -27.38 -12.43 -26.54
CA VAL A 30 -26.82 -12.67 -25.22
C VAL A 30 -25.32 -12.95 -25.27
N LEU A 31 -24.82 -13.26 -26.46
CA LEU A 31 -23.39 -13.49 -26.65
C LEU A 31 -22.68 -12.20 -27.08
N THR A 32 -23.19 -11.07 -26.62
CA THR A 32 -22.55 -9.78 -26.81
C THR A 32 -21.33 -9.62 -25.90
N HIS A 33 -20.21 -9.21 -26.48
CA HIS A 33 -18.93 -9.17 -25.77
C HIS A 33 -19.03 -8.42 -24.44
N THR A 34 -19.56 -7.20 -24.47
CA THR A 34 -19.66 -6.36 -23.28
C THR A 34 -20.49 -7.01 -22.15
N LEU A 35 -21.51 -7.80 -22.52
CA LEU A 35 -22.30 -8.49 -21.50
C LEU A 35 -21.44 -9.48 -20.71
N HIS A 36 -20.45 -10.06 -21.37
CA HIS A 36 -19.61 -11.08 -20.75
C HIS A 36 -18.33 -10.51 -20.13
N TYR A 37 -17.82 -9.43 -20.70
CA TYR A 37 -16.48 -8.99 -20.36
C TYR A 37 -16.39 -7.54 -19.91
N GLY A 38 -17.54 -6.85 -19.91
CA GLY A 38 -17.67 -5.57 -19.25
C GLY A 38 -17.03 -4.35 -19.88
N MET A 39 -16.38 -4.49 -21.03
CA MET A 39 -15.78 -3.32 -21.66
C MET A 39 -16.78 -2.62 -22.53
N GLY A 40 -17.41 -1.60 -21.96
CA GLY A 40 -18.30 -0.72 -22.67
C GLY A 40 -18.19 0.62 -21.96
N VAL A 41 -18.63 1.70 -22.61
CA VAL A 41 -18.60 3.00 -21.98
C VAL A 41 -19.95 3.68 -22.16
N PHE A 42 -20.30 4.55 -21.23
CA PHE A 42 -21.58 5.23 -21.28
C PHE A 42 -21.52 6.62 -20.66
N GLU A 43 -22.60 7.37 -20.80
CA GLU A 43 -22.73 8.68 -20.20
C GLU A 43 -24.11 8.85 -19.56
N GLY A 44 -24.20 9.82 -18.66
CA GLY A 44 -25.47 10.25 -18.10
C GLY A 44 -25.61 11.73 -18.39
N VAL A 45 -26.66 12.09 -19.11
CA VAL A 45 -26.90 13.48 -19.51
C VAL A 45 -28.34 13.85 -19.21
N ARG A 46 -28.57 15.09 -18.78
CA ARG A 46 -29.93 15.54 -18.51
C ARG A 46 -30.36 16.65 -19.46
N ALA A 47 -31.59 16.54 -19.94
CA ALA A 47 -32.26 17.66 -20.60
C ALA A 47 -33.20 18.29 -19.59
N TYR A 48 -33.18 19.62 -19.52
CA TYR A 48 -34.03 20.33 -18.57
C TYR A 48 -35.10 21.16 -19.29
N LYS A 49 -36.28 21.24 -18.67
CA LYS A 49 -37.28 22.20 -19.10
C LYS A 49 -36.85 23.57 -18.58
N THR A 50 -36.53 24.48 -19.50
CA THR A 50 -35.97 25.78 -19.13
C THR A 50 -37.05 26.83 -18.90
N ALA A 51 -36.67 27.95 -18.28
CA ALA A 51 -37.61 28.97 -17.84
C ALA A 51 -38.49 29.53 -18.96
N ASP A 52 -37.99 29.48 -20.18
CA ASP A 52 -38.73 30.01 -21.33
C ASP A 52 -39.74 29.01 -21.89
N GLY A 53 -39.82 27.83 -21.28
CA GLY A 53 -40.72 26.79 -21.73
C GLY A 53 -40.06 25.79 -22.68
N GLY A 54 -38.84 26.08 -23.09
CA GLY A 54 -38.11 25.21 -23.99
C GLY A 54 -37.45 24.04 -23.27
N THR A 55 -36.73 23.24 -24.04
CA THR A 55 -35.98 22.12 -23.48
C THR A 55 -34.52 22.24 -23.91
N ALA A 56 -33.60 22.02 -22.97
CA ALA A 56 -32.19 22.14 -23.28
C ALA A 56 -31.35 21.09 -22.56
N ILE A 57 -30.47 20.45 -23.31
CA ILE A 57 -29.51 19.48 -22.76
C ILE A 57 -28.39 20.23 -22.04
N PHE A 58 -28.02 19.76 -20.85
CA PHE A 58 -26.99 20.44 -20.07
C PHE A 58 -25.60 19.87 -20.33
N ARG A 59 -24.71 20.75 -20.81
CA ARG A 59 -23.32 20.43 -21.11
C ARG A 59 -23.16 19.20 -21.99
N LEU A 60 -23.91 19.20 -23.09
CA LEU A 60 -23.89 18.14 -24.09
C LEU A 60 -22.51 17.87 -24.68
N LYS A 61 -21.82 18.95 -25.05
CA LYS A 61 -20.50 18.83 -25.65
C LYS A 61 -19.51 18.15 -24.71
N GLU A 62 -19.50 18.59 -23.45
CA GLU A 62 -18.57 18.07 -22.46
CA GLU A 62 -18.54 18.04 -22.51
C GLU A 62 -18.83 16.58 -22.19
N HIS A 63 -20.12 16.21 -22.14
CA HIS A 63 -20.49 14.81 -21.93
C HIS A 63 -20.13 13.94 -23.14
N THR A 64 -20.40 14.45 -24.34
CA THR A 64 -20.12 13.68 -25.55
C THR A 64 -18.61 13.55 -25.73
N LYS A 65 -17.88 14.60 -25.37
CA LYS A 65 -16.43 14.58 -25.39
C LYS A 65 -15.90 13.49 -24.44
N ARG A 66 -16.48 13.39 -23.25
CA ARG A 66 -16.01 12.40 -22.28
C ARG A 66 -16.33 10.98 -22.75
N LEU A 67 -17.49 10.82 -23.39
CA LEU A 67 -17.90 9.53 -23.94
C LEU A 67 -16.89 9.01 -24.97
N LEU A 68 -16.47 9.87 -25.88
CA LEU A 68 -15.49 9.46 -26.89
C LEU A 68 -14.12 9.25 -26.25
N ASN A 69 -13.81 10.00 -25.20
CA ASN A 69 -12.53 9.83 -24.51
C ASN A 69 -12.48 8.52 -23.74
N SER A 70 -13.62 8.12 -23.18
CA SER A 70 -13.74 6.83 -22.51
C SER A 70 -13.45 5.71 -23.49
N ALA A 71 -14.06 5.78 -24.67
CA ALA A 71 -13.79 4.79 -25.72
C ALA A 71 -12.33 4.86 -26.13
N LYS A 72 -11.79 6.07 -26.18
CA LYS A 72 -10.41 6.26 -26.58
C LYS A 72 -9.45 5.57 -25.60
N ILE A 73 -9.75 5.69 -24.30
CA ILE A 73 -8.94 5.06 -23.27
C ILE A 73 -8.91 3.53 -23.47
N PHE A 74 -10.02 2.97 -23.94
CA PHE A 74 -10.11 1.53 -24.18
C PHE A 74 -9.68 1.11 -25.60
N GLN A 75 -9.25 2.08 -26.40
CA GLN A 75 -8.91 1.87 -27.81
C GLN A 75 -10.08 1.27 -28.59
N MET A 76 -11.30 1.64 -28.22
CA MET A 76 -12.48 1.30 -29.01
C MET A 76 -12.70 2.33 -30.11
N ASP A 77 -12.70 1.88 -31.37
CA ASP A 77 -12.93 2.78 -32.50
C ASP A 77 -14.43 3.05 -32.70
N VAL A 78 -14.87 4.26 -32.36
CA VAL A 78 -16.28 4.63 -32.51
C VAL A 78 -16.57 5.15 -33.93
N PRO A 79 -17.51 4.50 -34.63
CA PRO A 79 -17.81 4.82 -36.04
C PRO A 79 -18.58 6.13 -36.22
N PHE A 80 -18.63 6.97 -35.19
CA PHE A 80 -19.33 8.25 -35.30
C PHE A 80 -18.51 9.34 -34.61
N ASP A 81 -18.49 10.53 -35.19
CA ASP A 81 -17.73 11.63 -34.59
C ASP A 81 -18.57 12.39 -33.56
N GLN A 82 -17.97 13.37 -32.91
CA GLN A 82 -18.66 14.07 -31.83
C GLN A 82 -19.89 14.84 -32.32
N GLU A 83 -19.76 15.52 -33.46
CA GLU A 83 -20.87 16.31 -34.00
C GLU A 83 -22.10 15.44 -34.28
N THR A 84 -21.87 14.25 -34.81
CA THR A 84 -22.94 13.31 -35.14
C THR A 84 -23.65 12.82 -33.89
N LEU A 85 -22.88 12.53 -32.84
CA LEU A 85 -23.43 12.00 -31.60
C LEU A 85 -24.17 13.07 -30.81
N GLU A 86 -23.70 14.32 -30.88
CA GLU A 86 -24.41 15.42 -30.23
C GLU A 86 -25.77 15.62 -30.90
N ALA A 87 -25.79 15.61 -32.23
CA ALA A 87 -27.01 15.77 -32.99
C ALA A 87 -27.95 14.60 -32.75
N ALA A 88 -27.38 13.40 -32.62
CA ALA A 88 -28.17 12.20 -32.35
C ALA A 88 -28.89 12.28 -31.00
N GLN A 89 -28.18 12.78 -29.98
CA GLN A 89 -28.76 12.94 -28.65
C GLN A 89 -29.92 13.94 -28.67
N ARG A 90 -29.75 15.03 -29.41
CA ARG A 90 -30.82 16.00 -29.54
C ARG A 90 -32.01 15.40 -30.29
N ASP A 91 -31.72 14.60 -31.32
CA ASP A 91 -32.76 13.91 -32.07
C ASP A 91 -33.61 13.01 -31.18
N VAL A 92 -32.94 12.29 -30.29
CA VAL A 92 -33.63 11.36 -29.39
C VAL A 92 -34.59 12.11 -28.47
N VAL A 93 -34.10 13.22 -27.90
CA VAL A 93 -34.96 14.04 -27.05
C VAL A 93 -36.13 14.62 -27.84
N ARG A 94 -35.86 15.09 -29.04
CA ARG A 94 -36.89 15.72 -29.86
C ARG A 94 -37.94 14.73 -30.34
N GLU A 95 -37.49 13.60 -30.90
CA GLU A 95 -38.39 12.65 -31.51
C GLU A 95 -39.24 11.91 -30.48
N ASN A 96 -38.75 11.85 -29.24
CA ASN A 96 -39.54 11.22 -28.19
C ASN A 96 -40.46 12.22 -27.52
N LYS A 97 -40.42 13.46 -28.01
CA LYS A 97 -41.25 14.55 -27.50
C LYS A 97 -41.09 14.70 -25.99
N LEU A 98 -39.84 14.66 -25.52
CA LEU A 98 -39.56 14.80 -24.08
C LEU A 98 -39.30 16.26 -23.70
N GLU A 99 -39.97 16.73 -22.65
CA GLU A 99 -39.76 18.09 -22.16
C GLU A 99 -38.53 18.15 -21.26
N SER A 100 -38.29 17.05 -20.57
CA SER A 100 -37.13 16.91 -19.70
C SER A 100 -36.87 15.43 -19.62
N CYS A 101 -35.61 15.04 -19.50
CA CYS A 101 -35.28 13.63 -19.48
C CYS A 101 -33.85 13.38 -19.06
N TYR A 102 -33.56 12.10 -18.87
CA TYR A 102 -32.20 11.63 -18.66
C TYR A 102 -31.79 10.90 -19.93
N LEU A 103 -30.65 11.27 -20.49
CA LEU A 103 -30.11 10.61 -21.68
C LEU A 103 -29.04 9.58 -21.27
N ARG A 104 -29.09 8.41 -21.90
CA ARG A 104 -28.07 7.39 -21.68
C ARG A 104 -27.49 6.96 -23.02
N PRO A 105 -26.39 7.61 -23.45
CA PRO A 105 -25.58 7.09 -24.54
C PRO A 105 -24.76 5.93 -24.03
N ILE A 106 -24.63 4.87 -24.81
CA ILE A 106 -23.77 3.76 -24.43
C ILE A 106 -23.05 3.21 -25.67
N ILE A 107 -21.76 2.95 -25.52
CA ILE A 107 -20.95 2.35 -26.58
C ILE A 107 -20.45 1.01 -26.09
N TRP A 108 -20.65 -0.04 -26.88
CA TRP A 108 -20.29 -1.38 -26.44
C TRP A 108 -19.74 -2.24 -27.58
N ILE A 109 -19.28 -3.43 -27.20
CA ILE A 109 -18.62 -4.35 -28.13
C ILE A 109 -19.56 -5.51 -28.45
N GLY A 110 -19.75 -5.76 -29.74
CA GLY A 110 -20.80 -6.62 -30.24
C GLY A 110 -20.63 -8.12 -30.08
N SER A 111 -21.42 -8.87 -30.85
CA SER A 111 -21.53 -10.31 -30.68
C SER A 111 -20.91 -11.13 -31.83
N GLU A 112 -19.97 -10.55 -32.55
CA GLU A 112 -19.34 -11.25 -33.66
C GLU A 112 -18.42 -12.38 -33.18
N LYS A 113 -17.73 -12.15 -32.06
CA LYS A 113 -16.80 -13.13 -31.52
C LYS A 113 -16.71 -12.98 -30.00
N LEU A 114 -16.53 -14.09 -29.28
CA LEU A 114 -16.61 -14.04 -27.82
C LEU A 114 -15.36 -14.53 -27.09
N GLY A 115 -14.19 -14.13 -27.56
CA GLY A 115 -12.98 -14.34 -26.80
C GLY A 115 -12.63 -13.07 -26.05
N VAL A 116 -11.72 -13.16 -25.09
CA VAL A 116 -11.16 -11.97 -24.46
C VAL A 116 -10.43 -11.15 -25.52
N SER A 117 -9.86 -11.86 -26.49
CA SER A 117 -9.06 -11.28 -27.57
C SER A 117 -9.79 -10.24 -28.42
N ALA A 118 -11.12 -10.15 -28.24
CA ALA A 118 -11.92 -8.98 -28.62
C ALA A 118 -11.78 -8.41 -30.04
N LYS A 119 -11.11 -9.13 -30.93
CA LYS A 119 -10.81 -8.57 -32.25
C LYS A 119 -11.90 -8.84 -33.28
N GLY A 120 -12.29 -7.80 -34.00
CA GLY A 120 -13.22 -7.95 -35.12
C GLY A 120 -14.69 -7.81 -34.76
N ASN A 121 -14.97 -7.30 -33.57
CA ASN A 121 -16.34 -7.08 -33.15
C ASN A 121 -16.83 -5.70 -33.55
N THR A 122 -18.11 -5.59 -33.83
CA THR A 122 -18.72 -4.31 -34.15
C THR A 122 -18.74 -3.42 -32.92
N ILE A 123 -18.37 -2.16 -33.09
CA ILE A 123 -18.47 -1.17 -32.03
C ILE A 123 -19.82 -0.48 -32.15
N HIS A 124 -20.75 -0.87 -31.29
CA HIS A 124 -22.11 -0.36 -31.34
C HIS A 124 -22.27 0.93 -30.54
N VAL A 125 -23.22 1.76 -30.96
CA VAL A 125 -23.60 2.95 -30.20
C VAL A 125 -25.12 3.06 -30.14
N ALA A 126 -25.65 3.28 -28.93
CA ALA A 126 -27.09 3.51 -28.77
C ALA A 126 -27.33 4.68 -27.82
N ILE A 127 -28.41 5.40 -28.09
CA ILE A 127 -28.84 6.50 -27.22
C ILE A 127 -30.33 6.39 -26.89
N ALA A 128 -30.63 6.21 -25.61
CA ALA A 128 -32.01 6.23 -25.15
C ALA A 128 -32.22 7.39 -24.18
N ALA A 129 -33.48 7.78 -23.98
CA ALA A 129 -33.78 8.84 -23.01
C ALA A 129 -35.16 8.64 -22.41
N TRP A 130 -35.27 8.94 -21.12
CA TRP A 130 -36.53 8.76 -20.41
C TRP A 130 -36.68 9.77 -19.28
N PRO A 131 -37.94 10.09 -18.92
CA PRO A 131 -38.17 10.93 -17.74
C PRO A 131 -37.58 10.27 -16.50
N TRP A 132 -36.86 11.03 -15.68
CA TRP A 132 -36.24 10.47 -14.48
C TRP A 132 -36.10 11.55 -13.42
N GLY A 133 -36.77 11.35 -12.29
CA GLY A 133 -36.75 12.31 -11.19
C GLY A 133 -35.43 12.37 -10.46
N ALA A 134 -35.42 13.07 -9.32
CA ALA A 134 -34.22 13.21 -8.50
C ALA A 134 -33.72 11.83 -8.07
N TYR A 135 -32.44 11.57 -8.34
CA TYR A 135 -31.84 10.27 -8.08
C TYR A 135 -31.93 9.88 -6.61
N LEU A 136 -31.65 10.83 -5.72
CA LEU A 136 -31.65 10.55 -4.29
C LEU A 136 -32.90 11.10 -3.60
N GLY A 137 -33.92 11.43 -4.40
CA GLY A 137 -35.21 11.82 -3.86
C GLY A 137 -35.38 13.31 -3.63
N GLU A 138 -36.62 13.79 -3.75
CA GLU A 138 -36.92 15.20 -3.56
C GLU A 138 -36.68 15.66 -2.13
N GLU A 139 -37.00 14.80 -1.16
CA GLU A 139 -36.77 15.15 0.24
C GLU A 139 -35.25 15.22 0.49
N GLY A 140 -34.50 14.44 -0.28
CA GLY A 140 -33.04 14.43 -0.19
C GLY A 140 -32.42 15.75 -0.63
N LEU A 141 -32.91 16.30 -1.73
CA LEU A 141 -32.40 17.57 -2.25
C LEU A 141 -32.58 18.72 -1.26
N ALA A 142 -33.73 18.76 -0.60
CA ALA A 142 -34.07 19.88 0.26
C ALA A 142 -33.54 19.72 1.70
N LYS A 143 -33.50 18.49 2.18
CA LYS A 143 -33.19 18.24 3.59
C LYS A 143 -31.87 17.52 3.82
N GLY A 144 -31.33 16.91 2.77
CA GLY A 144 -30.10 16.15 2.90
C GLY A 144 -30.34 14.68 3.19
N ILE A 145 -29.37 13.84 2.86
CA ILE A 145 -29.55 12.40 2.98
C ILE A 145 -28.63 11.80 4.04
N ARG A 146 -28.91 10.56 4.41
CA ARG A 146 -28.06 9.83 5.35
C ARG A 146 -27.14 8.90 4.56
N VAL A 147 -25.84 9.00 4.82
CA VAL A 147 -24.86 8.27 4.03
C VAL A 147 -24.07 7.31 4.91
N LYS A 148 -23.71 6.16 4.35
CA LYS A 148 -22.91 5.15 5.04
C LYS A 148 -21.59 4.96 4.33
N THR A 149 -20.48 5.05 5.06
CA THR A 149 -19.19 4.73 4.48
C THR A 149 -19.15 3.24 4.18
N SER A 150 -18.89 2.89 2.92
CA SER A 150 -18.91 1.50 2.50
C SER A 150 -17.67 0.76 3.03
N SER A 151 -17.82 -0.54 3.24
CA SER A 151 -16.67 -1.38 3.59
C SER A 151 -16.00 -1.90 2.32
N PHE A 152 -16.59 -1.59 1.16
CA PHE A 152 -15.95 -1.88 -0.13
C PHE A 152 -15.09 -0.69 -0.54
N THR A 153 -13.91 -0.99 -1.07
CA THR A 153 -12.95 0.06 -1.41
C THR A 153 -13.12 0.55 -2.85
N ARG A 154 -12.97 1.86 -3.04
CA ARG A 154 -13.05 2.47 -4.35
C ARG A 154 -11.90 2.01 -5.26
N HIS A 155 -12.17 1.97 -6.57
CA HIS A 155 -11.23 1.55 -7.62
C HIS A 155 -9.80 2.03 -7.47
N HIS A 156 -8.87 1.11 -7.75
CA HIS A 156 -7.44 1.41 -7.80
C HIS A 156 -7.13 1.95 -9.20
N VAL A 157 -6.36 3.03 -9.29
CA VAL A 157 -6.20 3.75 -10.56
C VAL A 157 -5.27 3.10 -11.58
N ASN A 158 -4.60 2.02 -11.22
CA ASN A 158 -3.88 1.26 -12.25
C ASN A 158 -4.48 -0.13 -12.46
N VAL A 159 -5.64 -0.36 -11.86
CA VAL A 159 -6.42 -1.56 -12.13
C VAL A 159 -7.61 -1.20 -13.03
N SER A 160 -8.36 -0.20 -12.61
CA SER A 160 -9.42 0.38 -13.42
C SER A 160 -8.97 1.76 -13.93
N MET A 161 -9.38 2.09 -15.15
CA MET A 161 -9.13 3.41 -15.71
C MET A 161 -10.25 4.35 -15.29
N VAL A 162 -10.05 5.04 -14.18
CA VAL A 162 -11.13 5.74 -13.49
C VAL A 162 -11.62 7.00 -14.19
N ARG A 163 -10.90 7.45 -15.23
CA ARG A 163 -11.34 8.60 -16.00
C ARG A 163 -12.38 8.20 -17.06
N ALA A 164 -12.43 6.91 -17.37
CA ALA A 164 -13.45 6.39 -18.26
C ALA A 164 -14.69 5.97 -17.47
N1 LLP A 165 -18.85 9.45 -9.83
C2 LLP A 165 -18.96 8.31 -10.55
C2' LLP A 165 -18.27 7.04 -10.12
C3 LLP A 165 -19.76 8.28 -11.78
O3 LLP A 165 -19.86 7.15 -12.51
C4 LLP A 165 -20.43 9.53 -12.21
C4' LLP A 165 -21.25 9.56 -13.47
C5 LLP A 165 -20.24 10.71 -11.34
C6 LLP A 165 -19.46 10.59 -10.20
C5' LLP A 165 -20.89 12.02 -11.68
OP4 LLP A 165 -20.36 12.52 -12.89
P LLP A 165 -21.12 13.68 -13.69
OP1 LLP A 165 -20.19 13.95 -14.87
OP2 LLP A 165 -21.22 14.85 -12.75
OP3 LLP A 165 -22.44 13.04 -14.05
N LLP A 165 -15.87 6.37 -17.94
CA LLP A 165 -17.12 5.95 -17.34
CB LLP A 165 -18.18 6.99 -17.63
CG LLP A 165 -19.16 7.20 -16.46
CD LLP A 165 -20.00 8.46 -16.66
CE LLP A 165 -21.22 8.47 -15.75
NZ LLP A 165 -20.84 8.48 -14.34
C LLP A 165 -17.45 4.66 -18.01
O LLP A 165 -18.11 4.68 -19.08
N ALA A 166 -17.02 3.54 -17.43
CA ALA A 166 -17.09 2.25 -18.08
C ALA A 166 -18.03 1.27 -17.37
N SER A 167 -18.73 0.46 -18.14
CA SER A 167 -19.69 -0.53 -17.63
C SER A 167 -19.11 -1.37 -16.51
N GLY A 168 -17.97 -2.00 -16.78
CA GLY A 168 -17.37 -2.92 -15.84
C GLY A 168 -17.07 -2.32 -14.47
N TRP A 169 -16.88 -1.00 -14.41
CA TRP A 169 -16.50 -0.36 -13.16
C TRP A 169 -17.60 -0.40 -12.11
N TYR A 170 -18.84 -0.62 -12.52
CA TYR A 170 -19.94 -0.33 -11.60
C TYR A 170 -20.37 -1.50 -10.74
N VAL A 171 -19.72 -2.65 -10.90
CA VAL A 171 -19.92 -3.74 -9.95
C VAL A 171 -19.57 -3.23 -8.56
N ASN A 172 -18.49 -2.45 -8.51
CA ASN A 172 -18.00 -1.86 -7.27
C ASN A 172 -19.00 -0.87 -6.69
N SER A 173 -19.58 -0.04 -7.55
CA SER A 173 -20.62 0.90 -7.12
C SER A 173 -21.87 0.18 -6.62
N ILE A 174 -22.26 -0.90 -7.30
CA ILE A 174 -23.43 -1.67 -6.90
C ILE A 174 -23.24 -2.30 -5.53
N LEU A 175 -22.09 -2.93 -5.33
CA LEU A 175 -21.76 -3.56 -4.06
C LEU A 175 -21.82 -2.56 -2.91
N ALA A 176 -21.25 -1.38 -3.12
CA ALA A 176 -21.25 -0.33 -2.11
C ALA A 176 -22.65 0.21 -1.86
N ASN A 177 -23.38 0.54 -2.93
CA ASN A 177 -24.71 1.13 -2.80
C ASN A 177 -25.71 0.17 -2.14
N GLN A 178 -25.63 -1.10 -2.50
CA GLN A 178 -26.49 -2.13 -1.91
C GLN A 178 -26.20 -2.32 -0.42
N GLU A 179 -24.91 -2.23 -0.05
CA GLU A 179 -24.52 -2.34 1.36
C GLU A 179 -25.15 -1.21 2.18
N ALA A 180 -25.08 0.00 1.66
CA ALA A 180 -25.69 1.15 2.32
C ALA A 180 -27.23 1.03 2.41
N THR A 181 -27.88 0.72 1.29
CA THR A 181 -29.35 0.76 1.28
C THR A 181 -29.97 -0.40 2.04
N ALA A 182 -29.28 -1.53 2.11
CA ALA A 182 -29.81 -2.69 2.82
C ALA A 182 -29.92 -2.41 4.32
N ASP A 183 -29.11 -1.47 4.79
CA ASP A 183 -29.17 -1.11 6.21
C ASP A 183 -29.84 0.24 6.43
N GLY A 184 -30.57 0.72 5.42
CA GLY A 184 -31.46 1.85 5.58
C GLY A 184 -30.88 3.23 5.30
N TYR A 185 -29.66 3.28 4.75
CA TYR A 185 -29.05 4.56 4.38
C TYR A 185 -29.46 4.90 2.95
N ASP A 186 -29.30 6.17 2.56
CA ASP A 186 -29.73 6.60 1.24
C ASP A 186 -28.69 6.34 0.15
N GLU A 187 -27.42 6.27 0.55
CA GLU A 187 -26.31 6.17 -0.41
C GLU A 187 -25.02 5.78 0.32
N ALA A 188 -24.04 5.29 -0.44
CA ALA A 188 -22.76 4.90 0.12
C ALA A 188 -21.69 5.92 -0.20
N LEU A 189 -20.69 6.01 0.68
CA LEU A 189 -19.51 6.81 0.43
C LEU A 189 -18.32 5.85 0.44
N LEU A 190 -17.48 5.93 -0.60
CA LEU A 190 -16.36 5.00 -0.70
C LEU A 190 -15.04 5.67 -0.37
N LEU A 191 -14.19 4.96 0.36
CA LEU A 191 -12.82 5.36 0.61
C LEU A 191 -11.91 4.71 -0.45
N ASP A 192 -10.81 5.39 -0.79
CA ASP A 192 -9.87 4.82 -1.74
C ASP A 192 -8.99 3.80 -1.02
N VAL A 193 -8.05 3.19 -1.74
CA VAL A 193 -7.21 2.13 -1.18
C VAL A 193 -6.33 2.59 -0.02
N ASP A 194 -6.23 3.90 0.18
CA ASP A 194 -5.43 4.48 1.24
C ASP A 194 -6.29 4.92 2.45
N GLY A 195 -7.60 4.81 2.35
CA GLY A 195 -8.47 5.15 3.46
C GLY A 195 -9.01 6.56 3.42
N TYR A 196 -8.76 7.25 2.31
CA TYR A 196 -9.24 8.62 2.14
C TYR A 196 -10.54 8.63 1.37
N VAL A 197 -11.39 9.62 1.67
CA VAL A 197 -12.68 9.75 0.98
C VAL A 197 -12.43 9.97 -0.52
N SER A 198 -13.11 9.18 -1.34
CA SER A 198 -12.99 9.31 -2.78
C SER A 198 -14.26 9.91 -3.38
N GLU A 199 -15.37 9.17 -3.30
CA GLU A 199 -16.65 9.66 -3.79
C GLU A 199 -17.79 8.70 -3.41
N GLY A 200 -19.00 9.08 -3.79
CA GLY A 200 -20.17 8.23 -3.59
C GLY A 200 -20.15 7.14 -4.64
N SER A 201 -21.11 6.23 -4.59
CA SER A 201 -21.16 5.13 -5.55
C SER A 201 -21.44 5.66 -6.95
N GLY A 202 -22.12 6.79 -7.05
CA GLY A 202 -22.32 7.41 -8.35
C GLY A 202 -22.28 8.92 -8.32
N GLU A 203 -21.51 9.46 -7.38
CA GLU A 203 -21.49 10.91 -7.12
C GLU A 203 -20.12 11.39 -6.67
N ASN A 204 -19.71 12.57 -7.14
CA ASN A 204 -18.54 13.22 -6.56
C ASN A 204 -18.91 13.82 -5.21
N PHE A 205 -17.91 14.07 -4.37
CA PHE A 205 -18.17 14.45 -2.99
C PHE A 205 -17.55 15.80 -2.66
N PHE A 206 -18.27 16.60 -1.88
CA PHE A 206 -17.79 17.90 -1.40
C PHE A 206 -18.08 18.07 0.08
N LEU A 207 -17.21 18.80 0.78
CA LEU A 207 -17.59 19.28 2.11
C LEU A 207 -17.33 20.77 2.21
N VAL A 208 -17.93 21.38 3.23
CA VAL A 208 -17.75 22.78 3.50
C VAL A 208 -17.20 22.93 4.91
N ASN A 209 -16.19 23.78 5.07
CA ASN A 209 -15.61 24.02 6.37
C ASN A 209 -15.07 25.43 6.43
N ARG A 210 -15.51 26.18 7.45
CA ARG A 210 -15.05 27.55 7.65
C ARG A 210 -15.19 28.41 6.40
N GLY A 211 -16.34 28.30 5.74
CA GLY A 211 -16.64 29.15 4.59
C GLY A 211 -15.89 28.79 3.33
N LYS A 212 -15.18 27.67 3.34
CA LYS A 212 -14.45 27.22 2.16
C LYS A 212 -14.97 25.88 1.67
N LEU A 213 -14.89 25.66 0.35
CA LEU A 213 -15.35 24.42 -0.26
C LEU A 213 -14.20 23.44 -0.47
N TYR A 214 -14.34 22.23 0.05
CA TYR A 214 -13.31 21.21 -0.09
C TYR A 214 -13.82 20.02 -0.88
N THR A 215 -12.93 19.39 -1.63
CA THR A 215 -13.30 18.21 -2.41
C THR A 215 -12.03 17.39 -2.62
N PRO A 216 -12.18 16.05 -2.70
CA PRO A 216 -11.01 15.19 -2.95
C PRO A 216 -10.31 15.60 -4.23
N ASP A 217 -8.98 15.54 -4.26
CA ASP A 217 -8.29 15.85 -5.51
C ASP A 217 -8.69 14.83 -6.60
N LEU A 218 -8.48 15.22 -7.85
CA LEU A 218 -8.87 14.39 -8.98
C LEU A 218 -7.90 13.21 -9.10
N ALA A 219 -8.09 12.23 -8.22
CA ALA A 219 -7.16 11.11 -8.12
C ALA A 219 -7.85 9.80 -8.51
N SER A 220 -8.51 9.16 -7.55
CA SER A 220 -9.19 7.89 -7.80
C SER A 220 -10.63 8.09 -8.25
N CYS A 221 -11.12 9.32 -8.22
CA CYS A 221 -12.51 9.57 -8.57
C CYS A 221 -12.70 9.97 -10.04
N LEU A 222 -13.93 9.89 -10.52
CA LEU A 222 -14.27 10.34 -11.86
C LEU A 222 -14.17 11.87 -11.95
N ASP A 223 -13.78 12.35 -13.13
CA ASP A 223 -13.73 13.77 -13.41
C ASP A 223 -15.14 14.28 -13.71
N GLY A 224 -15.95 14.40 -12.67
CA GLY A 224 -17.36 14.74 -12.82
C GLY A 224 -17.60 16.08 -13.48
N ILE A 225 -18.59 16.12 -14.37
CA ILE A 225 -18.94 17.36 -15.05
C ILE A 225 -19.80 18.22 -14.12
N THR A 226 -20.63 17.58 -13.28
CA THR A 226 -21.35 18.32 -12.26
C THR A 226 -20.36 18.88 -11.23
N ARG A 227 -19.38 18.04 -10.85
CA ARG A 227 -18.29 18.45 -9.96
C ARG A 227 -17.58 19.70 -10.50
N ASP A 228 -17.23 19.67 -11.78
CA ASP A 228 -16.59 20.82 -12.43
C ASP A 228 -17.50 22.04 -12.48
N THR A 229 -18.79 21.80 -12.72
CA THR A 229 -19.79 22.85 -12.73
C THR A 229 -19.84 23.59 -11.39
N VAL A 230 -19.95 22.83 -10.30
CA VAL A 230 -20.07 23.40 -8.97
C VAL A 230 -18.82 24.15 -8.54
N ILE A 231 -17.64 23.62 -8.90
CA ILE A 231 -16.39 24.31 -8.58
C ILE A 231 -16.32 25.67 -9.27
N THR A 232 -16.70 25.71 -10.55
CA THR A 232 -16.71 26.96 -11.31
C THR A 232 -17.70 27.96 -10.71
N LEU A 233 -18.87 27.49 -10.32
CA LEU A 233 -19.88 28.35 -9.71
C LEU A 233 -19.40 28.85 -8.34
N ALA A 234 -18.70 28.00 -7.61
CA ALA A 234 -18.20 28.39 -6.30
C ALA A 234 -17.15 29.49 -6.44
N LYS A 235 -16.23 29.32 -7.39
CA LYS A 235 -15.20 30.32 -7.67
C LYS A 235 -15.81 31.63 -8.14
N GLU A 236 -16.86 31.54 -8.94
CA GLU A 236 -17.52 32.74 -9.44
C GLU A 236 -18.30 33.45 -8.34
N ALA A 237 -18.59 32.73 -7.26
CA ALA A 237 -19.28 33.32 -6.11
C ALA A 237 -18.31 33.83 -5.06
N GLY A 238 -17.02 33.75 -5.35
CA GLY A 238 -15.99 34.21 -4.43
C GLY A 238 -15.72 33.21 -3.32
N ILE A 239 -16.17 31.98 -3.50
CA ILE A 239 -15.90 30.95 -2.52
C ILE A 239 -14.62 30.20 -2.87
N GLU A 240 -13.71 30.11 -1.90
CA GLU A 240 -12.45 29.40 -2.12
C GLU A 240 -12.66 27.89 -2.21
N VAL A 241 -12.07 27.28 -3.23
CA VAL A 241 -12.15 25.84 -3.43
C VAL A 241 -10.80 25.17 -3.17
N ILE A 242 -10.78 24.16 -2.32
CA ILE A 242 -9.54 23.45 -2.00
C ILE A 242 -9.66 21.96 -2.31
N GLU A 243 -8.72 21.46 -3.12
CA GLU A 243 -8.65 20.04 -3.42
C GLU A 243 -7.58 19.39 -2.55
N LYS A 244 -7.95 18.38 -1.78
CA LYS A 244 -7.04 17.74 -0.85
C LYS A 244 -7.46 16.30 -0.59
N ARG A 245 -6.63 15.56 0.14
CA ARG A 245 -7.02 14.27 0.66
C ARG A 245 -7.87 14.49 1.91
N ILE A 246 -9.04 13.87 1.93
CA ILE A 246 -10.02 14.07 2.99
C ILE A 246 -10.24 12.77 3.77
N THR A 247 -10.17 12.85 5.09
CA THR A 247 -10.43 11.67 5.91
C THR A 247 -11.91 11.63 6.27
N ARG A 248 -12.39 10.47 6.72
CA ARG A 248 -13.79 10.31 7.08
C ARG A 248 -14.16 11.16 8.31
N ASP A 249 -13.24 11.28 9.27
CA ASP A 249 -13.55 12.06 10.46
C ASP A 249 -13.43 13.56 10.18
N GLU A 250 -12.79 13.90 9.06
CA GLU A 250 -12.80 15.27 8.57
C GLU A 250 -14.20 15.61 8.05
N VAL A 251 -14.91 14.59 7.53
CA VAL A 251 -16.30 14.77 7.13
C VAL A 251 -17.21 14.84 8.36
N TYR A 252 -17.00 13.94 9.33
CA TYR A 252 -17.77 13.95 10.58
C TYR A 252 -17.81 15.33 11.26
N THR A 253 -16.74 16.10 11.08
CA THR A 253 -16.60 17.37 11.79
C THR A 253 -16.76 18.60 10.88
N ALA A 254 -17.16 18.37 9.63
CA ALA A 254 -17.33 19.48 8.68
C ALA A 254 -18.59 20.30 8.97
N ASP A 255 -18.66 21.50 8.40
CA ASP A 255 -19.84 22.34 8.56
C ASP A 255 -20.98 21.82 7.69
N GLU A 256 -20.67 21.48 6.45
CA GLU A 256 -21.66 20.93 5.51
C GLU A 256 -21.00 19.89 4.61
N ALA A 257 -21.82 19.10 3.91
CA ALA A 257 -21.31 18.17 2.90
C ALA A 257 -22.38 17.90 1.84
N PHE A 258 -21.98 17.55 0.63
CA PHE A 258 -22.96 17.20 -0.41
C PHE A 258 -22.38 16.36 -1.54
N PHE A 259 -23.28 15.71 -2.30
CA PHE A 259 -22.93 14.94 -3.48
C PHE A 259 -23.20 15.74 -4.76
N THR A 260 -22.45 15.45 -5.82
CA THR A 260 -22.78 15.99 -7.15
C THR A 260 -22.74 14.90 -8.21
N GLY A 261 -23.53 15.07 -9.26
CA GLY A 261 -23.60 14.10 -10.34
C GLY A 261 -24.72 14.49 -11.28
N THR A 262 -24.74 13.92 -12.47
CA THR A 262 -25.79 14.29 -13.41
C THR A 262 -27.16 13.84 -12.88
N ALA A 263 -27.22 12.61 -12.39
CA ALA A 263 -28.46 12.07 -11.86
C ALA A 263 -28.77 12.66 -10.48
N ALA A 264 -27.74 12.83 -9.66
CA ALA A 264 -27.91 13.30 -8.28
C ALA A 264 -27.96 14.83 -8.17
N GLU A 265 -27.60 15.52 -9.25
CA GLU A 265 -27.55 16.99 -9.28
C GLU A 265 -26.72 17.51 -8.11
N VAL A 266 -27.31 18.30 -7.23
CA VAL A 266 -26.60 18.65 -6.00
C VAL A 266 -27.44 18.24 -4.79
N THR A 267 -27.00 17.17 -4.12
CA THR A 267 -27.73 16.59 -3.00
C THR A 267 -26.97 16.75 -1.68
N PRO A 268 -27.56 17.46 -0.72
CA PRO A 268 -26.92 17.64 0.60
C PRO A 268 -26.79 16.32 1.36
N ILE A 269 -25.75 16.24 2.18
CA ILE A 269 -25.54 15.11 3.07
C ILE A 269 -25.68 15.61 4.50
N ARG A 270 -26.70 15.15 5.21
CA ARG A 270 -26.95 15.63 6.56
C ARG A 270 -26.37 14.73 7.63
N GLU A 271 -25.91 13.56 7.24
CA GLU A 271 -25.42 12.56 8.19
C GLU A 271 -24.49 11.56 7.50
N LEU A 272 -23.36 11.26 8.13
CA LEU A 272 -22.46 10.21 7.67
C LEU A 272 -22.13 9.26 8.81
N ASP A 273 -22.38 7.97 8.60
CA ASP A 273 -22.13 6.95 9.61
C ASP A 273 -22.79 7.32 10.94
N ASN A 274 -24.02 7.83 10.84
CA ASN A 274 -24.82 8.24 11.99
C ASN A 274 -24.21 9.37 12.79
N ARG A 275 -23.26 10.08 12.19
CA ARG A 275 -22.79 11.34 12.76
C ARG A 275 -23.40 12.49 11.99
N THR A 276 -24.16 13.31 12.71
CA THR A 276 -24.81 14.48 12.14
C THR A 276 -23.79 15.47 11.57
N ILE A 277 -24.02 15.91 10.34
CA ILE A 277 -23.13 16.88 9.72
C ILE A 277 -23.57 18.29 10.06
N GLY A 278 -22.76 19.00 10.82
CA GLY A 278 -23.10 20.35 11.24
C GLY A 278 -24.41 20.40 12.01
N GLY A 279 -25.34 21.21 11.52
CA GLY A 279 -26.63 21.37 12.17
C GLY A 279 -27.65 20.30 11.80
N GLY A 280 -27.30 19.44 10.85
CA GLY A 280 -28.16 18.33 10.48
C GLY A 280 -29.16 18.61 9.39
N ALA A 281 -29.10 19.82 8.81
CA ALA A 281 -29.97 20.18 7.70
C ALA A 281 -29.12 20.57 6.51
N ARG A 282 -29.74 21.23 5.52
CA ARG A 282 -28.99 21.73 4.38
C ARG A 282 -28.29 23.04 4.73
N GLY A 283 -26.96 23.04 4.64
CA GLY A 283 -26.16 24.19 5.03
C GLY A 283 -26.23 25.35 4.03
N PRO A 284 -25.84 26.55 4.48
CA PRO A 284 -26.01 27.77 3.67
C PRO A 284 -25.17 27.78 2.40
N ILE A 285 -23.95 27.27 2.44
CA ILE A 285 -23.11 27.28 1.25
C ILE A 285 -23.59 26.22 0.24
N THR A 286 -24.01 25.06 0.74
CA THR A 286 -24.62 24.04 -0.10
C THR A 286 -25.86 24.59 -0.82
N GLU A 287 -26.73 25.23 -0.06
CA GLU A 287 -27.96 25.79 -0.60
C GLU A 287 -27.66 26.85 -1.65
N LYS A 288 -26.63 27.66 -1.38
CA LYS A 288 -26.16 28.67 -2.31
C LYS A 288 -25.67 28.06 -3.63
N LEU A 289 -24.84 27.03 -3.53
CA LEU A 289 -24.29 26.38 -4.72
C LEU A 289 -25.35 25.57 -5.46
N GLN A 290 -26.25 24.95 -4.69
CA GLN A 290 -27.35 24.19 -5.26
C GLN A 290 -28.29 25.09 -6.08
N SER A 291 -28.61 26.25 -5.55
CA SER A 291 -29.49 27.20 -6.22
C SER A 291 -28.83 27.77 -7.47
N ALA A 292 -27.54 28.06 -7.36
CA ALA A 292 -26.77 28.56 -8.51
C ALA A 292 -26.74 27.51 -9.60
N PHE A 293 -26.55 26.24 -9.21
CA PHE A 293 -26.59 25.14 -10.16
C PHE A 293 -27.94 25.05 -10.89
N PHE A 294 -29.02 25.05 -10.12
CA PHE A 294 -30.35 24.91 -10.72
C PHE A 294 -30.70 26.12 -11.57
N ASP A 295 -30.19 27.29 -11.20
CA ASP A 295 -30.37 28.49 -12.03
C ASP A 295 -29.67 28.34 -13.38
N VAL A 296 -28.57 27.60 -13.42
CA VAL A 296 -27.85 27.40 -14.67
C VAL A 296 -28.58 26.41 -15.58
N VAL A 297 -28.98 25.25 -15.03
CA VAL A 297 -29.62 24.23 -15.85
C VAL A 297 -31.03 24.66 -16.29
N ASN A 298 -31.67 25.53 -15.51
CA ASN A 298 -33.00 26.02 -15.87
C ASN A 298 -32.93 27.22 -16.81
N GLY A 299 -31.70 27.56 -17.21
CA GLY A 299 -31.47 28.63 -18.17
C GLY A 299 -31.76 30.03 -17.65
N LYS A 300 -31.47 30.27 -16.37
CA LYS A 300 -31.78 31.55 -15.76
C LYS A 300 -30.53 32.37 -15.43
N SER A 301 -29.37 31.93 -15.93
CA SER A 301 -28.13 32.65 -15.67
C SER A 301 -27.56 33.28 -16.94
N ALA A 302 -26.98 34.45 -16.81
CA ALA A 302 -26.43 35.18 -17.94
C ALA A 302 -24.99 34.75 -18.25
N LYS A 303 -24.36 34.07 -17.31
CA LYS A 303 -22.95 33.74 -17.45
C LYS A 303 -22.70 32.41 -18.17
N HIS A 304 -23.67 31.50 -18.13
CA HIS A 304 -23.42 30.15 -18.64
C HIS A 304 -24.47 29.62 -19.63
N ALA A 305 -24.91 30.49 -20.54
CA ALA A 305 -25.87 30.08 -21.56
C ALA A 305 -25.32 28.98 -22.46
N ASP A 306 -24.02 29.00 -22.71
CA ASP A 306 -23.43 28.06 -23.66
C ASP A 306 -23.25 26.66 -23.07
N TRP A 307 -23.63 26.48 -21.80
CA TRP A 307 -23.67 25.15 -21.20
C TRP A 307 -24.95 24.43 -21.58
N LEU A 308 -25.85 25.15 -22.25
CA LEU A 308 -27.16 24.63 -22.60
C LEU A 308 -27.38 24.54 -24.11
N THR A 309 -27.75 23.36 -24.59
CA THR A 309 -28.06 23.18 -26.00
C THR A 309 -29.56 22.98 -26.20
N LYS A 310 -30.21 23.99 -26.77
CA LYS A 310 -31.64 23.91 -27.08
C LYS A 310 -31.91 22.74 -28.03
N ILE A 311 -32.99 22.02 -27.76
CA ILE A 311 -33.35 20.88 -28.61
C ILE A 311 -33.74 21.33 -30.01
N SER B 6 -19.79 -15.06 -36.90
CA SER B 6 -20.63 -14.38 -35.92
C SER B 6 -21.20 -15.36 -34.90
N MET B 7 -21.12 -15.00 -33.62
CA MET B 7 -21.65 -15.83 -32.56
C MET B 7 -23.17 -15.74 -32.51
N ALA B 8 -23.71 -14.60 -32.95
CA ALA B 8 -25.13 -14.33 -32.87
C ALA B 8 -25.92 -15.00 -34.00
N ASP B 9 -25.34 -15.03 -35.19
CA ASP B 9 -26.02 -15.55 -36.38
C ASP B 9 -25.64 -16.99 -36.65
N ARG B 10 -26.23 -17.92 -35.90
CA ARG B 10 -25.94 -19.34 -36.03
C ARG B 10 -27.20 -20.17 -35.84
N ASP B 11 -27.28 -21.30 -36.55
CA ASP B 11 -28.31 -22.28 -36.27
C ASP B 11 -27.93 -23.00 -34.98
N GLY B 12 -28.94 -23.39 -34.20
CA GLY B 12 -28.70 -24.14 -33.00
C GLY B 12 -29.65 -23.80 -31.88
N LYS B 13 -29.32 -24.27 -30.69
CA LYS B 13 -30.18 -24.10 -29.53
C LYS B 13 -29.40 -23.48 -28.37
N ILE B 14 -30.05 -22.53 -27.71
CA ILE B 14 -29.52 -21.91 -26.50
C ILE B 14 -30.54 -22.10 -25.37
N TRP B 15 -30.06 -22.49 -24.19
CA TRP B 15 -30.94 -22.62 -23.03
C TRP B 15 -31.05 -21.24 -22.40
N MET B 16 -32.29 -20.76 -22.23
CA MET B 16 -32.49 -19.44 -21.65
C MET B 16 -33.71 -19.37 -20.73
N ASP B 17 -33.44 -19.04 -19.47
CA ASP B 17 -34.48 -18.84 -18.47
C ASP B 17 -35.43 -20.03 -18.37
N GLY B 18 -34.90 -21.24 -18.46
CA GLY B 18 -35.71 -22.43 -18.22
C GLY B 18 -36.08 -23.27 -19.44
N LYS B 19 -35.84 -22.75 -20.63
CA LYS B 19 -36.22 -23.46 -21.85
C LYS B 19 -35.16 -23.37 -22.94
N LEU B 20 -35.11 -24.40 -23.79
CA LEU B 20 -34.28 -24.38 -24.99
C LEU B 20 -34.96 -23.53 -26.05
N ILE B 21 -34.28 -22.51 -26.54
CA ILE B 21 -34.82 -21.69 -27.61
C ILE B 21 -33.85 -21.64 -28.79
N GLU B 22 -34.35 -21.19 -29.94
CA GLU B 22 -33.48 -21.05 -31.11
C GLU B 22 -32.37 -20.06 -30.81
N TRP B 23 -31.17 -20.40 -31.27
CA TRP B 23 -29.96 -19.62 -31.01
C TRP B 23 -30.19 -18.12 -31.27
N ARG B 24 -30.71 -17.81 -32.45
CA ARG B 24 -30.90 -16.42 -32.86
C ARG B 24 -31.95 -15.67 -32.03
N ASP B 25 -32.82 -16.41 -31.35
CA ASP B 25 -33.87 -15.77 -30.56
C ASP B 25 -33.38 -15.38 -29.16
N ALA B 26 -32.17 -15.78 -28.82
CA ALA B 26 -31.60 -15.47 -27.52
C ALA B 26 -31.11 -14.02 -27.48
N LYS B 27 -32.05 -13.10 -27.31
CA LYS B 27 -31.76 -11.67 -27.38
C LYS B 27 -32.28 -10.91 -26.16
N ILE B 28 -31.67 -9.76 -25.89
CA ILE B 28 -32.08 -8.89 -24.80
C ILE B 28 -32.06 -7.44 -25.26
N HIS B 29 -32.71 -6.56 -24.50
CA HIS B 29 -32.74 -5.15 -24.85
C HIS B 29 -31.43 -4.45 -24.45
N VAL B 30 -31.09 -3.36 -25.13
CA VAL B 30 -29.83 -2.68 -24.86
C VAL B 30 -29.83 -2.01 -23.50
N LEU B 31 -31.01 -1.75 -22.94
CA LEU B 31 -31.08 -1.18 -21.60
C LEU B 31 -31.11 -2.29 -20.57
N THR B 32 -30.21 -3.25 -20.74
CA THR B 32 -30.02 -4.33 -19.79
C THR B 32 -28.97 -3.92 -18.77
N HIS B 33 -29.30 -4.10 -17.49
CA HIS B 33 -28.51 -3.61 -16.37
C HIS B 33 -27.04 -4.04 -16.46
N THR B 34 -26.81 -5.32 -16.73
CA THR B 34 -25.45 -5.85 -16.80
C THR B 34 -24.63 -5.22 -17.94
N LEU B 35 -25.29 -4.88 -19.05
CA LEU B 35 -24.58 -4.23 -20.15
C LEU B 35 -24.04 -2.87 -19.73
N HIS B 36 -24.75 -2.20 -18.83
CA HIS B 36 -24.38 -0.85 -18.38
C HIS B 36 -23.52 -0.82 -17.13
N TYR B 37 -23.67 -1.82 -16.26
CA TYR B 37 -23.03 -1.71 -14.94
C TYR B 37 -22.17 -2.90 -14.56
N GLY B 38 -22.11 -3.88 -15.46
CA GLY B 38 -21.13 -4.95 -15.37
C GLY B 38 -21.33 -6.07 -14.36
N MET B 39 -22.40 -6.02 -13.57
CA MET B 39 -22.60 -7.10 -12.59
C MET B 39 -23.34 -8.25 -13.25
N GLY B 40 -22.55 -9.25 -13.65
CA GLY B 40 -23.05 -10.48 -14.24
C GLY B 40 -21.98 -11.50 -13.92
N VAL B 41 -22.31 -12.79 -13.98
CA VAL B 41 -21.32 -13.82 -13.74
C VAL B 41 -21.42 -14.88 -14.82
N PHE B 42 -20.30 -15.54 -15.10
CA PHE B 42 -20.27 -16.55 -16.15
C PHE B 42 -19.30 -17.68 -15.83
N GLU B 43 -19.40 -18.77 -16.59
CA GLU B 43 -18.44 -19.84 -16.48
C GLU B 43 -17.85 -20.18 -17.83
N GLY B 44 -16.76 -20.93 -17.82
CA GLY B 44 -16.17 -21.48 -19.02
C GLY B 44 -15.98 -22.95 -18.75
N VAL B 45 -16.62 -23.80 -19.54
CA VAL B 45 -16.58 -25.24 -19.30
C VAL B 45 -16.28 -25.99 -20.59
N ARG B 46 -15.41 -26.99 -20.50
CA ARG B 46 -15.08 -27.85 -21.63
C ARG B 46 -15.80 -29.18 -21.60
N ALA B 47 -16.17 -29.66 -22.79
CA ALA B 47 -16.55 -31.05 -22.99
C ALA B 47 -15.52 -31.70 -23.91
N TYR B 48 -15.14 -32.92 -23.59
CA TYR B 48 -14.14 -33.63 -24.39
C TYR B 48 -14.73 -34.93 -24.97
N LYS B 49 -14.40 -35.21 -26.22
CA LYS B 49 -14.59 -36.55 -26.76
C LYS B 49 -13.66 -37.48 -25.99
N THR B 50 -14.22 -38.50 -25.36
CA THR B 50 -13.41 -39.39 -24.54
C THR B 50 -12.96 -40.61 -25.34
N ALA B 51 -12.02 -41.36 -24.78
CA ALA B 51 -11.39 -42.48 -25.48
C ALA B 51 -12.38 -43.56 -25.89
N ASP B 52 -13.55 -43.58 -25.26
CA ASP B 52 -14.54 -44.61 -25.56
C ASP B 52 -15.56 -44.15 -26.61
N GLY B 53 -15.40 -42.92 -27.08
CA GLY B 53 -16.23 -42.42 -28.16
C GLY B 53 -17.34 -41.48 -27.71
N GLY B 54 -17.55 -41.41 -26.41
CA GLY B 54 -18.57 -40.53 -25.87
C GLY B 54 -18.06 -39.11 -25.70
N THR B 55 -18.94 -38.24 -25.22
CA THR B 55 -18.58 -36.87 -24.89
C THR B 55 -18.84 -36.64 -23.41
N ALA B 56 -17.91 -36.00 -22.72
CA ALA B 56 -18.08 -35.73 -21.30
C ALA B 56 -17.65 -34.32 -20.93
N ILE B 57 -18.47 -33.65 -20.14
CA ILE B 57 -18.14 -32.33 -19.61
C ILE B 57 -17.18 -32.51 -18.46
N PHE B 58 -16.14 -31.69 -18.43
CA PHE B 58 -15.10 -31.83 -17.41
C PHE B 58 -15.37 -30.97 -16.17
N ARG B 59 -15.48 -31.65 -15.04
CA ARG B 59 -15.76 -31.03 -13.74
C ARG B 59 -16.95 -30.09 -13.81
N LEU B 60 -18.04 -30.61 -14.39
CA LEU B 60 -19.31 -29.90 -14.49
C LEU B 60 -19.83 -29.42 -13.15
N LYS B 61 -19.76 -30.28 -12.14
CA LYS B 61 -20.27 -29.94 -10.83
C LYS B 61 -19.52 -28.77 -10.19
N GLU B 62 -18.19 -28.81 -10.27
CA GLU B 62 -17.40 -27.74 -9.67
CA GLU B 62 -17.37 -27.76 -9.70
C GLU B 62 -17.62 -26.41 -10.39
N HIS B 63 -17.75 -26.43 -11.71
CA HIS B 63 -18.00 -25.20 -12.48
C HIS B 63 -19.37 -24.59 -12.17
N THR B 64 -20.36 -25.45 -11.98
CA THR B 64 -21.71 -24.99 -11.74
C THR B 64 -21.85 -24.48 -10.32
N LYS B 65 -21.14 -25.14 -9.40
CA LYS B 65 -21.05 -24.67 -8.02
C LYS B 65 -20.41 -23.27 -7.96
N ARG B 66 -19.36 -23.06 -8.73
CA ARG B 66 -18.69 -21.76 -8.73
C ARG B 66 -19.58 -20.69 -9.38
N LEU B 67 -20.31 -21.06 -10.43
CA LEU B 67 -21.25 -20.15 -11.07
C LEU B 67 -22.28 -19.60 -10.05
N LEU B 68 -22.86 -20.50 -9.28
CA LEU B 68 -23.85 -20.11 -8.27
C LEU B 68 -23.20 -19.38 -7.10
N ASN B 69 -21.97 -19.76 -6.76
CA ASN B 69 -21.23 -19.05 -5.72
C ASN B 69 -20.90 -17.63 -6.16
N SER B 70 -20.66 -17.44 -7.46
CA SER B 70 -20.37 -16.12 -7.99
C SER B 70 -21.59 -15.21 -7.85
N ALA B 71 -22.76 -15.74 -8.21
CA ALA B 71 -24.00 -14.99 -8.04
C ALA B 71 -24.26 -14.70 -6.57
N LYS B 72 -23.96 -15.68 -5.72
CA LYS B 72 -24.18 -15.55 -4.28
C LYS B 72 -23.32 -14.42 -3.69
N ILE B 73 -22.12 -14.26 -4.22
CA ILE B 73 -21.24 -13.18 -3.78
C ILE B 73 -21.88 -11.83 -4.07
N PHE B 74 -22.53 -11.73 -5.23
CA PHE B 74 -23.22 -10.49 -5.64
C PHE B 74 -24.65 -10.38 -5.12
N GLN B 75 -25.08 -11.37 -4.34
CA GLN B 75 -26.47 -11.47 -3.86
C GLN B 75 -27.46 -11.49 -5.01
N MET B 76 -27.10 -12.20 -6.08
CA MET B 76 -27.99 -12.42 -7.21
C MET B 76 -28.78 -13.71 -7.00
N ASP B 77 -30.09 -13.56 -6.78
CA ASP B 77 -30.97 -14.71 -6.59
C ASP B 77 -31.19 -15.42 -7.91
N VAL B 78 -30.60 -16.60 -8.08
CA VAL B 78 -30.72 -17.35 -9.31
C VAL B 78 -31.92 -18.29 -9.24
N PRO B 79 -32.88 -18.14 -10.16
CA PRO B 79 -34.14 -18.88 -10.14
C PRO B 79 -34.03 -20.35 -10.54
N PHE B 80 -32.83 -20.93 -10.44
CA PHE B 80 -32.63 -22.34 -10.77
C PHE B 80 -31.58 -22.92 -9.84
N ASP B 81 -31.77 -24.17 -9.41
CA ASP B 81 -30.76 -24.80 -8.57
C ASP B 81 -29.66 -25.45 -9.42
N GLN B 82 -28.61 -25.91 -8.75
CA GLN B 82 -27.46 -26.49 -9.41
C GLN B 82 -27.82 -27.71 -10.27
N GLU B 83 -28.70 -28.57 -9.74
CA GLU B 83 -29.12 -29.77 -10.45
C GLU B 83 -29.74 -29.41 -11.80
N THR B 84 -30.61 -28.40 -11.78
CA THR B 84 -31.27 -27.93 -13.00
C THR B 84 -30.27 -27.41 -14.02
N LEU B 85 -29.31 -26.60 -13.56
CA LEU B 85 -28.32 -25.98 -14.43
C LEU B 85 -27.33 -26.99 -15.00
N GLU B 86 -26.98 -28.00 -14.22
CA GLU B 86 -26.10 -29.07 -14.71
C GLU B 86 -26.78 -29.82 -15.85
N ALA B 87 -28.04 -30.21 -15.66
CA ALA B 87 -28.79 -30.91 -16.70
C ALA B 87 -28.95 -30.04 -17.94
N ALA B 88 -29.21 -28.75 -17.72
CA ALA B 88 -29.39 -27.80 -18.81
C ALA B 88 -28.12 -27.71 -19.66
N GLN B 89 -26.96 -27.73 -19.00
CA GLN B 89 -25.69 -27.69 -19.71
C GLN B 89 -25.49 -28.94 -20.56
N ARG B 90 -25.85 -30.10 -20.01
CA ARG B 90 -25.83 -31.34 -20.77
C ARG B 90 -26.79 -31.23 -21.95
N ASP B 91 -27.95 -30.63 -21.71
CA ASP B 91 -28.97 -30.47 -22.75
C ASP B 91 -28.44 -29.68 -23.94
N VAL B 92 -27.76 -28.58 -23.65
CA VAL B 92 -27.25 -27.69 -24.68
C VAL B 92 -26.25 -28.41 -25.58
N VAL B 93 -25.34 -29.16 -24.96
CA VAL B 93 -24.38 -29.95 -25.72
C VAL B 93 -25.06 -31.02 -26.58
N ARG B 94 -26.01 -31.73 -25.99
CA ARG B 94 -26.72 -32.82 -26.66
C ARG B 94 -27.54 -32.33 -27.85
N GLU B 95 -28.32 -31.28 -27.63
CA GLU B 95 -29.26 -30.81 -28.65
C GLU B 95 -28.56 -30.04 -29.76
N ASN B 96 -27.35 -29.58 -29.51
CA ASN B 96 -26.57 -28.96 -30.57
C ASN B 96 -25.70 -29.97 -31.31
N LYS B 97 -25.86 -31.25 -30.98
CA LYS B 97 -25.09 -32.35 -31.56
C LYS B 97 -23.59 -32.08 -31.48
N LEU B 98 -23.15 -31.60 -30.31
CA LEU B 98 -21.76 -31.24 -30.13
C LEU B 98 -20.98 -32.36 -29.45
N GLU B 99 -19.69 -32.43 -29.76
CA GLU B 99 -18.79 -33.36 -29.11
C GLU B 99 -17.74 -32.58 -28.33
N SER B 100 -16.55 -32.41 -28.89
CA SER B 100 -15.56 -31.51 -28.27
C SER B 100 -16.06 -30.08 -28.37
N CYS B 101 -16.34 -29.46 -27.23
CA CYS B 101 -16.94 -28.12 -27.24
C CYS B 101 -16.71 -27.32 -25.96
N TYR B 102 -17.10 -26.05 -26.03
CA TYR B 102 -16.96 -25.12 -24.93
C TYR B 102 -18.35 -24.64 -24.54
N LEU B 103 -18.65 -24.66 -23.24
CA LEU B 103 -19.93 -24.18 -22.70
C LEU B 103 -19.76 -22.83 -22.05
N ARG B 104 -20.69 -21.92 -22.33
CA ARG B 104 -20.68 -20.62 -21.67
C ARG B 104 -22.04 -20.36 -21.00
N PRO B 105 -22.15 -20.71 -19.71
CA PRO B 105 -23.29 -20.25 -18.92
C PRO B 105 -23.08 -18.79 -18.55
N ILE B 106 -24.12 -17.98 -18.62
CA ILE B 106 -24.01 -16.61 -18.13
C ILE B 106 -25.27 -16.22 -17.37
N ILE B 107 -25.07 -15.55 -16.25
CA ILE B 107 -26.15 -15.08 -15.42
C ILE B 107 -26.05 -13.56 -15.33
N TRP B 108 -27.14 -12.87 -15.64
CA TRP B 108 -27.08 -11.41 -15.66
C TRP B 108 -28.35 -10.75 -15.13
N ILE B 109 -28.29 -9.43 -15.04
CA ILE B 109 -29.34 -8.63 -14.42
C ILE B 109 -30.08 -7.87 -15.51
N GLY B 110 -31.41 -7.98 -15.50
CA GLY B 110 -32.23 -7.62 -16.65
C GLY B 110 -32.53 -6.16 -16.85
N SER B 111 -33.58 -5.90 -17.63
CA SER B 111 -33.86 -4.58 -18.16
C SER B 111 -35.11 -3.93 -17.57
N GLU B 112 -35.42 -4.23 -16.31
CA GLU B 112 -36.57 -3.62 -15.65
C GLU B 112 -36.25 -2.19 -15.19
N LYS B 113 -35.09 -2.01 -14.58
CA LYS B 113 -34.69 -0.70 -14.09
C LYS B 113 -33.21 -0.47 -14.35
N LEU B 114 -32.82 0.79 -14.55
CA LEU B 114 -31.44 1.08 -14.93
C LEU B 114 -30.74 2.05 -13.98
N GLY B 115 -31.18 2.11 -12.73
CA GLY B 115 -30.40 2.80 -11.71
C GLY B 115 -29.24 1.91 -11.28
N VAL B 116 -28.30 2.45 -10.54
CA VAL B 116 -27.20 1.64 -10.01
C VAL B 116 -27.73 0.44 -9.24
N SER B 117 -28.72 0.68 -8.40
CA SER B 117 -29.38 -0.41 -7.66
C SER B 117 -29.88 -1.53 -8.59
N ALA B 118 -29.54 -2.76 -8.26
CA ALA B 118 -29.97 -3.92 -9.05
C ALA B 118 -31.36 -4.41 -8.61
N LYS B 119 -31.86 -3.82 -7.53
CA LYS B 119 -33.13 -4.22 -6.93
C LYS B 119 -34.30 -4.14 -7.90
N GLY B 120 -35.01 -5.26 -8.06
CA GLY B 120 -36.20 -5.29 -8.88
C GLY B 120 -36.03 -5.83 -10.30
N ASN B 121 -34.79 -6.08 -10.70
CA ASN B 121 -34.50 -6.61 -12.03
C ASN B 121 -34.57 -8.14 -12.04
N THR B 122 -35.01 -8.70 -13.16
CA THR B 122 -34.98 -10.14 -13.33
C THR B 122 -33.54 -10.65 -13.39
N ILE B 123 -33.29 -11.75 -12.70
CA ILE B 123 -32.02 -12.46 -12.84
C ILE B 123 -32.15 -13.49 -13.96
N HIS B 124 -31.53 -13.20 -15.09
CA HIS B 124 -31.58 -14.10 -16.25
C HIS B 124 -30.45 -15.12 -16.25
N VAL B 125 -30.69 -16.27 -16.88
CA VAL B 125 -29.67 -17.29 -17.09
C VAL B 125 -29.71 -17.79 -18.54
N ALA B 126 -28.56 -17.82 -19.20
CA ALA B 126 -28.46 -18.41 -20.52
C ALA B 126 -27.27 -19.36 -20.62
N ILE B 127 -27.40 -20.39 -21.45
CA ILE B 127 -26.32 -21.33 -21.68
C ILE B 127 -26.18 -21.62 -23.16
N ALA B 128 -25.03 -21.25 -23.71
CA ALA B 128 -24.73 -21.52 -25.12
C ALA B 128 -23.49 -22.40 -25.21
N ALA B 129 -23.30 -23.07 -26.34
CA ALA B 129 -22.12 -23.89 -26.55
C ALA B 129 -21.71 -23.90 -28.01
N TRP B 130 -20.43 -24.10 -28.27
CA TRP B 130 -19.91 -24.14 -29.64
C TRP B 130 -18.69 -25.03 -29.75
N PRO B 131 -18.42 -25.57 -30.96
CA PRO B 131 -17.28 -26.46 -31.16
C PRO B 131 -15.95 -25.85 -30.77
N TRP B 132 -15.08 -26.66 -30.20
CA TRP B 132 -13.72 -26.25 -29.91
C TRP B 132 -12.87 -26.39 -31.16
N GLY B 133 -11.75 -25.69 -31.22
CA GLY B 133 -10.80 -25.85 -32.31
C GLY B 133 -10.14 -27.22 -32.25
N ALA B 134 -9.12 -27.41 -33.06
CA ALA B 134 -8.42 -28.70 -33.10
C ALA B 134 -7.82 -29.04 -31.74
N TYR B 135 -7.89 -30.31 -31.36
CA TYR B 135 -7.28 -30.81 -30.14
C TYR B 135 -5.75 -30.70 -30.21
N LEU B 136 -5.16 -30.05 -29.21
CA LEU B 136 -3.72 -29.83 -29.19
C LEU B 136 -2.98 -30.97 -28.47
N GLY B 137 -3.34 -31.19 -27.21
CA GLY B 137 -2.71 -32.25 -26.43
C GLY B 137 -1.25 -32.00 -26.16
N GLU B 138 -0.54 -33.05 -25.76
CA GLU B 138 0.90 -32.97 -25.48
C GLU B 138 1.68 -32.48 -26.69
N GLU B 139 1.34 -33.01 -27.86
CA GLU B 139 2.05 -32.69 -29.10
C GLU B 139 1.83 -31.24 -29.53
N GLY B 140 0.60 -30.74 -29.36
CA GLY B 140 0.25 -29.42 -29.84
C GLY B 140 0.59 -28.31 -28.87
N LEU B 141 0.90 -28.68 -27.63
CA LEU B 141 1.26 -27.71 -26.61
C LEU B 141 2.65 -27.99 -26.08
N ALA B 142 3.57 -28.33 -26.98
CA ALA B 142 4.93 -28.66 -26.62
C ALA B 142 5.85 -27.44 -26.63
N LYS B 143 5.55 -26.49 -27.50
CA LYS B 143 6.33 -25.25 -27.55
C LYS B 143 5.70 -24.20 -26.65
N GLY B 144 6.48 -23.66 -25.73
CA GLY B 144 5.98 -22.66 -24.82
C GLY B 144 5.55 -21.40 -25.54
N ILE B 145 4.83 -20.54 -24.83
CA ILE B 145 4.44 -19.25 -25.39
C ILE B 145 5.31 -18.14 -24.83
N ARG B 146 5.22 -16.98 -25.46
CA ARG B 146 5.96 -15.81 -25.01
C ARG B 146 5.01 -14.88 -24.25
N VAL B 147 5.38 -14.54 -23.02
CA VAL B 147 4.51 -13.76 -22.15
C VAL B 147 5.16 -12.43 -21.80
N LYS B 148 4.32 -11.42 -21.61
CA LYS B 148 4.76 -10.09 -21.22
C LYS B 148 4.11 -9.71 -19.91
N THR B 149 4.90 -9.22 -18.96
CA THR B 149 4.34 -8.69 -17.73
C THR B 149 3.58 -7.41 -18.06
N SER B 150 2.31 -7.36 -17.69
CA SER B 150 1.49 -6.19 -17.99
C SER B 150 1.87 -4.99 -17.13
N SER B 151 1.68 -3.80 -17.68
CA SER B 151 1.81 -2.57 -16.89
C SER B 151 0.49 -2.24 -16.17
N PHE B 152 -0.58 -2.97 -16.49
CA PHE B 152 -1.82 -2.87 -15.72
C PHE B 152 -1.77 -3.82 -14.52
N THR B 153 -2.26 -3.33 -13.38
CA THR B 153 -2.24 -4.10 -12.14
C THR B 153 -3.51 -4.95 -11.99
N ARG B 154 -3.32 -6.14 -11.42
CA ARG B 154 -4.41 -7.08 -11.16
C ARG B 154 -5.35 -6.55 -10.06
N HIS B 155 -6.64 -6.87 -10.18
CA HIS B 155 -7.68 -6.50 -9.21
C HIS B 155 -7.26 -6.51 -7.75
N HIS B 156 -7.69 -5.47 -7.03
CA HIS B 156 -7.57 -5.39 -5.57
C HIS B 156 -8.71 -6.18 -4.91
N VAL B 157 -8.39 -6.95 -3.88
CA VAL B 157 -9.36 -7.91 -3.34
C VAL B 157 -10.48 -7.31 -2.49
N ASN B 158 -10.45 -6.01 -2.24
CA ASN B 158 -11.62 -5.39 -1.60
C ASN B 158 -12.24 -4.30 -2.47
N VAL B 159 -11.82 -4.27 -3.73
CA VAL B 159 -12.46 -3.47 -4.77
C VAL B 159 -13.27 -4.38 -5.67
N SER B 160 -12.61 -5.43 -6.17
CA SER B 160 -13.26 -6.50 -6.90
C SER B 160 -13.37 -7.74 -6.02
N MET B 161 -14.47 -8.47 -6.13
CA MET B 161 -14.59 -9.77 -5.50
C MET B 161 -13.97 -10.80 -6.43
N VAL B 162 -12.70 -11.12 -6.23
CA VAL B 162 -11.93 -11.88 -7.21
C VAL B 162 -12.27 -13.37 -7.26
N ARG B 163 -13.05 -13.86 -6.29
CA ARG B 163 -13.45 -15.27 -6.32
C ARG B 163 -14.68 -15.44 -7.22
N ALA B 164 -15.32 -14.33 -7.57
CA ALA B 164 -16.44 -14.35 -8.51
C ALA B 164 -15.93 -14.21 -9.94
N1 LLP B 165 -8.08 -16.64 -13.87
C2 LLP B 165 -9.11 -15.80 -14.16
C2' LLP B 165 -9.06 -14.34 -13.81
C3 LLP B 165 -10.31 -16.33 -14.82
O3 LLP B 165 -11.34 -15.51 -15.12
C4 LLP B 165 -10.36 -17.77 -15.16
C4' LLP B 165 -11.56 -18.36 -15.84
C5 LLP B 165 -9.18 -18.57 -14.78
C6 LLP B 165 -8.10 -17.95 -14.15
C5' LLP B 165 -9.15 -20.04 -15.10
OP4 LLP B 165 -10.06 -20.71 -14.26
P LLP B 165 -10.53 -22.20 -14.61
OP1 LLP B 165 -11.08 -22.12 -16.01
OP2 LLP B 165 -9.27 -23.01 -14.48
OP3 LLP B 165 -11.59 -22.50 -13.56
N LLP B 165 -16.40 -15.08 -10.83
CA LLP B 165 -16.05 -14.97 -12.24
CB LLP B 165 -16.06 -16.34 -12.91
CG LLP B 165 -15.08 -16.41 -14.08
CD LLP B 165 -14.94 -17.86 -14.56
CE LLP B 165 -14.05 -17.97 -15.80
NZ LLP B 165 -12.70 -17.51 -15.54
C LLP B 165 -17.06 -14.02 -12.84
O LLP B 165 -18.12 -14.48 -13.34
N ALA B 166 -16.75 -12.73 -12.78
CA ALA B 166 -17.74 -11.70 -13.09
C ALA B 166 -17.45 -10.95 -14.38
N SER B 167 -18.52 -10.54 -15.06
CA SER B 167 -18.42 -9.80 -16.32
C SER B 167 -17.53 -8.58 -16.21
N GLY B 168 -17.81 -7.74 -15.21
CA GLY B 168 -17.09 -6.50 -15.02
C GLY B 168 -15.58 -6.62 -14.81
N TRP B 169 -15.11 -7.76 -14.32
CA TRP B 169 -13.69 -7.91 -14.01
C TRP B 169 -12.80 -7.92 -15.25
N TYR B 170 -13.38 -8.15 -16.43
CA TYR B 170 -12.54 -8.52 -17.56
C TYR B 170 -12.14 -7.34 -18.41
N VAL B 171 -12.58 -6.15 -18.01
CA VAL B 171 -12.04 -4.94 -18.61
C VAL B 171 -10.54 -4.89 -18.33
N ASN B 172 -10.17 -5.24 -17.09
CA ASN B 172 -8.77 -5.30 -16.70
C ASN B 172 -8.01 -6.33 -17.53
N SER B 173 -8.61 -7.53 -17.70
CA SER B 173 -8.01 -8.59 -18.51
C SER B 173 -7.81 -8.19 -19.97
N ILE B 174 -8.82 -7.54 -20.55
CA ILE B 174 -8.74 -7.13 -21.94
C ILE B 174 -7.61 -6.12 -22.14
N LEU B 175 -7.54 -5.15 -21.23
CA LEU B 175 -6.48 -4.13 -21.28
C LEU B 175 -5.10 -4.77 -21.21
N ALA B 176 -4.93 -5.71 -20.28
CA ALA B 176 -3.67 -6.42 -20.13
C ALA B 176 -3.36 -7.28 -21.36
N ASN B 177 -4.35 -8.05 -21.82
CA ASN B 177 -4.14 -8.92 -22.97
C ASN B 177 -3.81 -8.15 -24.25
N GLN B 178 -4.51 -7.04 -24.47
CA GLN B 178 -4.27 -6.21 -25.64
C GLN B 178 -2.88 -5.55 -25.61
N GLU B 179 -2.41 -5.17 -24.42
CA GLU B 179 -1.07 -4.59 -24.27
C GLU B 179 0.00 -5.57 -24.76
N ALA B 180 -0.16 -6.83 -24.40
CA ALA B 180 0.77 -7.88 -24.75
C ALA B 180 0.75 -8.23 -26.24
N THR B 181 -0.43 -8.50 -26.78
CA THR B 181 -0.53 -8.96 -28.16
C THR B 181 -0.16 -7.86 -29.17
N ALA B 182 -0.37 -6.61 -28.80
CA ALA B 182 -0.06 -5.50 -29.70
C ALA B 182 1.43 -5.35 -29.91
N ASP B 183 2.22 -5.85 -28.97
CA ASP B 183 3.68 -5.80 -29.12
C ASP B 183 4.23 -7.18 -29.43
N GLY B 184 3.35 -8.09 -29.87
CA GLY B 184 3.78 -9.35 -30.44
C GLY B 184 3.91 -10.52 -29.47
N TYR B 185 3.42 -10.33 -28.25
CA TYR B 185 3.47 -11.39 -27.25
C TYR B 185 2.19 -12.23 -27.30
N ASP B 186 2.26 -13.45 -26.75
CA ASP B 186 1.12 -14.36 -26.79
C ASP B 186 0.09 -14.07 -25.69
N GLU B 187 0.56 -13.63 -24.53
CA GLU B 187 -0.33 -13.40 -23.41
C GLU B 187 0.31 -12.47 -22.40
N ALA B 188 -0.50 -11.87 -21.53
CA ALA B 188 0.01 -11.02 -20.47
C ALA B 188 0.10 -11.77 -19.15
N LEU B 189 1.02 -11.35 -18.30
CA LEU B 189 1.09 -11.81 -16.91
C LEU B 189 0.91 -10.59 -16.00
N LEU B 190 0.03 -10.69 -15.01
CA LEU B 190 -0.31 -9.52 -14.19
C LEU B 190 0.22 -9.61 -12.76
N LEU B 191 0.78 -8.50 -12.30
CA LEU B 191 1.22 -8.36 -10.92
C LEU B 191 0.08 -7.78 -10.08
N ASP B 192 0.02 -8.18 -8.80
CA ASP B 192 -0.98 -7.60 -7.90
C ASP B 192 -0.52 -6.22 -7.42
N VAL B 193 -1.31 -5.58 -6.57
CA VAL B 193 -1.03 -4.21 -6.15
C VAL B 193 0.28 -4.08 -5.37
N ASP B 194 0.84 -5.21 -4.95
CA ASP B 194 2.10 -5.22 -4.23
C ASP B 194 3.29 -5.56 -5.11
N GLY B 195 3.04 -5.90 -6.37
CA GLY B 195 4.12 -6.19 -7.31
C GLY B 195 4.46 -7.67 -7.41
N TYR B 196 3.64 -8.51 -6.78
CA TYR B 196 3.83 -9.96 -6.85
C TYR B 196 2.98 -10.56 -7.96
N VAL B 197 3.51 -11.60 -8.61
CA VAL B 197 2.81 -12.29 -9.67
C VAL B 197 1.47 -12.82 -9.18
N SER B 198 0.39 -12.53 -9.89
CA SER B 198 -0.93 -13.02 -9.52
C SER B 198 -1.40 -14.11 -10.47
N GLU B 199 -1.63 -13.75 -11.72
CA GLU B 199 -2.02 -14.71 -12.74
C GLU B 199 -1.94 -14.11 -14.14
N GLY B 200 -2.34 -14.90 -15.14
CA GLY B 200 -2.45 -14.40 -16.50
C GLY B 200 -3.74 -13.64 -16.64
N SER B 201 -4.04 -13.14 -17.84
CA SER B 201 -5.26 -12.35 -18.02
C SER B 201 -6.51 -13.21 -17.83
N GLY B 202 -6.38 -14.51 -18.09
CA GLY B 202 -7.50 -15.43 -17.91
C GLY B 202 -7.05 -16.82 -17.49
N GLU B 203 -5.86 -16.90 -16.92
CA GLU B 203 -5.25 -18.18 -16.55
C GLU B 203 -4.46 -18.07 -15.26
N ASN B 204 -4.46 -19.13 -14.48
CA ASN B 204 -3.62 -19.17 -13.29
C ASN B 204 -2.18 -19.49 -13.69
N PHE B 205 -1.24 -19.15 -12.82
CA PHE B 205 0.18 -19.24 -13.16
C PHE B 205 0.92 -20.23 -12.26
N PHE B 206 1.81 -21.01 -12.88
CA PHE B 206 2.69 -21.94 -12.15
C PHE B 206 4.14 -21.78 -12.58
N LEU B 207 5.07 -22.03 -11.65
CA LEU B 207 6.46 -22.21 -12.04
C LEU B 207 7.00 -23.48 -11.40
N VAL B 208 8.10 -23.98 -11.95
CA VAL B 208 8.78 -25.13 -11.40
C VAL B 208 10.20 -24.75 -11.03
N ASN B 209 10.63 -25.13 -9.84
CA ASN B 209 12.03 -24.92 -9.47
C ASN B 209 12.50 -26.06 -8.56
N ARG B 210 13.67 -26.60 -8.89
CA ARG B 210 14.29 -27.72 -8.17
C ARG B 210 13.32 -28.87 -7.92
N GLY B 211 12.60 -29.26 -8.96
CA GLY B 211 11.69 -30.39 -8.90
C GLY B 211 10.40 -30.14 -8.14
N LYS B 212 10.21 -28.91 -7.68
CA LYS B 212 8.99 -28.58 -6.94
C LYS B 212 8.09 -27.64 -7.73
N LEU B 213 6.78 -27.77 -7.50
CA LEU B 213 5.78 -26.96 -8.18
C LEU B 213 5.38 -25.77 -7.31
N TYR B 214 5.54 -24.57 -7.85
CA TYR B 214 5.19 -23.34 -7.12
C TYR B 214 4.04 -22.61 -7.81
N THR B 215 3.20 -21.93 -7.03
CA THR B 215 2.11 -21.15 -7.58
C THR B 215 1.76 -20.04 -6.59
N PRO B 216 1.31 -18.87 -7.09
CA PRO B 216 0.91 -17.80 -6.18
C PRO B 216 -0.16 -18.26 -5.20
N ASP B 217 -0.09 -17.81 -3.94
CA ASP B 217 -1.10 -18.21 -2.98
C ASP B 217 -2.45 -17.71 -3.44
N LEU B 218 -3.51 -18.29 -2.90
CA LEU B 218 -4.86 -17.94 -3.34
C LEU B 218 -5.26 -16.62 -2.69
N ALA B 219 -4.74 -15.54 -3.27
CA ALA B 219 -4.92 -14.20 -2.73
C ALA B 219 -5.74 -13.35 -3.70
N SER B 220 -5.06 -12.76 -4.69
CA SER B 220 -5.74 -11.87 -5.62
C SER B 220 -6.22 -12.57 -6.88
N CYS B 221 -5.90 -13.85 -7.02
CA CYS B 221 -6.29 -14.60 -8.23
C CYS B 221 -7.60 -15.37 -8.05
N LEU B 222 -8.22 -15.73 -9.17
CA LEU B 222 -9.41 -16.57 -9.16
C LEU B 222 -9.02 -17.98 -8.71
N ASP B 223 -9.94 -18.67 -8.02
CA ASP B 223 -9.71 -20.03 -7.60
C ASP B 223 -9.97 -20.95 -8.80
N GLY B 224 -8.97 -21.08 -9.66
CA GLY B 224 -9.13 -21.81 -10.90
C GLY B 224 -9.40 -23.29 -10.69
N ILE B 225 -10.30 -23.83 -11.48
CA ILE B 225 -10.61 -25.23 -11.40
C ILE B 225 -9.51 -26.06 -12.08
N THR B 226 -8.96 -25.54 -13.18
CA THR B 226 -7.81 -26.18 -13.80
C THR B 226 -6.63 -26.17 -12.82
N ARG B 227 -6.39 -25.00 -12.22
CA ARG B 227 -5.40 -24.84 -11.15
C ARG B 227 -5.56 -25.93 -10.09
N ASP B 228 -6.78 -26.11 -9.59
CA ASP B 228 -7.04 -27.12 -8.58
C ASP B 228 -6.77 -28.52 -9.13
N THR B 229 -7.14 -28.74 -10.40
CA THR B 229 -6.91 -30.03 -11.05
C THR B 229 -5.41 -30.34 -11.12
N VAL B 230 -4.62 -29.37 -11.55
CA VAL B 230 -3.18 -29.58 -11.69
C VAL B 230 -2.51 -29.80 -10.34
N ILE B 231 -2.94 -29.05 -9.33
CA ILE B 231 -2.39 -29.20 -7.98
C ILE B 231 -2.65 -30.60 -7.42
N THR B 232 -3.84 -31.11 -7.68
CA THR B 232 -4.20 -32.46 -7.25
C THR B 232 -3.39 -33.52 -7.99
N LEU B 233 -3.26 -33.35 -9.30
CA LEU B 233 -2.50 -34.30 -10.10
C LEU B 233 -1.03 -34.26 -9.71
N ALA B 234 -0.55 -33.07 -9.36
CA ALA B 234 0.83 -32.90 -8.94
C ALA B 234 1.14 -33.69 -7.67
N LYS B 235 0.30 -33.50 -6.66
CA LYS B 235 0.49 -34.19 -5.38
C LYS B 235 0.40 -35.70 -5.57
N GLU B 236 -0.53 -36.13 -6.41
CA GLU B 236 -0.73 -37.56 -6.64
C GLU B 236 0.48 -38.16 -7.35
N ALA B 237 1.24 -37.33 -8.06
CA ALA B 237 2.44 -37.80 -8.75
C ALA B 237 3.68 -37.63 -7.89
N GLY B 238 3.50 -37.31 -6.62
CA GLY B 238 4.61 -37.21 -5.69
C GLY B 238 5.37 -35.89 -5.74
N ILE B 239 4.86 -34.94 -6.51
CA ILE B 239 5.49 -33.63 -6.65
C ILE B 239 5.00 -32.70 -5.53
N GLU B 240 5.93 -32.03 -4.87
CA GLU B 240 5.56 -31.12 -3.79
C GLU B 240 5.05 -29.80 -4.35
N VAL B 241 3.91 -29.36 -3.83
CA VAL B 241 3.32 -28.10 -4.26
C VAL B 241 3.50 -27.04 -3.18
N ILE B 242 4.01 -25.88 -3.57
CA ILE B 242 4.20 -24.78 -2.63
C ILE B 242 3.46 -23.53 -3.10
N GLU B 243 2.59 -23.00 -2.26
CA GLU B 243 1.92 -21.75 -2.56
C GLU B 243 2.61 -20.61 -1.80
N LYS B 244 3.01 -19.58 -2.53
CA LYS B 244 3.77 -18.48 -1.94
C LYS B 244 3.62 -17.20 -2.76
N ARG B 245 4.17 -16.11 -2.26
CA ARG B 245 4.29 -14.89 -3.05
C ARG B 245 5.48 -15.01 -3.99
N ILE B 246 5.23 -14.77 -5.28
CA ILE B 246 6.23 -14.97 -6.30
C ILE B 246 6.59 -13.63 -6.94
N THR B 247 7.89 -13.34 -7.08
CA THR B 247 8.29 -12.11 -7.75
C THR B 247 8.48 -12.38 -9.24
N ARG B 248 8.50 -11.33 -10.04
CA ARG B 248 8.70 -11.49 -11.47
C ARG B 248 10.08 -12.07 -11.79
N ASP B 249 11.09 -11.71 -11.01
CA ASP B 249 12.44 -12.21 -11.32
C ASP B 249 12.63 -13.63 -10.79
N GLU B 250 11.73 -14.07 -9.92
CA GLU B 250 11.67 -15.47 -9.50
C GLU B 250 11.21 -16.32 -10.69
N VAL B 251 10.36 -15.74 -11.53
CA VAL B 251 9.91 -16.39 -12.76
C VAL B 251 11.05 -16.43 -13.79
N TYR B 252 11.75 -15.31 -13.94
CA TYR B 252 12.86 -15.21 -14.89
C TYR B 252 13.90 -16.31 -14.68
N THR B 253 14.09 -16.68 -13.43
CA THR B 253 15.13 -17.61 -13.03
C THR B 253 14.60 -19.02 -12.73
N ALA B 254 13.32 -19.26 -13.04
CA ALA B 254 12.71 -20.56 -12.77
C ALA B 254 13.19 -21.62 -13.76
N ASP B 255 13.00 -22.89 -13.39
CA ASP B 255 13.33 -24.01 -14.27
C ASP B 255 12.28 -24.18 -15.38
N GLU B 256 11.01 -24.10 -14.98
CA GLU B 256 9.90 -24.15 -15.94
C GLU B 256 8.78 -23.24 -15.47
N ALA B 257 7.84 -22.95 -16.38
CA ALA B 257 6.63 -22.19 -16.01
C ALA B 257 5.50 -22.51 -16.98
N PHE B 258 4.26 -22.35 -16.53
CA PHE B 258 3.11 -22.57 -17.40
C PHE B 258 1.83 -21.88 -16.89
N PHE B 259 0.84 -21.83 -17.77
CA PHE B 259 -0.50 -21.31 -17.47
C PHE B 259 -1.49 -22.46 -17.36
N THR B 260 -2.54 -22.28 -16.54
CA THR B 260 -3.66 -23.21 -16.51
C THR B 260 -4.98 -22.46 -16.62
N GLY B 261 -5.94 -23.07 -17.28
CA GLY B 261 -7.26 -22.49 -17.45
C GLY B 261 -8.12 -23.45 -18.27
N THR B 262 -9.43 -23.25 -18.23
CA THR B 262 -10.32 -24.14 -18.96
C THR B 262 -9.99 -24.11 -20.45
N ALA B 263 -9.82 -22.90 -21.00
CA ALA B 263 -9.45 -22.75 -22.40
C ALA B 263 -7.99 -23.10 -22.63
N ALA B 264 -7.13 -22.63 -21.71
CA ALA B 264 -5.68 -22.78 -21.89
C ALA B 264 -5.17 -24.17 -21.55
N GLU B 265 -5.99 -24.96 -20.85
CA GLU B 265 -5.59 -26.28 -20.36
C GLU B 265 -4.26 -26.16 -19.61
N VAL B 266 -3.22 -26.84 -20.04
CA VAL B 266 -1.89 -26.62 -19.48
C VAL B 266 -0.95 -26.11 -20.57
N THR B 267 -0.67 -24.81 -20.53
CA THR B 267 0.13 -24.17 -21.58
C THR B 267 1.49 -23.70 -21.06
N PRO B 268 2.58 -24.28 -21.59
CA PRO B 268 3.93 -23.91 -21.17
C PRO B 268 4.29 -22.48 -21.55
N ILE B 269 5.06 -21.84 -20.67
CA ILE B 269 5.61 -20.52 -20.92
C ILE B 269 7.12 -20.64 -21.11
N ARG B 270 7.61 -20.31 -22.30
CA ARG B 270 9.03 -20.46 -22.59
C ARG B 270 9.79 -19.15 -22.42
N GLU B 271 9.05 -18.07 -22.20
CA GLU B 271 9.67 -16.75 -22.14
C GLU B 271 8.79 -15.74 -21.43
N LEU B 272 9.37 -14.97 -20.49
CA LEU B 272 8.69 -13.84 -19.86
C LEU B 272 9.53 -12.57 -19.98
N ASP B 273 8.94 -11.53 -20.54
CA ASP B 273 9.65 -10.25 -20.73
C ASP B 273 10.98 -10.45 -21.46
N ASN B 274 10.96 -11.33 -22.46
CA ASN B 274 12.13 -11.65 -23.28
C ASN B 274 13.26 -12.30 -22.47
N ARG B 275 12.94 -12.79 -21.28
CA ARG B 275 13.84 -13.67 -20.55
C ARG B 275 13.41 -15.11 -20.79
N THR B 276 14.31 -15.90 -21.36
CA THR B 276 14.05 -17.31 -21.63
C THR B 276 13.82 -18.06 -20.33
N ILE B 277 12.73 -18.84 -20.25
CA ILE B 277 12.49 -19.66 -19.07
C ILE B 277 13.23 -20.98 -19.19
N GLY B 278 14.11 -21.24 -18.23
CA GLY B 278 14.90 -22.45 -18.22
C GLY B 278 15.66 -22.64 -19.52
N GLY B 279 15.50 -23.82 -20.12
CA GLY B 279 16.16 -24.13 -21.38
C GLY B 279 15.37 -23.65 -22.58
N GLY B 280 14.22 -23.04 -22.34
CA GLY B 280 13.42 -22.47 -23.42
C GLY B 280 12.48 -23.45 -24.09
N ALA B 281 12.50 -24.70 -23.63
CA ALA B 281 11.54 -25.68 -24.10
C ALA B 281 10.56 -26.01 -22.98
N ARG B 282 9.57 -26.85 -23.27
CA ARG B 282 8.69 -27.35 -22.24
C ARG B 282 9.51 -28.19 -21.27
N GLY B 283 9.37 -27.94 -19.98
CA GLY B 283 10.12 -28.68 -18.98
C GLY B 283 9.50 -30.02 -18.67
N PRO B 284 10.25 -30.88 -17.97
CA PRO B 284 9.78 -32.25 -17.68
C PRO B 284 8.64 -32.32 -16.67
N ILE B 285 8.55 -31.39 -15.72
CA ILE B 285 7.43 -31.40 -14.78
C ILE B 285 6.16 -30.93 -15.48
N THR B 286 6.30 -29.89 -16.30
CA THR B 286 5.18 -29.41 -17.10
C THR B 286 4.62 -30.51 -17.99
N GLU B 287 5.52 -31.26 -18.61
CA GLU B 287 5.14 -32.36 -19.49
CA GLU B 287 5.12 -32.35 -19.50
C GLU B 287 4.39 -33.44 -18.73
N LYS B 288 4.88 -33.76 -17.54
CA LYS B 288 4.29 -34.79 -16.70
C LYS B 288 2.87 -34.42 -16.31
N LEU B 289 2.70 -33.18 -15.85
CA LEU B 289 1.39 -32.67 -15.46
C LEU B 289 0.46 -32.55 -16.66
N GLN B 290 1.02 -32.17 -17.80
CA GLN B 290 0.27 -32.08 -19.04
C GLN B 290 -0.33 -33.43 -19.41
N SER B 291 0.48 -34.48 -19.31
CA SER B 291 0.04 -35.82 -19.66
C SER B 291 -0.99 -36.34 -18.67
N ALA B 292 -0.77 -36.07 -17.38
CA ALA B 292 -1.74 -36.43 -16.36
C ALA B 292 -3.06 -35.70 -16.61
N PHE B 293 -2.97 -34.43 -16.98
CA PHE B 293 -4.17 -33.65 -17.26
C PHE B 293 -4.95 -34.25 -18.41
N PHE B 294 -4.29 -34.45 -19.55
CA PHE B 294 -4.98 -34.92 -20.73
C PHE B 294 -5.47 -36.36 -20.58
N ASP B 295 -4.82 -37.15 -19.74
CA ASP B 295 -5.32 -38.49 -19.43
C ASP B 295 -6.67 -38.40 -18.71
N VAL B 296 -6.82 -37.41 -17.84
CA VAL B 296 -8.06 -37.23 -17.10
C VAL B 296 -9.20 -36.75 -17.99
N VAL B 297 -8.98 -35.68 -18.75
CA VAL B 297 -10.06 -35.10 -19.55
C VAL B 297 -10.44 -36.00 -20.74
N ASN B 298 -9.56 -36.91 -21.13
CA ASN B 298 -9.86 -37.83 -22.22
C ASN B 298 -10.48 -39.13 -21.72
N GLY B 299 -10.71 -39.21 -20.41
CA GLY B 299 -11.35 -40.37 -19.82
C GLY B 299 -10.49 -41.62 -19.82
N LYS B 300 -9.17 -41.43 -19.83
CA LYS B 300 -8.26 -42.57 -19.76
C LYS B 300 -7.66 -42.66 -18.35
N SER B 301 -8.41 -42.17 -17.36
CA SER B 301 -7.97 -42.17 -15.98
C SER B 301 -9.01 -42.82 -15.07
N ALA B 302 -8.56 -43.78 -14.25
CA ALA B 302 -9.46 -44.48 -13.35
C ALA B 302 -9.70 -43.67 -12.07
N LYS B 303 -8.64 -43.03 -11.59
CA LYS B 303 -8.71 -42.31 -10.31
C LYS B 303 -9.71 -41.15 -10.34
N HIS B 304 -9.90 -40.53 -11.49
CA HIS B 304 -10.73 -39.33 -11.56
C HIS B 304 -11.92 -39.43 -12.52
N ALA B 305 -12.57 -40.59 -12.54
CA ALA B 305 -13.75 -40.79 -13.36
C ALA B 305 -14.88 -39.83 -12.97
N ASP B 306 -14.96 -39.52 -11.68
CA ASP B 306 -16.06 -38.68 -11.18
C ASP B 306 -15.89 -37.21 -11.57
N TRP B 307 -14.83 -36.89 -12.31
CA TRP B 307 -14.64 -35.54 -12.81
C TRP B 307 -15.25 -35.37 -14.21
N LEU B 308 -15.70 -36.48 -14.79
CA LEU B 308 -16.30 -36.43 -16.12
C LEU B 308 -17.79 -36.72 -16.06
N THR B 309 -18.57 -35.89 -16.74
CA THR B 309 -20.02 -36.11 -16.84
C THR B 309 -20.42 -36.40 -18.27
N LYS B 310 -20.77 -37.65 -18.56
CA LYS B 310 -21.19 -38.04 -19.90
C LYS B 310 -22.45 -37.29 -20.30
N ILE B 311 -22.54 -36.93 -21.57
CA ILE B 311 -23.70 -36.19 -22.07
C ILE B 311 -24.96 -37.04 -22.02
N SER C 6 5.16 13.87 41.38
CA SER C 6 3.85 13.22 41.47
C SER C 6 2.75 14.24 41.21
N MET C 7 2.06 14.07 40.08
CA MET C 7 1.02 15.03 39.69
C MET C 7 -0.35 14.63 40.24
N ALA C 8 -0.40 13.50 40.92
CA ALA C 8 -1.58 13.14 41.70
C ALA C 8 -1.55 13.90 43.04
N ASP C 9 -0.36 13.97 43.64
CA ASP C 9 -0.17 14.55 44.96
C ASP C 9 0.11 16.06 44.90
N ARG C 10 -0.92 16.85 44.64
CA ARG C 10 -0.78 18.31 44.58
C ARG C 10 -1.92 19.00 45.32
N ASP C 11 -1.64 20.21 45.80
CA ASP C 11 -2.70 21.09 46.29
C ASP C 11 -3.32 21.82 45.12
N GLY C 12 -4.61 22.11 45.21
CA GLY C 12 -5.25 22.87 44.15
C GLY C 12 -6.63 22.35 43.84
N LYS C 13 -7.19 22.84 42.73
CA LYS C 13 -8.53 22.44 42.31
C LYS C 13 -8.51 21.83 40.91
N ILE C 14 -9.31 20.78 40.74
CA ILE C 14 -9.56 20.20 39.42
C ILE C 14 -11.05 20.27 39.13
N TRP C 15 -11.41 20.73 37.95
CA TRP C 15 -12.81 20.75 37.54
C TRP C 15 -13.19 19.37 37.02
N MET C 16 -14.16 18.74 37.67
CA MET C 16 -14.56 17.40 37.28
C MET C 16 -16.07 17.23 37.34
N ASP C 17 -16.64 16.91 36.18
CA ASP C 17 -18.06 16.59 36.04
C ASP C 17 -18.99 17.64 36.65
N GLY C 18 -18.75 18.90 36.32
CA GLY C 18 -19.68 19.96 36.70
C GLY C 18 -19.21 20.88 37.80
N LYS C 19 -18.12 20.54 38.48
CA LYS C 19 -17.69 21.34 39.63
C LYS C 19 -16.22 21.22 39.97
N LEU C 20 -15.71 22.23 40.66
CA LEU C 20 -14.34 22.22 41.17
C LEU C 20 -14.24 21.37 42.42
N ILE C 21 -13.26 20.46 42.43
CA ILE C 21 -12.98 19.63 43.59
C ILE C 21 -11.50 19.74 43.94
N GLU C 22 -11.12 19.31 45.14
CA GLU C 22 -9.73 19.30 45.54
C GLU C 22 -8.93 18.39 44.62
N TRP C 23 -7.72 18.81 44.29
CA TRP C 23 -6.85 18.11 43.32
C TRP C 23 -6.78 16.60 43.55
N ARG C 24 -6.45 16.20 44.77
CA ARG C 24 -6.24 14.79 45.09
C ARG C 24 -7.52 13.95 45.03
N ASP C 25 -8.68 14.60 45.13
CA ASP C 25 -9.95 13.87 45.10
C ASP C 25 -10.35 13.43 43.69
N ALA C 26 -9.63 13.93 42.68
CA ALA C 26 -9.93 13.57 41.31
C ALA C 26 -9.46 12.13 41.03
N LYS C 27 -10.26 11.18 41.50
CA LYS C 27 -9.92 9.76 41.38
C LYS C 27 -10.92 8.97 40.51
N ILE C 28 -10.47 7.86 39.96
CA ILE C 28 -11.30 6.94 39.20
C ILE C 28 -10.93 5.49 39.55
N HIS C 29 -11.85 4.56 39.26
CA HIS C 29 -11.60 3.15 39.54
C HIS C 29 -10.73 2.51 38.45
N VAL C 30 -9.95 1.49 38.81
CA VAL C 30 -9.08 0.83 37.84
C VAL C 30 -9.88 0.09 36.77
N LEU C 31 -11.16 -0.15 37.02
CA LEU C 31 -11.99 -0.77 36.00
C LEU C 31 -12.71 0.30 35.17
N THR C 32 -12.00 1.40 34.95
CA THR C 32 -12.46 2.48 34.08
C THR C 32 -12.24 2.08 32.62
N HIS C 33 -13.31 2.18 31.85
CA HIS C 33 -13.34 1.71 30.46
C HIS C 33 -12.15 2.23 29.65
N THR C 34 -11.94 3.55 29.68
CA THR C 34 -10.88 4.16 28.90
C THR C 34 -9.48 3.68 29.30
N LEU C 35 -9.30 3.30 30.57
CA LEU C 35 -8.02 2.75 31.00
C LEU C 35 -7.72 1.42 30.28
N HIS C 36 -8.77 0.66 29.98
CA HIS C 36 -8.64 -0.67 29.39
C HIS C 36 -8.74 -0.66 27.86
N TYR C 37 -9.45 0.31 27.29
CA TYR C 37 -9.78 0.25 25.87
C TYR C 37 -9.44 1.48 25.05
N GLY C 38 -8.86 2.49 25.71
CA GLY C 38 -8.21 3.58 25.01
C GLY C 38 -9.09 4.67 24.42
N MET C 39 -10.40 4.50 24.46
CA MET C 39 -11.27 5.52 23.88
C MET C 39 -11.56 6.64 24.88
N GLY C 40 -10.83 7.74 24.71
CA GLY C 40 -11.03 8.96 25.46
C GLY C 40 -10.46 10.07 24.62
N VAL C 41 -10.78 11.33 24.94
CA VAL C 41 -10.25 12.44 24.15
C VAL C 41 -9.71 13.53 25.08
N PHE C 42 -8.70 14.25 24.62
CA PHE C 42 -8.10 15.28 25.44
C PHE C 42 -7.61 16.44 24.61
N GLU C 43 -7.26 17.53 25.28
CA GLU C 43 -6.67 18.70 24.64
C GLU C 43 -5.44 19.16 25.40
N GLY C 44 -4.59 19.92 24.72
CA GLY C 44 -3.50 20.62 25.36
C GLY C 44 -3.72 22.10 25.11
N VAL C 45 -3.78 22.90 26.17
CA VAL C 45 -4.08 24.32 26.05
C VAL C 45 -3.16 25.13 26.97
N ARG C 46 -2.66 26.24 26.47
CA ARG C 46 -1.79 27.08 27.30
C ARG C 46 -2.45 28.41 27.70
N ALA C 47 -2.15 28.84 28.92
CA ALA C 47 -2.44 30.19 29.36
C ALA C 47 -1.12 30.93 29.48
N TYR C 48 -1.06 32.13 28.92
CA TYR C 48 0.17 32.92 28.94
C TYR C 48 0.04 34.15 29.82
N LYS C 49 1.15 34.55 30.44
CA LYS C 49 1.23 35.86 31.07
C LYS C 49 1.35 36.89 29.97
N THR C 50 0.37 37.79 29.89
CA THR C 50 0.39 38.83 28.86
C THR C 50 1.13 40.07 29.37
N ALA C 51 1.59 40.90 28.44
CA ALA C 51 2.47 42.02 28.74
C ALA C 51 1.85 43.06 29.69
N ASP C 52 0.54 42.98 29.88
CA ASP C 52 -0.17 43.91 30.76
C ASP C 52 -0.30 43.35 32.18
N GLY C 53 0.43 42.29 32.47
CA GLY C 53 0.42 41.68 33.79
C GLY C 53 -0.71 40.68 33.99
N GLY C 54 -1.54 40.51 32.97
CA GLY C 54 -2.68 39.60 33.07
C GLY C 54 -2.39 38.21 32.53
N THR C 55 -3.38 37.33 32.64
CA THR C 55 -3.27 35.98 32.11
C THR C 55 -4.36 35.69 31.09
N ALA C 56 -3.99 35.14 29.94
CA ALA C 56 -4.95 34.79 28.91
C ALA C 56 -4.69 33.40 28.35
N ILE C 57 -5.76 32.66 28.13
CA ILE C 57 -5.68 31.36 27.47
C ILE C 57 -5.62 31.57 25.97
N PHE C 58 -4.71 30.87 25.30
CA PHE C 58 -4.53 31.04 23.87
C PHE C 58 -5.45 30.13 23.05
N ARG C 59 -6.31 30.75 22.24
CA ARG C 59 -7.29 30.08 21.38
C ARG C 59 -8.11 29.03 22.12
N LEU C 60 -8.73 29.46 23.22
CA LEU C 60 -9.58 28.61 24.03
C LEU C 60 -10.74 28.02 23.23
N LYS C 61 -11.41 28.87 22.45
CA LYS C 61 -12.59 28.45 21.71
C LYS C 61 -12.27 27.37 20.68
N GLU C 62 -11.16 27.53 19.97
CA GLU C 62 -10.80 26.55 18.95
CA GLU C 62 -10.76 26.58 18.96
C GLU C 62 -10.40 25.21 19.58
N HIS C 63 -9.68 25.26 20.70
CA HIS C 63 -9.31 24.03 21.41
C HIS C 63 -10.53 23.29 21.98
N THR C 64 -11.48 24.05 22.52
CA THR C 64 -12.66 23.44 23.12
C THR C 64 -13.59 22.88 22.04
N LYS C 65 -13.66 23.58 20.90
CA LYS C 65 -14.39 23.07 19.75
C LYS C 65 -13.81 21.73 19.28
N ARG C 66 -12.48 21.64 19.18
CA ARG C 66 -11.86 20.41 18.72
C ARG C 66 -12.09 19.29 19.73
N LEU C 67 -12.04 19.62 21.02
CA LEU C 67 -12.28 18.63 22.06
C LEU C 67 -13.65 17.98 21.90
N LEU C 68 -14.68 18.80 21.70
CA LEU C 68 -16.02 18.26 21.51
C LEU C 68 -16.15 17.54 20.16
N ASN C 69 -15.41 17.99 19.16
CA ASN C 69 -15.41 17.31 17.85
C ASN C 69 -14.73 15.95 17.93
N SER C 70 -13.71 15.84 18.78
CA SER C 70 -13.06 14.56 19.03
C SER C 70 -14.05 13.58 19.65
N ALA C 71 -14.82 14.05 20.63
CA ALA C 71 -15.85 13.26 21.25
C ALA C 71 -16.91 12.85 20.23
N LYS C 72 -17.30 13.82 19.40
CA LYS C 72 -18.29 13.60 18.37
C LYS C 72 -17.86 12.53 17.36
N ILE C 73 -16.57 12.53 17.01
CA ILE C 73 -16.03 11.51 16.11
C ILE C 73 -16.23 10.11 16.70
N PHE C 74 -16.12 9.98 18.01
CA PHE C 74 -16.32 8.71 18.71
C PHE C 74 -17.77 8.49 19.18
N GLN C 75 -18.65 9.42 18.82
CA GLN C 75 -20.06 9.37 19.25
C GLN C 75 -20.16 9.33 20.78
N MET C 76 -19.23 9.99 21.46
CA MET C 76 -19.32 10.14 22.90
C MET C 76 -20.17 11.36 23.24
N ASP C 77 -21.28 11.13 23.93
CA ASP C 77 -22.17 12.22 24.31
C ASP C 77 -21.62 12.93 25.55
N VAL C 78 -21.09 14.12 25.35
CA VAL C 78 -20.52 14.93 26.44
C VAL C 78 -21.61 15.74 27.14
N PRO C 79 -21.73 15.58 28.46
CA PRO C 79 -22.81 16.19 29.27
C PRO C 79 -22.69 17.70 29.48
N PHE C 80 -21.80 18.37 28.74
CA PHE C 80 -21.60 19.81 28.90
C PHE C 80 -21.37 20.47 27.55
N ASP C 81 -21.86 21.69 27.39
CA ASP C 81 -21.71 22.38 26.11
C ASP C 81 -20.40 23.17 26.06
N GLN C 82 -20.16 23.84 24.94
CA GLN C 82 -18.88 24.49 24.73
C GLN C 82 -18.69 25.69 25.65
N GLU C 83 -19.75 26.47 25.85
CA GLU C 83 -19.68 27.63 26.73
C GLU C 83 -19.30 27.20 28.14
N THR C 84 -19.91 26.12 28.62
CA THR C 84 -19.66 25.63 29.96
C THR C 84 -18.20 25.20 30.14
N LEU C 85 -17.66 24.48 29.16
CA LEU C 85 -16.29 23.99 29.24
C LEU C 85 -15.26 25.11 29.11
N GLU C 86 -15.56 26.11 28.28
CA GLU C 86 -14.68 27.26 28.14
C GLU C 86 -14.57 28.01 29.46
N ALA C 87 -15.71 28.21 30.12
CA ALA C 87 -15.74 28.88 31.41
C ALA C 87 -15.03 28.06 32.47
N ALA C 88 -15.21 26.74 32.42
CA ALA C 88 -14.64 25.85 33.41
C ALA C 88 -13.12 25.87 33.35
N GLN C 89 -12.58 25.99 32.15
CA GLN C 89 -11.13 26.05 31.97
C GLN C 89 -10.59 27.37 32.53
N ARG C 90 -11.32 28.45 32.30
CA ARG C 90 -10.97 29.74 32.90
C ARG C 90 -11.04 29.63 34.40
N ASP C 91 -12.06 28.92 34.90
CA ASP C 91 -12.24 28.71 36.33
C ASP C 91 -11.03 28.00 36.95
N VAL C 92 -10.55 26.97 36.27
CA VAL C 92 -9.41 26.19 36.77
C VAL C 92 -8.14 27.03 36.86
N VAL C 93 -7.86 27.82 35.83
CA VAL C 93 -6.70 28.70 35.85
C VAL C 93 -6.82 29.71 36.99
N ARG C 94 -8.00 30.30 37.12
CA ARG C 94 -8.24 31.32 38.15
C ARG C 94 -8.08 30.76 39.56
N GLU C 95 -8.79 29.68 39.86
CA GLU C 95 -8.86 29.16 41.22
C GLU C 95 -7.56 28.51 41.68
N ASN C 96 -6.68 28.19 40.75
CA ASN C 96 -5.36 27.67 41.09
C ASN C 96 -4.32 28.78 41.12
N LYS C 97 -4.79 30.02 40.94
CA LYS C 97 -3.93 31.20 40.97
C LYS C 97 -2.71 31.05 40.07
N LEU C 98 -2.92 30.51 38.88
CA LEU C 98 -1.84 30.30 37.92
C LEU C 98 -1.71 31.50 36.98
N GLU C 99 -0.50 32.06 36.91
CA GLU C 99 -0.26 33.21 36.05
C GLU C 99 -0.03 32.77 34.62
N SER C 100 0.55 31.59 34.47
CA SER C 100 0.78 30.97 33.17
C SER C 100 0.82 29.47 33.37
N CYS C 101 0.23 28.71 32.46
CA CYS C 101 0.11 27.28 32.69
C CYS C 101 -0.27 26.47 31.47
N TYR C 102 -0.32 25.16 31.68
CA TYR C 102 -0.79 24.23 30.67
C TYR C 102 -2.09 23.63 31.19
N LEU C 103 -3.13 23.67 30.36
CA LEU C 103 -4.43 23.08 30.69
C LEU C 103 -4.61 21.71 30.04
N ARG C 104 -5.08 20.74 30.80
CA ARG C 104 -5.35 19.41 30.27
C ARG C 104 -6.80 19.01 30.54
N PRO C 105 -7.70 19.31 29.59
CA PRO C 105 -9.06 18.78 29.61
C PRO C 105 -9.06 17.36 29.08
N ILE C 106 -9.74 16.45 29.77
CA ILE C 106 -9.85 15.09 29.27
C ILE C 106 -11.28 14.57 29.45
N ILE C 107 -11.78 13.90 28.42
CA ILE C 107 -13.09 13.28 28.45
C ILE C 107 -12.91 11.77 28.29
N TRP C 108 -13.47 10.99 29.22
CA TRP C 108 -13.27 9.54 29.14
C TRP C 108 -14.52 8.76 29.50
N ILE C 109 -14.44 7.44 29.33
CA ILE C 109 -15.58 6.57 29.53
C ILE C 109 -15.44 5.85 30.87
N GLY C 110 -16.48 5.94 31.70
CA GLY C 110 -16.42 5.53 33.09
C GLY C 110 -16.35 4.04 33.39
N SER C 111 -16.65 3.70 34.64
CA SER C 111 -16.43 2.36 35.17
C SER C 111 -17.71 1.59 35.49
N GLU C 112 -18.81 1.92 34.83
CA GLU C 112 -20.06 1.20 35.05
C GLU C 112 -20.04 -0.21 34.43
N LYS C 113 -19.45 -0.32 33.24
CA LYS C 113 -19.36 -1.61 32.55
C LYS C 113 -18.03 -1.74 31.82
N LEU C 114 -17.45 -2.94 31.81
CA LEU C 114 -16.12 -3.12 31.25
C LEU C 114 -16.08 -4.08 30.06
N GLY C 115 -17.05 -3.97 29.18
CA GLY C 115 -16.98 -4.68 27.91
C GLY C 115 -16.53 -3.72 26.83
N VAL C 116 -16.24 -4.24 25.65
CA VAL C 116 -15.99 -3.37 24.51
C VAL C 116 -17.29 -2.67 24.12
N SER C 117 -18.41 -3.22 24.60
CA SER C 117 -19.76 -2.76 24.28
C SER C 117 -20.04 -1.31 24.63
N ALA C 118 -19.21 -0.73 25.50
CA ALA C 118 -19.20 0.71 25.78
C ALA C 118 -20.57 1.32 26.10
N LYS C 119 -21.54 0.48 26.48
CA LYS C 119 -22.92 0.93 26.59
C LYS C 119 -23.38 1.20 28.02
N GLY C 120 -23.76 2.44 28.29
CA GLY C 120 -24.30 2.80 29.58
C GLY C 120 -23.28 3.36 30.57
N ASN C 121 -22.05 3.55 30.11
CA ASN C 121 -21.03 4.14 30.96
C ASN C 121 -21.18 5.65 31.05
N THR C 122 -20.84 6.21 32.19
CA THR C 122 -20.81 7.66 32.33
C THR C 122 -19.71 8.27 31.46
N ILE C 123 -20.05 9.35 30.77
CA ILE C 123 -19.05 10.12 30.05
C ILE C 123 -18.50 11.21 30.96
N HIS C 124 -17.28 10.99 31.47
CA HIS C 124 -16.65 11.91 32.42
C HIS C 124 -15.91 13.03 31.73
N VAL C 125 -15.81 14.17 32.42
CA VAL C 125 -15.00 15.30 31.95
C VAL C 125 -14.22 15.90 33.12
N ALA C 126 -12.91 16.01 32.94
CA ALA C 126 -12.09 16.65 33.96
C ALA C 126 -11.14 17.66 33.34
N ILE C 127 -10.82 18.71 34.10
CA ILE C 127 -9.87 19.73 33.67
C ILE C 127 -8.86 20.04 34.75
N ALA C 128 -7.60 19.76 34.49
CA ALA C 128 -6.53 20.13 35.42
C ALA C 128 -5.57 21.12 34.76
N ALA C 129 -4.80 21.83 35.57
CA ALA C 129 -3.86 22.82 35.06
C ALA C 129 -2.63 22.92 35.95
N TRP C 130 -1.48 23.11 35.31
CA TRP C 130 -0.22 23.22 36.03
C TRP C 130 0.76 24.06 35.24
N PRO C 131 1.73 24.69 35.93
CA PRO C 131 2.82 25.38 35.24
C PRO C 131 3.68 24.43 34.42
N TRP C 132 3.93 24.76 33.16
CA TRP C 132 4.74 23.90 32.29
C TRP C 132 5.57 24.74 31.32
N GLY C 133 6.88 24.65 31.43
CA GLY C 133 7.78 25.40 30.58
C GLY C 133 7.91 24.84 29.18
N ALA C 134 9.06 25.07 28.56
CA ALA C 134 9.31 24.62 27.19
C ALA C 134 9.35 23.09 27.12
N TYR C 135 8.47 22.52 26.31
CA TYR C 135 8.34 21.07 26.19
C TYR C 135 9.65 20.41 25.75
N LEU C 136 10.35 21.05 24.82
CA LEU C 136 11.61 20.50 24.30
C LEU C 136 12.81 21.35 24.71
N GLY C 137 12.62 22.24 25.68
CA GLY C 137 13.71 22.98 26.27
C GLY C 137 13.80 24.45 25.85
N GLU C 138 14.11 25.32 26.81
CA GLU C 138 14.34 26.73 26.53
C GLU C 138 15.52 26.91 25.57
N GLU C 139 16.53 26.04 25.69
CA GLU C 139 17.65 26.02 24.75
C GLU C 139 17.20 25.58 23.36
N GLY C 140 16.34 24.56 23.32
CA GLY C 140 15.81 24.07 22.07
C GLY C 140 15.05 25.14 21.29
N LEU C 141 14.31 25.97 22.01
CA LEU C 141 13.58 27.08 21.39
C LEU C 141 14.51 28.03 20.65
N ALA C 142 15.66 28.30 21.24
CA ALA C 142 16.59 29.30 20.70
C ALA C 142 17.61 28.71 19.72
N LYS C 143 18.03 27.47 19.96
CA LYS C 143 19.13 26.89 19.19
C LYS C 143 18.70 25.75 18.26
N GLY C 144 17.50 25.23 18.47
CA GLY C 144 17.02 24.11 17.67
C GLY C 144 17.38 22.77 18.28
N ILE C 145 16.69 21.71 17.86
CA ILE C 145 16.88 20.38 18.44
C ILE C 145 17.30 19.33 17.42
N ARG C 146 17.81 18.21 17.92
CA ARG C 146 18.19 17.07 17.08
C ARG C 146 17.03 16.09 17.02
N VAL C 147 16.58 15.78 15.81
CA VAL C 147 15.45 14.88 15.61
C VAL C 147 15.89 13.61 14.90
N LYS C 148 15.24 12.49 15.25
CA LYS C 148 15.49 11.21 14.61
C LYS C 148 14.22 10.75 13.91
N THR C 149 14.33 10.34 12.66
CA THR C 149 13.18 9.74 11.98
C THR C 149 12.89 8.39 12.63
N SER C 150 11.65 8.20 13.08
CA SER C 150 11.30 6.98 13.79
C SER C 150 11.20 5.79 12.83
N SER C 151 11.51 4.60 13.33
CA SER C 151 11.26 3.37 12.57
C SER C 151 9.82 2.89 12.79
N PHE C 152 9.08 3.60 13.63
CA PHE C 152 7.64 3.36 13.79
C PHE C 152 6.87 4.26 12.86
N THR C 153 5.81 3.73 12.26
CA THR C 153 5.05 4.44 11.25
C THR C 153 3.88 5.21 11.88
N ARG C 154 3.55 6.36 11.31
CA ARG C 154 2.42 7.16 11.78
C ARG C 154 1.08 6.51 11.42
N HIS C 155 0.08 6.71 12.28
CA HIS C 155 -1.30 6.22 12.12
C HIS C 155 -1.84 6.23 10.69
N HIS C 156 -2.50 5.13 10.36
CA HIS C 156 -3.26 4.99 9.13
C HIS C 156 -4.64 5.63 9.36
N VAL C 157 -5.08 6.45 8.39
CA VAL C 157 -6.27 7.30 8.57
C VAL C 157 -7.61 6.56 8.51
N ASN C 158 -7.61 5.25 8.24
CA ASN C 158 -8.85 4.49 8.37
C ASN C 158 -8.73 3.39 9.41
N VAL C 159 -7.64 3.44 10.17
CA VAL C 159 -7.46 2.60 11.34
C VAL C 159 -7.70 3.47 12.57
N SER C 160 -7.03 4.61 12.58
CA SER C 160 -7.20 5.62 13.61
C SER C 160 -7.86 6.84 13.01
N MET C 161 -8.70 7.50 13.80
CA MET C 161 -9.34 8.74 13.39
C MET C 161 -8.43 9.90 13.81
N VAL C 162 -7.51 10.25 12.92
CA VAL C 162 -6.40 11.13 13.26
C VAL C 162 -6.80 12.57 13.55
N ARG C 163 -8.03 12.95 13.23
CA ARG C 163 -8.49 14.31 13.54
C ARG C 163 -8.96 14.39 15.00
N ALA C 164 -9.14 13.25 15.64
CA ALA C 164 -9.47 13.23 17.06
C ALA C 164 -8.20 13.11 17.89
N1 LLP C 165 0.43 16.40 16.57
C2 LLP C 165 -0.18 15.49 17.36
C2' LLP C 165 -0.16 14.03 17.02
C3 LLP C 165 -0.87 15.95 18.58
O3 LLP C 165 -1.50 15.06 19.39
C4 LLP C 165 -0.88 17.39 18.89
C4' LLP C 165 -1.58 17.91 20.12
C5 LLP C 165 -0.18 18.28 17.93
C6 LLP C 165 0.44 17.71 16.83
C5' LLP C 165 -0.13 19.75 18.19
OP4 LLP C 165 -1.38 20.35 17.89
P LLP C 165 -1.82 21.74 18.54
OP1 LLP C 165 -1.45 21.62 20.00
OP2 LLP C 165 -0.99 22.73 17.77
OP3 LLP C 165 -3.30 21.83 18.31
N LLP C 165 -8.07 14.00 18.87
CA LLP C 165 -6.93 13.93 19.79
CB LLP C 165 -6.70 15.31 20.39
CG LLP C 165 -5.24 15.56 20.77
CD LLP C 165 -5.02 17.05 21.04
CE LLP C 165 -3.60 17.34 21.49
NZ LLP C 165 -2.62 16.98 20.48
C LLP C 165 -7.33 12.93 20.84
O LLP C 165 -7.91 13.32 21.87
N ALA C 166 -7.03 11.66 20.60
CA ALA C 166 -7.57 10.58 21.42
C ALA C 166 -6.51 9.82 22.21
N SER C 167 -6.87 9.42 23.42
CA SER C 167 -5.98 8.68 24.30
C SER C 167 -5.26 7.53 23.61
N GLY C 168 -6.01 6.62 22.99
CA GLY C 168 -5.45 5.42 22.41
C GLY C 168 -4.42 5.64 21.32
N TRP C 169 -4.43 6.82 20.70
CA TRP C 169 -3.50 7.09 19.60
C TRP C 169 -2.06 7.22 20.05
N TYR C 170 -1.84 7.52 21.32
CA TYR C 170 -0.50 8.00 21.68
C TYR C 170 0.46 6.90 22.08
N VAL C 171 0.00 5.66 22.06
CA VAL C 171 0.91 4.52 22.16
C VAL C 171 1.96 4.64 21.05
N ASN C 172 1.48 4.93 19.85
CA ASN C 172 2.35 5.15 18.69
C ASN C 172 3.33 6.31 18.93
N SER C 173 2.84 7.38 19.53
CA SER C 173 3.70 8.53 19.85
C SER C 173 4.75 8.20 20.92
N ILE C 174 4.36 7.41 21.91
CA ILE C 174 5.29 7.01 22.98
C ILE C 174 6.41 6.14 22.41
N LEU C 175 6.04 5.16 21.58
CA LEU C 175 7.02 4.27 20.99
C LEU C 175 8.03 5.03 20.14
N ALA C 176 7.54 5.99 19.35
CA ALA C 176 8.39 6.79 18.50
C ALA C 176 9.27 7.72 19.33
N ASN C 177 8.67 8.40 20.29
CA ASN C 177 9.41 9.33 21.15
C ASN C 177 10.49 8.60 21.93
N GLN C 178 10.13 7.45 22.50
CA GLN C 178 11.08 6.68 23.30
C GLN C 178 12.23 6.15 22.44
N GLU C 179 11.95 5.81 21.19
CA GLU C 179 13.01 5.37 20.29
C GLU C 179 14.05 6.47 20.10
N ALA C 180 13.58 7.69 19.91
CA ALA C 180 14.45 8.83 19.66
C ALA C 180 15.28 9.19 20.88
N THR C 181 14.62 9.38 22.03
CA THR C 181 15.33 9.84 23.22
C THR C 181 16.30 8.79 23.75
N ALA C 182 15.97 7.50 23.55
CA ALA C 182 16.84 6.42 24.01
C ALA C 182 18.22 6.52 23.37
N ASP C 183 18.27 7.00 22.14
CA ASP C 183 19.55 7.12 21.46
C ASP C 183 20.06 8.56 21.45
N GLY C 184 19.50 9.37 22.34
CA GLY C 184 20.05 10.68 22.65
C GLY C 184 19.52 11.82 21.81
N TYR C 185 18.50 11.54 21.00
CA TYR C 185 17.86 12.58 20.21
C TYR C 185 16.80 13.30 21.06
N ASP C 186 16.35 14.46 20.60
CA ASP C 186 15.42 15.27 21.37
C ASP C 186 13.96 14.91 21.11
N GLU C 187 13.66 14.49 19.89
CA GLU C 187 12.29 14.18 19.52
C GLU C 187 12.31 13.24 18.32
N ALA C 188 11.20 12.55 18.08
CA ALA C 188 11.08 11.67 16.93
C ALA C 188 10.26 12.32 15.82
N LEU C 189 10.60 12.00 14.57
CA LEU C 189 9.78 12.39 13.42
C LEU C 189 9.19 11.14 12.77
N LEU C 190 7.90 11.15 12.47
CA LEU C 190 7.27 9.95 11.93
C LEU C 190 6.87 10.10 10.46
N LEU C 191 7.13 9.06 9.69
CA LEU C 191 6.66 8.98 8.31
C LEU C 191 5.32 8.27 8.30
N ASP C 192 4.49 8.55 7.29
CA ASP C 192 3.21 7.86 7.16
C ASP C 192 3.43 6.52 6.49
N VAL C 193 2.34 5.78 6.28
CA VAL C 193 2.43 4.43 5.72
C VAL C 193 3.02 4.40 4.31
N ASP C 194 3.16 5.57 3.70
CA ASP C 194 3.72 5.65 2.34
C ASP C 194 5.16 6.14 2.37
N GLY C 195 5.65 6.50 3.55
CA GLY C 195 7.04 6.91 3.69
C GLY C 195 7.26 8.40 3.55
N TYR C 196 6.18 9.17 3.50
CA TYR C 196 6.29 10.63 3.48
C TYR C 196 6.22 11.17 4.90
N VAL C 197 6.88 12.31 5.14
CA VAL C 197 6.87 12.95 6.45
C VAL C 197 5.46 13.34 6.86
N SER C 198 5.06 12.93 8.07
CA SER C 198 3.75 13.30 8.59
C SER C 198 3.87 14.36 9.67
N GLU C 199 4.46 13.98 10.81
CA GLU C 199 4.65 14.91 11.91
C GLU C 199 5.52 14.33 13.00
N GLY C 200 5.76 15.11 14.06
CA GLY C 200 6.52 14.63 15.19
C GLY C 200 5.62 13.76 16.06
N SER C 201 6.17 13.22 17.14
CA SER C 201 5.39 12.35 17.99
C SER C 201 4.23 13.11 18.65
N GLY C 202 4.39 14.42 18.79
CA GLY C 202 3.32 15.27 19.30
C GLY C 202 3.42 16.71 18.81
N GLU C 203 3.88 16.88 17.58
CA GLU C 203 4.04 18.19 16.96
C GLU C 203 3.79 18.12 15.47
N ASN C 204 3.29 19.20 14.89
CA ASN C 204 3.23 19.29 13.43
C ASN C 204 4.59 19.71 12.89
N PHE C 205 4.85 19.42 11.62
CA PHE C 205 6.16 19.66 11.03
C PHE C 205 6.10 20.71 9.93
N PHE C 206 7.11 21.58 9.91
CA PHE C 206 7.28 22.56 8.84
C PHE C 206 8.71 22.54 8.32
N LEU C 207 8.91 22.86 7.04
CA LEU C 207 10.25 23.17 6.57
C LEU C 207 10.23 24.45 5.74
N VAL C 208 11.38 25.11 5.66
CA VAL C 208 11.53 26.29 4.82
C VAL C 208 12.53 25.99 3.71
N ASN C 209 12.16 26.37 2.49
CA ASN C 209 13.07 26.23 1.35
C ASN C 209 12.86 27.37 0.37
N ARG C 210 13.94 28.11 0.09
CA ARG C 210 13.91 29.23 -0.85
C ARG C 210 12.84 30.26 -0.52
N GLY C 211 12.83 30.71 0.74
CA GLY C 211 11.93 31.76 1.17
C GLY C 211 10.47 31.37 1.27
N LYS C 212 10.18 30.08 1.13
CA LYS C 212 8.80 29.60 1.19
C LYS C 212 8.62 28.61 2.33
N LEU C 213 7.42 28.58 2.90
CA LEU C 213 7.10 27.67 4.01
C LEU C 213 6.33 26.45 3.52
N TYR C 214 6.87 25.26 3.77
CA TYR C 214 6.22 24.01 3.39
C TYR C 214 5.81 23.22 4.63
N THR C 215 4.73 22.46 4.51
CA THR C 215 4.26 21.59 5.58
C THR C 215 3.52 20.43 4.93
N PRO C 216 3.55 19.24 5.56
CA PRO C 216 2.77 18.14 4.99
C PRO C 216 1.31 18.52 4.81
N ASP C 217 0.67 18.05 3.75
CA ASP C 217 -0.75 18.35 3.57
C ASP C 217 -1.52 17.72 4.72
N LEU C 218 -2.73 18.22 4.96
CA LEU C 218 -3.52 17.76 6.10
C LEU C 218 -4.10 16.39 5.80
N ALA C 219 -3.25 15.37 5.90
CA ALA C 219 -3.64 14.02 5.53
C ALA C 219 -3.67 13.11 6.74
N SER C 220 -2.52 12.56 7.09
CA SER C 220 -2.43 11.66 8.23
C SER C 220 -2.12 12.40 9.54
N CYS C 221 -1.93 13.71 9.46
CA CYS C 221 -1.56 14.46 10.66
C CYS C 221 -2.75 15.14 11.32
N LEU C 222 -2.60 15.44 12.60
CA LEU C 222 -3.62 16.19 13.33
C LEU C 222 -3.75 17.59 12.74
N ASP C 223 -4.95 18.13 12.78
CA ASP C 223 -5.20 19.50 12.34
C ASP C 223 -4.75 20.45 13.44
N GLY C 224 -3.45 20.63 13.58
CA GLY C 224 -2.88 21.39 14.68
C GLY C 224 -3.33 22.84 14.72
N ILE C 225 -3.65 23.31 15.92
CA ILE C 225 -4.05 24.70 16.11
C ILE C 225 -2.83 25.61 16.07
N THR C 226 -1.69 25.13 16.57
CA THR C 226 -0.45 25.91 16.45
C THR C 226 -0.03 25.95 14.99
N ARG C 227 -0.21 24.82 14.31
CA ARG C 227 0.04 24.72 12.87
C ARG C 227 -0.78 25.76 12.10
N ASP C 228 -2.07 25.84 12.41
CA ASP C 228 -2.95 26.83 11.79
C ASP C 228 -2.53 28.24 12.11
N THR C 229 -2.20 28.47 13.39
CA THR C 229 -1.71 29.77 13.84
C THR C 229 -0.50 30.23 13.03
N VAL C 230 0.50 29.38 12.91
CA VAL C 230 1.73 29.72 12.20
C VAL C 230 1.50 29.95 10.70
N ILE C 231 0.65 29.12 10.08
CA ILE C 231 0.32 29.28 8.67
C ILE C 231 -0.28 30.66 8.40
N THR C 232 -1.20 31.07 9.26
CA THR C 232 -1.84 32.37 9.18
C THR C 232 -0.84 33.51 9.35
N LEU C 233 0.01 33.41 10.37
CA LEU C 233 1.03 34.43 10.61
C LEU C 233 2.00 34.52 9.45
N ALA C 234 2.32 33.37 8.84
CA ALA C 234 3.21 33.34 7.68
C ALA C 234 2.60 34.10 6.48
N LYS C 235 1.33 33.83 6.20
CA LYS C 235 0.65 34.50 5.10
C LYS C 235 0.58 36.00 5.34
N GLU C 236 0.32 36.38 6.59
CA GLU C 236 0.23 37.79 6.95
C GLU C 236 1.60 38.46 6.84
N ALA C 237 2.65 37.66 6.88
CA ALA C 237 4.01 38.16 6.73
C ALA C 237 4.45 38.17 5.27
N GLY C 238 3.55 37.80 4.37
CA GLY C 238 3.86 37.78 2.95
C GLY C 238 4.65 36.56 2.52
N ILE C 239 4.73 35.56 3.39
CA ILE C 239 5.42 34.32 3.07
C ILE C 239 4.46 33.32 2.44
N GLU C 240 4.85 32.72 1.32
CA GLU C 240 3.99 31.75 0.67
C GLU C 240 4.01 30.42 1.40
N VAL C 241 2.82 29.85 1.62
CA VAL C 241 2.70 28.57 2.31
C VAL C 241 2.27 27.48 1.35
N ILE C 242 3.01 26.39 1.33
CA ILE C 242 2.74 25.28 0.42
C ILE C 242 2.54 23.98 1.19
N GLU C 243 1.43 23.31 0.92
CA GLU C 243 1.16 22.01 1.55
C GLU C 243 1.38 20.90 0.52
N LYS C 244 2.25 19.94 0.86
CA LYS C 244 2.59 18.88 -0.09
C LYS C 244 3.09 17.63 0.61
N ARG C 245 3.28 16.57 -0.16
CA ARG C 245 3.95 15.39 0.36
C ARG C 245 5.45 15.66 0.45
N ILE C 246 6.01 15.50 1.64
CA ILE C 246 7.42 15.78 1.89
C ILE C 246 8.21 14.50 2.17
N THR C 247 9.31 14.30 1.46
CA THR C 247 10.17 13.14 1.69
C THR C 247 11.20 13.48 2.76
N ARG C 248 11.80 12.46 3.37
CA ARG C 248 12.76 12.70 4.45
C ARG C 248 14.02 13.41 3.93
N ASP C 249 14.42 13.13 2.70
CA ASP C 249 15.63 13.77 2.18
C ASP C 249 15.33 15.18 1.67
N GLU C 250 14.05 15.49 1.52
CA GLU C 250 13.64 16.85 1.23
C GLU C 250 13.85 17.71 2.47
N VAL C 251 13.78 17.08 3.64
CA VAL C 251 14.10 17.77 4.89
C VAL C 251 15.61 17.92 5.06
N TYR C 252 16.36 16.87 4.71
CA TYR C 252 17.83 16.90 4.80
C TYR C 252 18.40 18.09 4.05
N THR C 253 17.76 18.45 2.94
CA THR C 253 18.27 19.50 2.05
C THR C 253 17.48 20.80 2.15
N ALA C 254 16.69 20.94 3.21
CA ALA C 254 15.90 22.15 3.43
C ALA C 254 16.77 23.26 4.01
N ASP C 255 16.38 24.52 3.77
CA ASP C 255 17.04 25.65 4.40
C ASP C 255 16.80 25.63 5.91
N GLU C 256 15.55 25.41 6.31
CA GLU C 256 15.17 25.37 7.72
C GLU C 256 14.08 24.32 7.95
N ALA C 257 13.86 24.00 9.22
CA ALA C 257 12.78 23.10 9.60
C ALA C 257 12.42 23.36 11.06
N PHE C 258 11.14 23.15 11.41
CA PHE C 258 10.74 23.29 12.81
C PHE C 258 9.45 22.52 13.16
N PHE C 259 9.21 22.39 14.47
CA PHE C 259 7.99 21.75 15.00
C PHE C 259 7.00 22.80 15.52
N THR C 260 5.70 22.51 15.44
CA THR C 260 4.70 23.33 16.14
C THR C 260 3.79 22.47 17.01
N GLY C 261 3.28 23.06 18.07
CA GLY C 261 2.35 22.37 18.95
C GLY C 261 2.05 23.26 20.13
N THR C 262 1.04 22.92 20.93
CA THR C 262 0.71 23.75 22.08
C THR C 262 1.81 23.66 23.12
N ALA C 263 2.30 22.45 23.38
CA ALA C 263 3.41 22.24 24.29
C ALA C 263 4.73 22.73 23.69
N ALA C 264 4.95 22.41 22.41
CA ALA C 264 6.23 22.68 21.77
C ALA C 264 6.34 24.11 21.25
N GLU C 265 5.20 24.79 21.15
CA GLU C 265 5.13 26.15 20.60
C GLU C 265 5.73 26.18 19.20
N VAL C 266 6.82 26.92 19.00
CA VAL C 266 7.52 26.85 17.72
C VAL C 266 8.98 26.47 17.97
N THR C 267 9.32 25.21 17.70
CA THR C 267 10.65 24.69 18.03
C THR C 267 11.49 24.37 16.79
N PRO C 268 12.60 25.11 16.60
CA PRO C 268 13.48 24.87 15.45
C PRO C 268 14.06 23.47 15.45
N ILE C 269 14.17 22.87 14.26
CA ILE C 269 14.87 21.60 14.11
C ILE C 269 16.19 21.84 13.39
N ARG C 270 17.30 21.62 14.07
CA ARG C 270 18.60 21.94 13.49
C ARG C 270 19.32 20.73 12.90
N GLU C 271 18.75 19.55 13.11
CA GLU C 271 19.38 18.31 12.64
C GLU C 271 18.37 17.17 12.53
N LEU C 272 18.38 16.45 11.42
CA LEU C 272 17.54 15.25 11.25
C LEU C 272 18.39 14.07 10.80
N ASP C 273 18.28 12.96 11.52
CA ASP C 273 19.06 11.75 11.23
C ASP C 273 20.54 12.07 11.03
N ASN C 274 21.04 12.97 11.87
CA ASN C 274 22.42 13.41 11.87
C ASN C 274 22.83 14.15 10.59
N ARG C 275 21.83 14.59 9.83
CA ARG C 275 22.03 15.55 8.75
C ARG C 275 21.72 16.95 9.27
N THR C 276 22.72 17.82 9.23
CA THR C 276 22.54 19.21 9.65
C THR C 276 21.55 19.91 8.74
N ILE C 277 20.57 20.60 9.32
CA ILE C 277 19.63 21.38 8.52
C ILE C 277 20.15 22.80 8.28
N GLY C 278 20.41 23.12 7.02
CA GLY C 278 20.90 24.43 6.64
C GLY C 278 22.19 24.76 7.36
N GLY C 279 22.19 25.88 8.09
CA GLY C 279 23.37 26.32 8.81
C GLY C 279 23.59 25.65 10.14
N GLY C 280 22.56 24.95 10.64
CA GLY C 280 22.71 24.19 11.87
C GLY C 280 22.20 24.86 13.13
N ALA C 281 21.62 26.04 12.98
CA ALA C 281 21.00 26.72 14.11
C ALA C 281 19.56 27.09 13.76
N ARG C 282 19.00 28.04 14.48
CA ARG C 282 17.67 28.55 14.16
C ARG C 282 17.74 29.44 12.94
N GLY C 283 16.96 29.11 11.91
CA GLY C 283 16.98 29.88 10.67
C GLY C 283 16.17 31.17 10.76
N PRO C 284 16.41 32.10 9.82
CA PRO C 284 15.80 33.43 9.85
C PRO C 284 14.27 33.40 9.77
N ILE C 285 13.72 32.61 8.86
CA ILE C 285 12.27 32.56 8.68
C ILE C 285 11.60 31.84 9.84
N THR C 286 12.27 30.83 10.40
CA THR C 286 11.80 30.18 11.61
C THR C 286 11.74 31.21 12.74
N GLU C 287 12.79 32.01 12.87
CA GLU C 287 12.88 33.02 13.92
C GLU C 287 11.81 34.09 13.78
N LYS C 288 11.54 34.51 12.55
CA LYS C 288 10.51 35.50 12.28
C LYS C 288 9.12 34.96 12.64
N LEU C 289 8.85 33.70 12.29
CA LEU C 289 7.57 33.09 12.60
C LEU C 289 7.45 32.78 14.09
N GLN C 290 8.57 32.42 14.71
CA GLN C 290 8.60 32.15 16.14
C GLN C 290 8.31 33.42 16.93
N SER C 291 8.92 34.53 16.52
CA SER C 291 8.73 35.81 17.18
C SER C 291 7.31 36.33 16.99
N ALA C 292 6.76 36.15 15.80
CA ALA C 292 5.38 36.54 15.53
C ALA C 292 4.44 35.75 16.42
N PHE C 293 4.75 34.47 16.60
CA PHE C 293 3.96 33.59 17.44
C PHE C 293 3.94 34.07 18.90
N PHE C 294 5.12 34.28 19.47
CA PHE C 294 5.20 34.66 20.88
C PHE C 294 4.64 36.07 21.10
N ASP C 295 4.74 36.93 20.09
CA ASP C 295 4.13 38.26 20.17
C ASP C 295 2.62 38.14 20.30
N VAL C 296 2.04 37.16 19.61
CA VAL C 296 0.61 36.92 19.64
C VAL C 296 0.15 36.42 21.01
N VAL C 297 0.79 35.36 21.50
CA VAL C 297 0.36 34.75 22.78
C VAL C 297 0.67 35.66 23.98
N ASN C 298 1.65 36.55 23.83
CA ASN C 298 2.00 37.48 24.90
C ASN C 298 1.17 38.75 24.83
N GLY C 299 0.25 38.80 23.88
CA GLY C 299 -0.65 39.93 23.74
C GLY C 299 0.02 41.22 23.31
N LYS C 300 1.03 41.11 22.44
CA LYS C 300 1.67 42.28 21.87
C LYS C 300 1.16 42.53 20.46
N SER C 301 0.37 41.59 19.95
CA SER C 301 -0.17 41.69 18.60
C SER C 301 -1.63 42.08 18.62
N ALA C 302 -1.95 43.23 18.04
CA ALA C 302 -3.31 43.75 18.04
C ALA C 302 -4.19 43.01 17.06
N LYS C 303 -3.59 42.51 15.98
CA LYS C 303 -4.35 41.87 14.91
C LYS C 303 -5.00 40.57 15.35
N HIS C 304 -4.51 39.98 16.44
CA HIS C 304 -5.03 38.68 16.87
C HIS C 304 -5.42 38.65 18.34
N ALA C 305 -5.91 39.77 18.84
CA ALA C 305 -6.38 39.86 20.22
C ALA C 305 -7.52 38.88 20.48
N ASP C 306 -8.29 38.57 19.43
CA ASP C 306 -9.43 37.67 19.56
C ASP C 306 -9.02 36.22 19.81
N TRP C 307 -7.73 35.93 19.67
CA TRP C 307 -7.21 34.59 19.93
C TRP C 307 -6.89 34.39 21.41
N LEU C 308 -6.96 35.47 22.18
CA LEU C 308 -6.61 35.42 23.60
C LEU C 308 -7.82 35.65 24.48
N THR C 309 -8.05 34.74 25.43
CA THR C 309 -9.16 34.90 26.37
C THR C 309 -8.66 35.19 27.78
N LYS C 310 -8.89 36.40 28.25
CA LYS C 310 -8.50 36.79 29.60
C LYS C 310 -9.24 35.95 30.64
N ILE C 311 -8.56 35.64 31.74
CA ILE C 311 -9.15 34.83 32.79
C ILE C 311 -10.25 35.57 33.52
N SER D 6 33.58 4.52 -27.97
CA SER D 6 34.03 4.38 -26.59
C SER D 6 34.05 5.71 -25.85
N MET D 7 33.75 5.67 -24.55
CA MET D 7 33.82 6.86 -23.72
C MET D 7 35.18 6.98 -23.02
N ALA D 8 35.87 5.85 -22.89
CA ALA D 8 37.13 5.79 -22.17
C ALA D 8 38.30 6.18 -23.06
N ASP D 9 38.26 5.74 -24.31
CA ASP D 9 39.37 5.92 -25.23
C ASP D 9 39.20 7.16 -26.10
N ARG D 10 39.67 8.30 -25.60
CA ARG D 10 39.66 9.53 -26.37
C ARG D 10 40.63 10.56 -25.80
N ASP D 11 41.02 11.53 -26.62
CA ASP D 11 41.88 12.62 -26.17
C ASP D 11 41.07 13.60 -25.33
N GLY D 12 41.74 14.27 -24.40
CA GLY D 12 41.08 15.32 -23.64
C GLY D 12 41.48 15.43 -22.19
N LYS D 13 40.72 16.21 -21.44
CA LYS D 13 40.98 16.44 -20.03
C LYS D 13 39.76 16.12 -19.17
N ILE D 14 40.03 15.47 -18.04
CA ILE D 14 39.00 15.24 -17.03
C ILE D 14 39.52 15.83 -15.72
N TRP D 15 38.65 16.58 -15.04
CA TRP D 15 38.98 17.06 -13.70
C TRP D 15 38.71 15.92 -12.73
N MET D 16 39.73 15.53 -11.97
CA MET D 16 39.57 14.44 -11.01
C MET D 16 40.32 14.73 -9.72
N ASP D 17 39.57 14.82 -8.62
CA ASP D 17 40.15 15.01 -7.29
C ASP D 17 41.12 16.19 -7.19
N GLY D 18 40.71 17.34 -7.74
CA GLY D 18 41.46 18.56 -7.54
C GLY D 18 42.31 19.02 -8.71
N LYS D 19 42.54 18.14 -9.67
CA LYS D 19 43.45 18.46 -10.78
C LYS D 19 42.94 17.96 -12.13
N LEU D 20 43.30 18.69 -13.19
CA LEU D 20 43.03 18.25 -14.56
C LEU D 20 44.03 17.18 -14.97
N ILE D 21 43.53 16.04 -15.41
CA ILE D 21 44.39 14.97 -15.91
C ILE D 21 43.98 14.59 -17.33
N GLU D 22 44.86 13.86 -18.01
CA GLU D 22 44.53 13.36 -19.35
C GLU D 22 43.34 12.42 -19.24
N TRP D 23 42.45 12.50 -20.23
CA TRP D 23 41.17 11.77 -20.23
C TRP D 23 41.33 10.29 -19.91
N ARG D 24 42.22 9.61 -20.64
CA ARG D 24 42.43 8.18 -20.49
C ARG D 24 42.99 7.77 -19.13
N ASP D 25 43.55 8.74 -18.40
CA ASP D 25 44.16 8.45 -17.10
C ASP D 25 43.15 8.41 -15.96
N ALA D 26 41.94 8.89 -16.20
CA ALA D 26 40.90 8.90 -15.18
C ALA D 26 40.37 7.49 -14.90
N LYS D 27 41.15 6.70 -14.18
CA LYS D 27 40.83 5.30 -13.94
C LYS D 27 40.70 4.98 -12.44
N ILE D 28 39.95 3.93 -12.13
CA ILE D 28 39.82 3.43 -10.78
C ILE D 28 39.96 1.89 -10.75
N HIS D 29 40.18 1.33 -9.57
CA HIS D 29 40.25 -0.12 -9.42
C HIS D 29 38.86 -0.75 -9.49
N VAL D 30 38.80 -2.01 -9.92
CA VAL D 30 37.55 -2.74 -9.98
C VAL D 30 36.95 -2.94 -8.58
N LEU D 31 37.79 -2.86 -7.56
CA LEU D 31 37.31 -3.00 -6.18
C LEU D 31 36.95 -1.64 -5.59
N THR D 32 36.21 -0.87 -6.38
CA THR D 32 35.71 0.43 -5.95
C THR D 32 34.32 0.28 -5.34
N HIS D 33 34.14 0.83 -4.14
CA HIS D 33 32.93 0.68 -3.34
C HIS D 33 31.65 0.94 -4.15
N THR D 34 31.60 2.09 -4.81
CA THR D 34 30.42 2.47 -5.59
C THR D 34 30.10 1.46 -6.70
N LEU D 35 31.14 0.84 -7.26
CA LEU D 35 30.95 -0.15 -8.32
C LEU D 35 30.19 -1.36 -7.79
N HIS D 36 30.42 -1.70 -6.53
CA HIS D 36 29.80 -2.87 -5.91
C HIS D 36 28.49 -2.58 -5.17
N TYR D 37 28.33 -1.36 -4.66
CA TYR D 37 27.25 -1.09 -3.72
C TYR D 37 26.37 0.10 -4.08
N GLY D 38 26.67 0.75 -5.21
CA GLY D 38 25.77 1.70 -5.81
C GLY D 38 25.66 3.10 -5.21
N MET D 39 26.32 3.35 -4.07
CA MET D 39 26.22 4.68 -3.48
C MET D 39 27.22 5.65 -4.10
N GLY D 40 26.72 6.42 -5.06
CA GLY D 40 27.48 7.48 -5.70
C GLY D 40 26.47 8.48 -6.19
N VAL D 41 26.89 9.71 -6.43
CA VAL D 41 25.98 10.74 -6.91
C VAL D 41 26.57 11.44 -8.12
N PHE D 42 25.70 11.87 -9.05
CA PHE D 42 26.14 12.53 -10.25
C PHE D 42 25.17 13.63 -10.69
N GLU D 43 25.57 14.37 -11.71
CA GLU D 43 24.75 15.43 -12.29
C GLU D 43 24.80 15.40 -13.80
N GLY D 44 23.81 16.02 -14.42
CA GLY D 44 23.82 16.25 -15.85
C GLY D 44 23.72 17.73 -16.10
N VAL D 45 24.73 18.31 -16.75
CA VAL D 45 24.76 19.74 -17.00
C VAL D 45 25.09 20.02 -18.46
N ARG D 46 24.42 20.99 -19.05
CA ARG D 46 24.68 21.36 -20.44
C ARG D 46 25.31 22.73 -20.57
N ALA D 47 26.25 22.85 -21.53
CA ALA D 47 26.71 24.15 -21.99
C ALA D 47 26.21 24.34 -23.41
N TYR D 48 25.68 25.52 -23.70
CA TYR D 48 25.16 25.82 -25.03
C TYR D 48 26.01 26.87 -25.72
N LYS D 49 26.02 26.84 -27.05
CA LYS D 49 26.60 27.92 -27.82
C LYS D 49 25.60 29.07 -27.85
N THR D 50 25.91 30.15 -27.15
CA THR D 50 25.00 31.29 -27.07
C THR D 50 25.00 32.09 -28.37
N ALA D 51 23.99 32.95 -28.52
CA ALA D 51 23.76 33.66 -29.78
C ALA D 51 24.85 34.68 -30.10
N ASP D 52 25.74 34.93 -29.13
CA ASP D 52 26.82 35.89 -29.34
C ASP D 52 28.13 35.19 -29.69
N GLY D 53 28.04 33.89 -29.99
CA GLY D 53 29.20 33.11 -30.37
C GLY D 53 29.85 32.39 -29.20
N GLY D 54 29.62 32.91 -27.99
CA GLY D 54 30.23 32.35 -26.81
C GLY D 54 29.61 31.04 -26.36
N THR D 55 30.03 30.57 -25.18
CA THR D 55 29.51 29.36 -24.60
C THR D 55 29.15 29.63 -23.14
N ALA D 56 28.00 29.12 -22.72
CA ALA D 56 27.55 29.30 -21.35
C ALA D 56 26.94 28.02 -20.78
N ILE D 57 27.26 27.73 -19.53
CA ILE D 57 26.67 26.60 -18.83
C ILE D 57 25.34 27.01 -18.22
N PHE D 58 24.30 26.22 -18.45
CA PHE D 58 22.96 26.56 -17.98
C PHE D 58 22.71 26.09 -16.54
N ARG D 59 22.42 27.06 -15.67
CA ARG D 59 22.10 26.83 -14.27
C ARG D 59 23.15 25.98 -13.55
N LEU D 60 24.40 26.38 -13.72
CA LEU D 60 25.55 25.74 -13.08
C LEU D 60 25.42 25.73 -11.56
N LYS D 61 25.04 26.87 -10.99
CA LYS D 61 24.90 26.99 -9.54
C LYS D 61 23.88 26.01 -8.98
N GLU D 62 22.72 25.90 -9.62
CA GLU D 62 21.67 25.01 -9.12
CA GLU D 62 21.66 25.02 -9.17
C GLU D 62 22.06 23.54 -9.26
N HIS D 63 22.68 23.17 -10.38
CA HIS D 63 23.13 21.80 -10.58
C HIS D 63 24.22 21.41 -9.59
N THR D 64 25.12 22.34 -9.29
CA THR D 64 26.23 22.05 -8.39
C THR D 64 25.76 22.02 -6.94
N LYS D 65 24.76 22.84 -6.64
CA LYS D 65 24.12 22.82 -5.33
C LYS D 65 23.43 21.47 -5.11
N ARG D 66 22.76 20.96 -6.14
CA ARG D 66 22.06 19.68 -6.02
C ARG D 66 23.05 18.53 -5.89
N LEU D 67 24.16 18.62 -6.61
CA LEU D 67 25.22 17.62 -6.53
C LEU D 67 25.70 17.43 -5.10
N LEU D 68 26.00 18.55 -4.42
CA LEU D 68 26.45 18.50 -3.04
C LEU D 68 25.32 18.09 -2.09
N ASN D 69 24.09 18.49 -2.40
CA ASN D 69 22.94 18.06 -1.60
C ASN D 69 22.70 16.56 -1.73
N SER D 70 22.95 16.01 -2.92
CA SER D 70 22.85 14.57 -3.13
C SER D 70 23.84 13.85 -2.23
N ALA D 71 25.08 14.34 -2.24
CA ALA D 71 26.11 13.81 -1.36
C ALA D 71 25.70 13.96 0.11
N LYS D 72 25.11 15.11 0.46
CA LYS D 72 24.74 15.38 1.83
C LYS D 72 23.68 14.39 2.33
N ILE D 73 22.75 14.03 1.45
CA ILE D 73 21.72 13.05 1.77
C ILE D 73 22.35 11.71 2.18
N PHE D 74 23.42 11.33 1.50
CA PHE D 74 24.13 10.07 1.78
C PHE D 74 25.21 10.21 2.86
N GLN D 75 25.35 11.40 3.42
CA GLN D 75 26.42 11.72 4.38
C GLN D 75 27.83 11.49 3.80
N MET D 76 27.98 11.77 2.51
CA MET D 76 29.29 11.68 1.89
C MET D 76 30.01 13.01 2.02
N ASP D 77 31.16 12.99 2.69
CA ASP D 77 31.95 14.20 2.90
C ASP D 77 32.75 14.52 1.64
N VAL D 78 32.28 15.52 0.89
CA VAL D 78 32.95 15.92 -0.36
C VAL D 78 34.08 16.89 -0.06
N PRO D 79 35.30 16.54 -0.47
CA PRO D 79 36.50 17.35 -0.15
C PRO D 79 36.64 18.64 -0.97
N PHE D 80 35.56 19.11 -1.59
CA PHE D 80 35.61 20.36 -2.36
C PHE D 80 34.32 21.16 -2.17
N ASP D 81 34.44 22.48 -2.06
CA ASP D 81 33.25 23.31 -1.89
C ASP D 81 32.61 23.62 -3.23
N GLN D 82 31.46 24.28 -3.20
CA GLN D 82 30.67 24.54 -4.40
C GLN D 82 31.41 25.48 -5.37
N GLU D 83 32.13 26.47 -4.83
CA GLU D 83 32.87 27.39 -5.66
C GLU D 83 33.91 26.66 -6.51
N THR D 84 34.60 25.71 -5.89
CA THR D 84 35.64 24.95 -6.58
C THR D 84 35.08 24.06 -7.68
N LEU D 85 33.96 23.38 -7.39
CA LEU D 85 33.36 22.48 -8.37
C LEU D 85 32.76 23.23 -9.55
N GLU D 86 32.23 24.43 -9.29
CA GLU D 86 31.72 25.27 -10.36
C GLU D 86 32.84 25.68 -11.30
N ALA D 87 33.96 26.11 -10.73
CA ALA D 87 35.12 26.51 -11.51
C ALA D 87 35.71 25.33 -12.27
N ALA D 88 35.76 24.18 -11.61
CA ALA D 88 36.26 22.95 -12.21
C ALA D 88 35.47 22.59 -13.45
N GLN D 89 34.15 22.70 -13.35
CA GLN D 89 33.27 22.42 -14.48
C GLN D 89 33.52 23.38 -15.63
N ARG D 90 33.71 24.65 -15.31
CA ARG D 90 34.03 25.65 -16.32
C ARG D 90 35.36 25.34 -17.01
N ASP D 91 36.36 24.96 -16.21
CA ASP D 91 37.68 24.58 -16.74
C ASP D 91 37.58 23.40 -17.70
N VAL D 92 36.78 22.41 -17.34
CA VAL D 92 36.62 21.21 -18.13
C VAL D 92 36.08 21.54 -19.52
N VAL D 93 35.09 22.43 -19.56
CA VAL D 93 34.53 22.88 -20.84
C VAL D 93 35.57 23.68 -21.61
N ARG D 94 36.31 24.53 -20.92
CA ARG D 94 37.32 25.38 -21.56
C ARG D 94 38.48 24.56 -22.10
N GLU D 95 39.05 23.70 -21.25
CA GLU D 95 40.27 22.99 -21.59
C GLU D 95 40.04 21.85 -22.59
N ASN D 96 38.78 21.53 -22.87
CA ASN D 96 38.47 20.58 -23.92
C ASN D 96 38.00 21.30 -25.18
N LYS D 97 38.04 22.63 -25.14
CA LYS D 97 37.70 23.49 -26.28
C LYS D 97 36.32 23.18 -26.86
N LEU D 98 35.34 22.96 -25.98
CA LEU D 98 33.99 22.59 -26.41
C LEU D 98 33.08 23.80 -26.50
N GLU D 99 32.48 24.01 -27.66
CA GLU D 99 31.56 25.13 -27.87
C GLU D 99 30.18 24.80 -27.30
N SER D 100 29.85 23.53 -27.26
CA SER D 100 28.60 23.06 -26.64
C SER D 100 28.78 21.62 -26.20
N CYS D 101 28.24 21.26 -25.05
CA CYS D 101 28.56 19.95 -24.47
C CYS D 101 27.67 19.56 -23.31
N TYR D 102 27.81 18.29 -22.92
CA TYR D 102 27.19 17.74 -21.73
C TYR D 102 28.24 17.50 -20.68
N LEU D 103 28.05 18.07 -19.50
CA LEU D 103 28.95 17.85 -18.37
C LEU D 103 28.42 16.76 -17.46
N ARG D 104 29.29 15.84 -17.04
CA ARG D 104 28.94 14.80 -16.08
C ARG D 104 29.88 14.82 -14.88
N PRO D 105 29.49 15.57 -13.83
CA PRO D 105 30.17 15.45 -12.54
C PRO D 105 29.71 14.18 -11.86
N ILE D 106 30.61 13.48 -11.19
CA ILE D 106 30.22 12.30 -10.41
C ILE D 106 31.07 12.22 -9.16
N ILE D 107 30.41 11.93 -8.04
CA ILE D 107 31.08 11.76 -6.76
C ILE D 107 30.89 10.33 -6.30
N TRP D 108 31.96 9.64 -5.97
CA TRP D 108 31.82 8.25 -5.56
C TRP D 108 32.74 7.84 -4.41
N ILE D 109 32.50 6.64 -3.92
CA ILE D 109 33.20 6.09 -2.77
C ILE D 109 34.25 5.12 -3.26
N GLY D 110 35.49 5.31 -2.80
CA GLY D 110 36.66 4.67 -3.38
C GLY D 110 36.93 3.23 -3.02
N SER D 111 38.22 2.86 -3.10
CA SER D 111 38.62 1.47 -3.03
C SER D 111 39.47 1.14 -1.80
N GLU D 112 39.26 1.86 -0.71
CA GLU D 112 39.99 1.58 0.52
C GLU D 112 39.42 0.36 1.25
N LYS D 113 38.09 0.23 1.22
CA LYS D 113 37.39 -0.83 1.94
C LYS D 113 36.14 -1.28 1.19
N LEU D 114 35.86 -2.59 1.23
CA LEU D 114 34.71 -3.13 0.50
C LEU D 114 33.68 -3.83 1.38
N GLY D 115 33.60 -3.44 2.65
CA GLY D 115 32.46 -3.85 3.45
C GLY D 115 31.27 -3.00 3.03
N VAL D 116 30.08 -3.36 3.48
CA VAL D 116 28.93 -2.50 3.23
C VAL D 116 29.16 -1.15 3.94
N SER D 117 29.82 -1.23 5.09
CA SER D 117 29.92 -0.13 6.04
C SER D 117 30.81 1.04 5.64
N ALA D 118 30.73 1.44 4.36
CA ALA D 118 31.34 2.63 3.75
C ALA D 118 32.41 3.48 4.48
N LYS D 119 32.55 3.33 5.80
CA LYS D 119 33.47 4.18 6.58
C LYS D 119 34.92 4.03 6.14
N GLY D 120 35.64 5.15 6.11
CA GLY D 120 37.07 5.14 5.88
C GLY D 120 37.51 5.10 4.43
N ASN D 121 36.57 5.26 3.50
CA ASN D 121 36.93 5.30 2.09
C ASN D 121 37.14 6.72 1.60
N THR D 122 37.83 6.86 0.48
CA THR D 122 38.01 8.16 -0.14
C THR D 122 36.76 8.56 -0.92
N ILE D 123 36.37 9.81 -0.77
CA ILE D 123 35.28 10.37 -1.57
C ILE D 123 35.87 11.04 -2.80
N HIS D 124 35.77 10.36 -3.94
CA HIS D 124 36.32 10.86 -5.19
C HIS D 124 35.32 11.76 -5.94
N VAL D 125 35.86 12.71 -6.70
CA VAL D 125 35.06 13.55 -7.58
C VAL D 125 35.71 13.63 -8.96
N ALA D 126 34.93 13.41 -10.01
CA ALA D 126 35.43 13.61 -11.37
C ALA D 126 34.41 14.35 -12.21
N ILE D 127 34.90 15.12 -13.17
CA ILE D 127 34.06 15.88 -14.08
C ILE D 127 34.54 15.69 -15.51
N ALA D 128 33.71 15.06 -16.34
CA ALA D 128 34.02 14.88 -17.75
C ALA D 128 32.99 15.64 -18.59
N ALA D 129 33.30 15.85 -19.86
CA ALA D 129 32.38 16.52 -20.76
C ALA D 129 32.54 16.04 -22.20
N TRP D 130 31.43 16.02 -22.93
CA TRP D 130 31.43 15.64 -24.34
C TRP D 130 30.24 16.24 -25.07
N PRO D 131 30.38 16.46 -26.39
CA PRO D 131 29.22 16.88 -27.19
C PRO D 131 28.13 15.80 -27.21
N TRP D 132 26.88 16.22 -27.01
CA TRP D 132 25.78 15.27 -26.95
C TRP D 132 24.54 15.86 -27.61
N GLY D 133 23.99 15.15 -28.58
CA GLY D 133 22.83 15.62 -29.30
C GLY D 133 21.55 15.46 -28.50
N ALA D 134 20.43 15.51 -29.18
CA ALA D 134 19.14 15.32 -28.53
C ALA D 134 19.04 13.91 -27.95
N TYR D 135 18.77 13.81 -26.65
CA TYR D 135 18.77 12.52 -25.98
C TYR D 135 17.75 11.55 -26.61
N LEU D 136 16.57 12.07 -26.94
CA LEU D 136 15.51 11.24 -27.50
C LEU D 136 15.36 11.43 -29.01
N GLY D 137 16.43 11.84 -29.66
CA GLY D 137 16.42 12.03 -31.10
C GLY D 137 16.01 13.44 -31.49
N GLU D 138 16.60 13.94 -32.58
CA GLU D 138 16.31 15.28 -33.06
C GLU D 138 14.91 15.37 -33.66
N GLU D 139 14.49 14.30 -34.32
CA GLU D 139 13.16 14.24 -34.91
C GLU D 139 12.09 14.24 -33.81
N GLY D 140 12.43 13.67 -32.66
CA GLY D 140 11.52 13.61 -31.53
C GLY D 140 11.25 14.98 -30.93
N LEU D 141 12.26 15.84 -30.97
CA LEU D 141 12.14 17.20 -30.44
C LEU D 141 11.06 18.00 -31.15
N ALA D 142 10.93 17.78 -32.45
CA ALA D 142 10.02 18.58 -33.27
C ALA D 142 8.69 17.89 -33.50
N LYS D 143 8.69 16.56 -33.52
CA LYS D 143 7.50 15.82 -33.88
C LYS D 143 6.90 15.05 -32.72
N GLY D 144 7.65 14.91 -31.63
CA GLY D 144 7.18 14.18 -30.47
C GLY D 144 7.52 12.70 -30.57
N ILE D 145 7.59 12.03 -29.42
CA ILE D 145 8.03 10.65 -29.41
C ILE D 145 6.91 9.70 -28.96
N ARG D 146 7.14 8.40 -29.18
CA ARG D 146 6.21 7.37 -28.75
C ARG D 146 6.68 6.75 -27.42
N VAL D 147 5.80 6.76 -26.42
CA VAL D 147 6.17 6.36 -25.07
C VAL D 147 5.35 5.15 -24.59
N LYS D 148 5.99 4.26 -23.83
CA LYS D 148 5.32 3.10 -23.26
C LYS D 148 5.32 3.19 -21.75
N THR D 149 4.14 3.03 -21.14
CA THR D 149 4.08 2.91 -19.69
C THR D 149 4.79 1.61 -19.28
N SER D 150 5.75 1.73 -18.37
CA SER D 150 6.55 0.57 -17.98
C SER D 150 5.80 -0.35 -17.01
N SER D 151 6.17 -1.63 -17.00
CA SER D 151 5.60 -2.56 -16.03
C SER D 151 6.45 -2.58 -14.76
N PHE D 152 7.59 -1.89 -14.78
CA PHE D 152 8.40 -1.70 -13.58
C PHE D 152 7.95 -0.44 -12.83
N THR D 153 7.90 -0.53 -11.50
CA THR D 153 7.38 0.56 -10.68
C THR D 153 8.49 1.54 -10.28
N ARG D 154 8.16 2.82 -10.27
CA ARG D 154 9.09 3.88 -9.88
C ARG D 154 9.40 3.83 -8.38
N HIS D 155 10.65 4.19 -8.03
CA HIS D 155 11.16 4.20 -6.67
C HIS D 155 10.19 4.58 -5.55
N HIS D 156 10.26 3.84 -4.45
CA HIS D 156 9.55 4.11 -3.20
C HIS D 156 10.35 5.14 -2.38
N VAL D 157 9.70 6.19 -1.89
CA VAL D 157 10.42 7.32 -1.30
C VAL D 157 11.05 7.08 0.07
N ASN D 158 10.80 5.93 0.69
CA ASN D 158 11.53 5.59 1.91
C ASN D 158 12.40 4.35 1.72
N VAL D 159 12.53 3.93 0.47
CA VAL D 159 13.47 2.89 0.10
C VAL D 159 14.67 3.58 -0.58
N SER D 160 14.36 4.38 -1.59
CA SER D 160 15.33 5.22 -2.27
C SER D 160 15.13 6.67 -1.87
N MET D 161 16.23 7.42 -1.78
CA MET D 161 16.16 8.85 -1.52
C MET D 161 16.07 9.58 -2.86
N VAL D 162 14.85 9.83 -3.32
CA VAL D 162 14.60 10.22 -4.70
C VAL D 162 14.99 11.66 -5.04
N ARG D 163 15.37 12.46 -4.05
CA ARG D 163 15.82 13.82 -4.34
C ARG D 163 17.32 13.82 -4.67
N ALA D 164 17.99 12.71 -4.37
CA ALA D 164 19.38 12.53 -4.74
C ALA D 164 19.46 11.86 -6.10
N1 LLP D 165 14.15 12.48 -13.75
C2 LLP D 165 15.12 11.64 -13.35
C2' LLP D 165 14.80 10.30 -12.73
C3 LLP D 165 16.54 12.02 -13.50
O3 LLP D 165 17.54 11.19 -13.11
C4 LLP D 165 16.84 13.33 -14.11
C4' LLP D 165 18.28 13.77 -14.28
C5 LLP D 165 15.68 14.16 -14.50
C6 LLP D 165 14.39 13.68 -14.30
C5' LLP D 165 15.91 15.51 -15.13
OP4 LLP D 165 16.29 16.46 -14.15
P LLP D 165 17.03 17.81 -14.59
OP1 LLP D 165 18.09 17.35 -15.56
OP2 LLP D 165 15.94 18.63 -15.22
OP3 LLP D 165 17.59 18.33 -13.28
N LLP D 165 20.30 12.39 -6.98
CA LLP D 165 20.56 11.79 -8.28
CB LLP D 165 21.03 12.88 -9.23
CG LLP D 165 20.43 12.75 -10.64
CD LLP D 165 20.88 13.94 -11.49
CE LLP D 165 20.42 13.83 -12.94
NZ LLP D 165 18.99 13.53 -13.04
C LLP D 165 21.67 10.82 -8.02
O LLP D 165 22.86 11.18 -8.12
N ALA D 166 21.31 9.60 -7.64
CA ALA D 166 22.28 8.62 -7.18
C ALA D 166 22.46 7.49 -8.19
N SER D 167 23.69 7.00 -8.29
CA SER D 167 24.03 5.95 -9.24
C SER D 167 23.10 4.75 -9.15
N GLY D 168 22.92 4.25 -7.94
CA GLY D 168 22.20 3.00 -7.73
C GLY D 168 20.73 3.05 -8.11
N TRP D 169 20.15 4.25 -8.15
CA TRP D 169 18.75 4.39 -8.50
C TRP D 169 18.44 4.01 -9.94
N TYR D 170 19.46 3.96 -10.80
CA TYR D 170 19.17 3.90 -12.23
C TYR D 170 19.08 2.49 -12.81
N VAL D 171 19.24 1.48 -11.97
CA VAL D 171 18.87 0.13 -12.36
C VAL D 171 17.39 0.09 -12.76
N ASN D 172 16.58 0.74 -11.94
CA ASN D 172 15.15 0.88 -12.19
C ASN D 172 14.88 1.59 -13.52
N SER D 173 15.57 2.70 -13.74
CA SER D 173 15.47 3.44 -14.99
C SER D 173 15.91 2.61 -16.20
N ILE D 174 16.99 1.84 -16.06
CA ILE D 174 17.48 1.02 -17.16
C ILE D 174 16.44 -0.04 -17.50
N LEU D 175 15.91 -0.69 -16.47
CA LEU D 175 14.93 -1.75 -16.67
C LEU D 175 13.70 -1.24 -17.41
N ALA D 176 13.19 -0.08 -17.01
CA ALA D 176 12.02 0.50 -17.66
C ALA D 176 12.36 0.96 -19.09
N ASN D 177 13.48 1.66 -19.24
CA ASN D 177 13.87 2.12 -20.57
C ASN D 177 14.12 0.97 -21.54
N GLN D 178 14.78 -0.09 -21.06
CA GLN D 178 15.05 -1.26 -21.91
C GLN D 178 13.75 -1.93 -22.34
N GLU D 179 12.78 -1.95 -21.44
CA GLU D 179 11.48 -2.57 -21.75
C GLU D 179 10.80 -1.82 -22.88
N ALA D 180 10.79 -0.49 -22.78
CA ALA D 180 10.17 0.35 -23.81
C ALA D 180 10.89 0.25 -25.17
N THR D 181 12.22 0.34 -25.16
CA THR D 181 12.97 0.35 -26.42
C THR D 181 12.95 -1.02 -27.11
N ALA D 182 13.01 -2.09 -26.32
CA ALA D 182 12.98 -3.44 -26.87
C ALA D 182 11.73 -3.69 -27.72
N ASP D 183 10.64 -3.00 -27.41
CA ASP D 183 9.42 -3.15 -28.18
C ASP D 183 9.15 -1.97 -29.11
N GLY D 184 10.21 -1.23 -29.46
CA GLY D 184 10.13 -0.22 -30.50
C GLY D 184 9.63 1.16 -30.10
N TYR D 185 9.45 1.40 -28.80
CA TYR D 185 9.05 2.71 -28.32
C TYR D 185 10.30 3.56 -28.06
N ASP D 186 10.11 4.87 -27.92
CA ASP D 186 11.23 5.79 -27.75
C ASP D 186 11.70 5.92 -26.30
N GLU D 187 10.78 5.79 -25.35
CA GLU D 187 11.10 5.98 -23.93
C GLU D 187 10.00 5.40 -23.04
N ALA D 188 10.33 5.12 -21.78
CA ALA D 188 9.36 4.58 -20.82
C ALA D 188 8.80 5.64 -19.88
N LEU D 189 7.54 5.45 -19.49
CA LEU D 189 6.91 6.28 -18.47
C LEU D 189 6.64 5.40 -17.25
N LEU D 190 7.05 5.85 -16.07
CA LEU D 190 6.90 5.03 -14.88
C LEU D 190 5.80 5.52 -13.95
N LEU D 191 5.04 4.58 -13.41
CA LEU D 191 4.03 4.88 -12.40
C LEU D 191 4.65 4.64 -11.03
N ASP D 192 4.19 5.39 -10.02
CA ASP D 192 4.69 5.18 -8.67
C ASP D 192 4.02 3.96 -8.04
N VAL D 193 4.34 3.68 -6.77
CA VAL D 193 3.84 2.49 -6.10
C VAL D 193 2.30 2.49 -5.96
N ASP D 194 1.66 3.64 -6.19
CA ASP D 194 0.21 3.74 -6.08
C ASP D 194 -0.48 3.73 -7.46
N GLY D 195 0.32 3.67 -8.52
CA GLY D 195 -0.24 3.60 -9.85
C GLY D 195 -0.41 4.94 -10.57
N TYR D 196 0.07 6.01 -9.95
CA TYR D 196 0.03 7.34 -10.57
C TYR D 196 1.30 7.64 -11.37
N VAL D 197 1.16 8.43 -12.43
CA VAL D 197 2.30 8.82 -13.24
C VAL D 197 3.33 9.57 -12.41
N SER D 198 4.58 9.11 -12.42
CA SER D 198 5.65 9.78 -11.67
C SER D 198 6.58 10.55 -12.59
N GLU D 199 7.33 9.82 -13.41
CA GLU D 199 8.17 10.44 -14.43
C GLU D 199 8.66 9.42 -15.46
N GLY D 200 9.41 9.89 -16.45
CA GLY D 200 10.05 9.00 -17.39
C GLY D 200 11.25 8.37 -16.72
N SER D 201 11.94 7.48 -17.43
CA SER D 201 13.11 6.81 -16.84
C SER D 201 14.23 7.81 -16.57
N GLY D 202 14.29 8.88 -17.34
CA GLY D 202 15.28 9.93 -17.10
C GLY D 202 14.76 11.33 -17.34
N GLU D 203 13.45 11.50 -17.21
CA GLU D 203 12.78 12.76 -17.52
C GLU D 203 11.65 13.04 -16.54
N ASN D 204 11.39 14.31 -16.25
CA ASN D 204 10.15 14.67 -15.56
C ASN D 204 9.04 14.73 -16.59
N PHE D 205 7.79 14.67 -16.13
CA PHE D 205 6.66 14.58 -17.03
C PHE D 205 5.66 15.73 -16.86
N PHE D 206 5.13 16.21 -17.98
CA PHE D 206 4.11 17.25 -18.01
C PHE D 206 2.98 16.86 -18.95
N LEU D 207 1.77 17.30 -18.63
CA LEU D 207 0.69 17.27 -19.62
C LEU D 207 0.02 18.64 -19.71
N VAL D 208 -0.65 18.89 -20.82
CA VAL D 208 -1.40 20.10 -21.01
C VAL D 208 -2.87 19.78 -21.24
N ASN D 209 -3.75 20.43 -20.49
CA ASN D 209 -5.18 20.23 -20.70
C ASN D 209 -5.94 21.51 -20.48
N ARG D 210 -6.80 21.84 -21.45
CA ARG D 210 -7.63 23.04 -21.40
C ARG D 210 -6.84 24.30 -21.05
N GLY D 211 -5.71 24.49 -21.72
CA GLY D 211 -4.90 25.69 -21.56
C GLY D 211 -4.04 25.76 -20.31
N LYS D 212 -4.07 24.71 -19.49
CA LYS D 212 -3.32 24.68 -18.24
C LYS D 212 -2.21 23.63 -18.28
N LEU D 213 -1.13 23.89 -17.56
CA LEU D 213 -0.01 22.97 -17.48
C LEU D 213 -0.08 22.14 -16.21
N TYR D 214 -0.02 20.83 -16.37
CA TYR D 214 -0.10 19.89 -15.25
C TYR D 214 1.19 19.07 -15.13
N THR D 215 1.60 18.79 -13.89
CA THR D 215 2.74 17.93 -13.65
C THR D 215 2.54 17.18 -12.34
N PRO D 216 3.03 15.93 -12.24
CA PRO D 216 2.95 15.19 -10.98
C PRO D 216 3.55 16.02 -9.85
N ASP D 217 2.95 15.97 -8.66
CA ASP D 217 3.50 16.73 -7.54
C ASP D 217 4.88 16.18 -7.20
N LEU D 218 5.67 16.99 -6.52
CA LEU D 218 7.04 16.61 -6.19
C LEU D 218 7.01 15.57 -5.08
N ALA D 219 6.64 14.35 -5.45
CA ALA D 219 6.47 13.27 -4.50
C ALA D 219 7.56 12.22 -4.67
N SER D 220 7.37 11.31 -5.63
CA SER D 220 8.35 10.25 -5.87
C SER D 220 9.35 10.60 -6.97
N CYS D 221 9.18 11.77 -7.58
CA CYS D 221 10.03 12.15 -8.69
C CYS D 221 11.20 13.04 -8.24
N LEU D 222 12.22 13.12 -9.09
CA LEU D 222 13.35 14.00 -8.83
C LEU D 222 12.92 15.47 -8.94
N ASP D 223 13.52 16.33 -8.13
CA ASP D 223 13.26 17.76 -8.23
C ASP D 223 14.02 18.33 -9.42
N GLY D 224 13.53 18.04 -10.62
CA GLY D 224 14.20 18.41 -11.85
C GLY D 224 14.44 19.89 -12.03
N ILE D 225 15.63 20.24 -12.49
CA ILE D 225 15.98 21.63 -12.72
C ILE D 225 15.34 22.12 -14.02
N THR D 226 15.18 21.23 -14.99
CA THR D 226 14.48 21.59 -16.22
C THR D 226 13.00 21.73 -15.93
N ARG D 227 12.49 20.82 -15.11
CA ARG D 227 11.13 20.89 -14.62
C ARG D 227 10.87 22.28 -14.00
N ASP D 228 11.77 22.68 -13.12
CA ASP D 228 11.65 23.97 -12.45
C ASP D 228 11.72 25.12 -13.45
N THR D 229 12.62 25.01 -14.42
CA THR D 229 12.78 26.03 -15.45
C THR D 229 11.49 26.20 -16.23
N VAL D 230 10.91 25.08 -16.66
CA VAL D 230 9.69 25.10 -17.46
C VAL D 230 8.51 25.69 -16.68
N ILE D 231 8.37 25.30 -15.42
CA ILE D 231 7.30 25.82 -14.58
C ILE D 231 7.40 27.34 -14.42
N THR D 232 8.62 27.83 -14.24
CA THR D 232 8.85 29.27 -14.12
C THR D 232 8.51 30.01 -15.43
N LEU D 233 8.98 29.47 -16.55
CA LEU D 233 8.68 30.06 -17.85
C LEU D 233 7.19 30.05 -18.15
N ALA D 234 6.52 28.96 -17.79
CA ALA D 234 5.09 28.83 -17.96
C ALA D 234 4.33 29.93 -17.22
N LYS D 235 4.67 30.11 -15.94
CA LYS D 235 4.01 31.11 -15.11
C LYS D 235 4.25 32.52 -15.66
N GLU D 236 5.45 32.75 -16.16
CA GLU D 236 5.80 34.05 -16.74
C GLU D 236 5.06 34.26 -18.06
N ALA D 237 4.59 33.18 -18.67
CA ALA D 237 3.84 33.27 -19.92
C ALA D 237 2.33 33.37 -19.64
N GLY D 238 1.96 33.42 -18.37
CA GLY D 238 0.56 33.53 -17.98
C GLY D 238 -0.16 32.20 -18.00
N ILE D 239 0.60 31.13 -18.10
CA ILE D 239 0.03 29.78 -18.10
C ILE D 239 -0.08 29.24 -16.68
N GLU D 240 -1.29 28.91 -16.26
CA GLU D 240 -1.51 28.34 -14.93
C GLU D 240 -0.85 26.97 -14.82
N VAL D 241 -0.13 26.75 -13.72
CA VAL D 241 0.55 25.49 -13.50
C VAL D 241 -0.10 24.76 -12.32
N ILE D 242 -0.42 23.48 -12.52
CA ILE D 242 -1.05 22.69 -11.48
C ILE D 242 -0.26 21.42 -11.20
N GLU D 243 0.09 21.22 -9.94
CA GLU D 243 0.73 19.99 -9.50
C GLU D 243 -0.31 19.10 -8.82
N LYS D 244 -0.41 17.85 -9.27
CA LYS D 244 -1.45 16.94 -8.76
C LYS D 244 -1.04 15.51 -9.05
N ARG D 245 -1.81 14.56 -8.53
CA ARG D 245 -1.63 13.17 -8.90
C ARG D 245 -2.30 12.97 -10.25
N ILE D 246 -1.57 12.34 -11.18
CA ILE D 246 -2.04 12.12 -12.55
C ILE D 246 -2.15 10.64 -12.88
N THR D 247 -3.29 10.22 -13.40
CA THR D 247 -3.47 8.82 -13.80
C THR D 247 -3.04 8.63 -15.25
N ARG D 248 -2.75 7.40 -15.64
CA ARG D 248 -2.29 7.14 -17.01
C ARG D 248 -3.36 7.48 -18.04
N ASP D 249 -4.63 7.25 -17.70
CA ASP D 249 -5.71 7.54 -18.65
C ASP D 249 -5.99 9.03 -18.70
N GLU D 250 -5.53 9.76 -17.70
CA GLU D 250 -5.52 11.22 -17.75
C GLU D 250 -4.54 11.71 -18.83
N VAL D 251 -3.47 10.95 -19.05
CA VAL D 251 -2.54 11.29 -20.12
C VAL D 251 -3.14 10.96 -21.48
N TYR D 252 -3.79 9.80 -21.58
CA TYR D 252 -4.40 9.35 -22.83
C TYR D 252 -5.34 10.40 -23.39
N THR D 253 -5.99 11.15 -22.50
CA THR D 253 -7.03 12.09 -22.90
C THR D 253 -6.59 13.56 -22.77
N ALA D 254 -5.30 13.79 -22.55
CA ALA D 254 -4.78 15.14 -22.43
C ALA D 254 -4.63 15.79 -23.81
N ASP D 255 -4.59 17.11 -23.84
CA ASP D 255 -4.39 17.84 -25.10
C ASP D 255 -2.96 17.67 -25.58
N GLU D 256 -2.01 17.77 -24.65
CA GLU D 256 -0.58 17.67 -24.99
C GLU D 256 0.16 16.97 -23.87
N ALA D 257 1.37 16.51 -24.15
CA ALA D 257 2.26 15.96 -23.13
C ALA D 257 3.72 16.08 -23.55
N PHE D 258 4.61 16.26 -22.59
CA PHE D 258 6.04 16.29 -22.90
C PHE D 258 6.94 15.89 -21.73
N PHE D 259 8.18 15.53 -22.07
CA PHE D 259 9.23 15.21 -21.11
C PHE D 259 10.16 16.40 -20.91
N THR D 260 10.69 16.58 -19.70
CA THR D 260 11.77 17.54 -19.46
C THR D 260 12.95 16.90 -18.76
N GLY D 261 14.15 17.36 -19.09
CA GLY D 261 15.37 16.89 -18.46
C GLY D 261 16.57 17.63 -19.04
N THR D 262 17.73 17.52 -18.41
CA THR D 262 18.91 18.21 -18.93
C THR D 262 19.32 17.59 -20.27
N ALA D 263 19.43 16.28 -20.30
CA ALA D 263 19.78 15.58 -21.52
C ALA D 263 18.64 15.67 -22.54
N ALA D 264 17.42 15.46 -22.06
CA ALA D 264 16.24 15.39 -22.92
C ALA D 264 15.65 16.76 -23.27
N GLU D 265 16.13 17.81 -22.61
CA GLU D 265 15.62 19.17 -22.81
C GLU D 265 14.09 19.17 -22.71
N VAL D 266 13.39 19.71 -23.70
CA VAL D 266 11.93 19.61 -23.73
C VAL D 266 11.49 18.75 -24.90
N THR D 267 10.98 17.56 -24.60
CA THR D 267 10.64 16.59 -25.63
C THR D 267 9.15 16.25 -25.63
N PRO D 268 8.46 16.57 -26.74
CA PRO D 268 7.02 16.31 -26.85
C PRO D 268 6.71 14.82 -26.88
N ILE D 269 5.56 14.44 -26.33
CA ILE D 269 5.11 13.06 -26.37
C ILE D 269 3.84 12.99 -27.22
N ARG D 270 3.93 12.33 -28.36
CA ARG D 270 2.82 12.31 -29.29
C ARG D 270 1.94 11.08 -29.10
N GLU D 271 2.42 10.13 -28.31
CA GLU D 271 1.71 8.87 -28.14
C GLU D 271 2.14 8.16 -26.86
N LEU D 272 1.16 7.65 -26.12
CA LEU D 272 1.43 6.83 -24.93
C LEU D 272 0.61 5.55 -24.98
N ASP D 273 1.28 4.42 -24.90
CA ASP D 273 0.62 3.12 -24.94
C ASP D 273 -0.25 2.96 -26.17
N ASN D 274 0.23 3.52 -27.28
CA ASN D 274 -0.45 3.50 -28.58
C ASN D 274 -1.76 4.27 -28.57
N ARG D 275 -1.94 5.12 -27.57
CA ARG D 275 -3.00 6.13 -27.60
C ARG D 275 -2.37 7.43 -28.08
N THR D 276 -2.92 7.98 -29.14
CA THR D 276 -2.47 9.26 -29.66
C THR D 276 -2.75 10.38 -28.66
N ILE D 277 -1.75 11.22 -28.38
CA ILE D 277 -1.98 12.39 -27.54
C ILE D 277 -2.44 13.56 -28.40
N GLY D 278 -3.67 14.02 -28.15
CA GLY D 278 -4.22 15.15 -28.89
C GLY D 278 -4.24 14.92 -30.38
N GLY D 279 -3.70 15.89 -31.13
CA GLY D 279 -3.63 15.78 -32.58
C GLY D 279 -2.45 14.96 -33.06
N GLY D 280 -1.70 14.36 -32.12
CA GLY D 280 -0.61 13.49 -32.46
C GLY D 280 0.69 14.17 -32.87
N ALA D 281 0.76 15.48 -32.63
CA ALA D 281 1.96 16.23 -32.97
C ALA D 281 2.43 17.02 -31.77
N ARG D 282 3.41 17.90 -31.97
CA ARG D 282 3.82 18.82 -30.92
C ARG D 282 2.76 19.89 -30.76
N GLY D 283 2.15 19.95 -29.59
CA GLY D 283 1.08 20.90 -29.34
C GLY D 283 1.54 22.34 -29.20
N PRO D 284 0.60 23.29 -29.28
CA PRO D 284 0.88 24.73 -29.23
C PRO D 284 1.53 25.18 -27.90
N ILE D 285 1.02 24.72 -26.77
CA ILE D 285 1.60 25.11 -25.48
C ILE D 285 3.00 24.53 -25.33
N THR D 286 3.14 23.25 -25.67
CA THR D 286 4.45 22.58 -25.64
C THR D 286 5.43 23.34 -26.52
N GLU D 287 4.97 23.72 -27.72
CA GLU D 287 5.80 24.50 -28.63
C GLU D 287 6.19 25.84 -28.01
N LYS D 288 5.23 26.50 -27.36
CA LYS D 288 5.52 27.80 -26.75
C LYS D 288 6.53 27.69 -25.61
N LEU D 289 6.42 26.65 -24.79
CA LEU D 289 7.32 26.47 -23.67
C LEU D 289 8.69 25.98 -24.13
N GLN D 290 8.70 25.14 -25.16
CA GLN D 290 9.94 24.64 -25.74
C GLN D 290 10.77 25.79 -26.29
N SER D 291 10.10 26.72 -26.97
CA SER D 291 10.77 27.86 -27.58
C SER D 291 11.27 28.84 -26.53
N ALA D 292 10.47 29.02 -25.48
CA ALA D 292 10.89 29.85 -24.35
C ALA D 292 12.16 29.27 -23.71
N PHE D 293 12.17 27.95 -23.56
CA PHE D 293 13.31 27.25 -22.99
C PHE D 293 14.58 27.44 -23.82
N PHE D 294 14.48 27.24 -25.13
CA PHE D 294 15.67 27.31 -25.98
C PHE D 294 16.14 28.75 -26.14
N ASP D 295 15.22 29.70 -26.07
CA ASP D 295 15.58 31.10 -26.07
C ASP D 295 16.40 31.46 -24.83
N VAL D 296 16.08 30.84 -23.70
CA VAL D 296 16.80 31.12 -22.47
C VAL D 296 18.20 30.51 -22.47
N VAL D 297 18.30 29.24 -22.84
CA VAL D 297 19.60 28.56 -22.82
C VAL D 297 20.54 29.08 -23.91
N ASN D 298 19.98 29.65 -24.98
CA ASN D 298 20.82 30.19 -26.06
C ASN D 298 21.18 31.65 -25.83
N GLY D 299 20.73 32.20 -24.71
CA GLY D 299 21.05 33.58 -24.35
C GLY D 299 20.33 34.60 -25.21
N LYS D 300 19.09 34.30 -25.57
CA LYS D 300 18.29 35.23 -26.36
C LYS D 300 17.21 35.90 -25.50
N SER D 301 17.23 35.61 -24.20
CA SER D 301 16.28 36.19 -23.26
C SER D 301 17.00 36.88 -22.11
N ALA D 302 16.72 38.17 -21.95
CA ALA D 302 17.39 38.98 -20.93
C ALA D 302 16.87 38.68 -19.53
N LYS D 303 15.65 38.16 -19.46
CA LYS D 303 15.01 37.90 -18.17
C LYS D 303 15.78 36.93 -17.28
N HIS D 304 16.48 35.98 -17.88
CA HIS D 304 17.17 34.95 -17.12
C HIS D 304 18.66 34.86 -17.43
N ALA D 305 19.33 36.01 -17.47
CA ALA D 305 20.76 36.05 -17.75
C ALA D 305 21.57 35.30 -16.69
N ASP D 306 21.12 35.42 -15.43
CA ASP D 306 21.84 34.84 -14.32
C ASP D 306 21.78 33.30 -14.29
N TRP D 307 21.01 32.71 -15.20
CA TRP D 307 20.97 31.27 -15.34
C TRP D 307 22.12 30.76 -16.20
N LEU D 308 22.79 31.68 -16.87
CA LEU D 308 23.90 31.32 -17.75
C LEU D 308 25.24 31.75 -17.17
N THR D 309 26.21 30.83 -17.19
CA THR D 309 27.56 31.13 -16.76
C THR D 309 28.54 30.96 -17.92
N LYS D 310 29.10 32.07 -18.38
CA LYS D 310 30.06 32.03 -19.47
C LYS D 310 31.30 31.25 -19.08
N ILE D 311 31.89 30.56 -20.05
CA ILE D 311 33.09 29.77 -19.79
C ILE D 311 34.30 30.65 -19.53
N SER E 6 43.96 -0.67 1.86
CA SER E 6 43.50 -0.46 0.48
C SER E 6 43.13 -1.75 -0.22
N MET E 7 42.01 -1.74 -0.94
CA MET E 7 41.61 -2.90 -1.74
C MET E 7 42.29 -2.87 -3.12
N ALA E 8 42.76 -1.70 -3.52
CA ALA E 8 43.35 -1.51 -4.83
C ALA E 8 44.84 -1.86 -4.82
N ASP E 9 45.53 -1.38 -3.81
CA ASP E 9 46.98 -1.49 -3.74
C ASP E 9 47.40 -2.76 -3.03
N ARG E 10 47.33 -3.88 -3.74
CA ARG E 10 47.72 -5.18 -3.18
C ARG E 10 48.49 -6.01 -4.19
N ASP E 11 49.26 -6.97 -3.70
CA ASP E 11 49.90 -7.94 -4.57
C ASP E 11 48.95 -9.10 -4.85
N GLY E 12 49.17 -9.80 -5.96
CA GLY E 12 48.34 -10.94 -6.27
C GLY E 12 47.78 -10.93 -7.67
N LYS E 13 46.76 -11.78 -7.88
CA LYS E 13 46.18 -11.92 -9.21
C LYS E 13 44.66 -11.76 -9.17
N ILE E 14 44.14 -11.04 -10.15
CA ILE E 14 42.70 -10.90 -10.31
C ILE E 14 42.31 -11.48 -11.67
N TRP E 15 41.29 -12.34 -11.68
CA TRP E 15 40.74 -12.84 -12.93
C TRP E 15 39.84 -11.76 -13.49
N MET E 16 40.15 -11.28 -14.68
CA MET E 16 39.35 -10.24 -15.32
C MET E 16 39.17 -10.50 -16.81
N ASP E 17 37.92 -10.64 -17.22
CA ASP E 17 37.57 -10.81 -18.63
C ASP E 17 38.38 -11.91 -19.33
N GLY E 18 38.56 -13.05 -18.67
CA GLY E 18 39.08 -14.22 -19.33
C GLY E 18 40.46 -14.68 -18.90
N LYS E 19 41.18 -13.85 -18.15
CA LYS E 19 42.52 -14.21 -17.74
C LYS E 19 42.93 -13.59 -16.41
N LEU E 20 43.90 -14.20 -15.76
CA LEU E 20 44.47 -13.64 -14.54
C LEU E 20 45.38 -12.47 -14.89
N ILE E 21 45.24 -11.37 -14.16
CA ILE E 21 46.12 -10.23 -14.35
C ILE E 21 46.65 -9.79 -12.99
N GLU E 22 47.66 -8.93 -12.99
CA GLU E 22 48.20 -8.41 -11.75
C GLU E 22 47.14 -7.57 -11.04
N TRP E 23 47.06 -7.72 -9.72
CA TRP E 23 46.02 -7.10 -8.90
C TRP E 23 45.78 -5.63 -9.22
N ARG E 24 46.85 -4.84 -9.24
CA ARG E 24 46.74 -3.39 -9.45
C ARG E 24 46.34 -3.02 -10.89
N ASP E 25 46.43 -3.98 -11.80
CA ASP E 25 46.05 -3.73 -13.19
C ASP E 25 44.56 -3.93 -13.45
N ALA E 26 43.82 -4.36 -12.43
CA ALA E 26 42.38 -4.55 -12.57
C ALA E 26 41.69 -3.20 -12.44
N LYS E 27 41.73 -2.42 -13.52
CA LYS E 27 41.26 -1.05 -13.52
C LYS E 27 40.18 -0.79 -14.57
N ILE E 28 39.32 0.18 -14.28
CA ILE E 28 38.29 0.63 -15.21
C ILE E 28 38.30 2.15 -15.32
N HIS E 29 37.69 2.67 -16.38
CA HIS E 29 37.56 4.11 -16.55
C HIS E 29 36.42 4.64 -15.68
N VAL E 30 36.55 5.89 -15.22
CA VAL E 30 35.52 6.48 -14.36
C VAL E 30 34.20 6.63 -15.10
N LEU E 31 34.26 6.67 -16.43
CA LEU E 31 33.04 6.75 -17.22
C LEU E 31 32.54 5.35 -17.57
N THR E 32 32.53 4.49 -16.55
CA THR E 32 32.00 3.13 -16.67
C THR E 32 30.50 3.14 -16.32
N HIS E 33 29.70 2.49 -17.16
CA HIS E 33 28.24 2.55 -17.05
C HIS E 33 27.70 2.18 -15.67
N THR E 34 28.20 1.09 -15.10
CA THR E 34 27.78 0.64 -13.78
C THR E 34 28.10 1.66 -12.68
N LEU E 35 29.22 2.35 -12.81
CA LEU E 35 29.60 3.35 -11.81
C LEU E 35 28.59 4.50 -11.74
N HIS E 36 27.94 4.77 -12.87
CA HIS E 36 27.02 5.88 -12.96
C HIS E 36 25.56 5.46 -12.78
N TYR E 37 25.26 4.20 -13.10
CA TYR E 37 23.86 3.79 -13.20
C TYR E 37 23.48 2.56 -12.39
N GLY E 38 24.46 1.97 -11.71
CA GLY E 38 24.19 0.95 -10.70
C GLY E 38 23.86 -0.46 -11.14
N MET E 39 23.72 -0.70 -12.45
CA MET E 39 23.41 -2.04 -12.90
C MET E 39 24.66 -2.90 -13.04
N GLY E 40 24.88 -3.74 -12.04
CA GLY E 40 25.95 -4.71 -12.03
C GLY E 40 25.50 -5.76 -11.05
N VAL E 41 26.11 -6.94 -11.08
CA VAL E 41 25.76 -8.00 -10.14
C VAL E 41 27.04 -8.61 -9.56
N PHE E 42 26.94 -9.10 -8.33
CA PHE E 42 28.10 -9.67 -7.66
C PHE E 42 27.69 -10.82 -6.75
N GLU E 43 28.69 -11.56 -6.28
CA GLU E 43 28.47 -12.59 -5.27
C GLU E 43 29.44 -12.44 -4.10
N GLY E 44 29.08 -13.08 -3.00
CA GLY E 44 29.97 -13.26 -1.87
C GLY E 44 30.14 -14.76 -1.67
N VAL E 45 31.39 -15.22 -1.71
CA VAL E 45 31.70 -16.64 -1.62
C VAL E 45 32.88 -16.87 -0.68
N ARG E 46 32.82 -17.90 0.15
CA ARG E 46 33.92 -18.17 1.07
C ARG E 46 34.63 -19.49 0.78
N ALA E 47 35.95 -19.45 0.91
CA ALA E 47 36.76 -20.65 0.94
C ALA E 47 37.21 -20.88 2.38
N TYR E 48 37.07 -22.12 2.83
CA TYR E 48 37.43 -22.46 4.19
C TYR E 48 38.60 -23.41 4.21
N LYS E 49 39.51 -23.23 5.16
CA LYS E 49 40.52 -24.24 5.43
C LYS E 49 39.84 -25.43 6.06
N THR E 50 39.77 -26.55 5.34
CA THR E 50 39.05 -27.72 5.81
C THR E 50 39.87 -28.56 6.77
N ALA E 51 39.20 -29.47 7.49
CA ALA E 51 39.82 -30.24 8.56
C ALA E 51 41.04 -31.06 8.12
N ASP E 52 41.14 -31.37 6.83
CA ASP E 52 42.24 -32.17 6.32
C ASP E 52 43.46 -31.31 5.96
N GLY E 53 43.38 -30.02 6.30
CA GLY E 53 44.44 -29.09 6.01
C GLY E 53 44.26 -28.45 4.64
N GLY E 54 43.27 -28.93 3.90
CA GLY E 54 42.99 -28.43 2.57
C GLY E 54 42.19 -27.15 2.56
N THR E 55 41.65 -26.83 1.39
CA THR E 55 40.89 -25.60 1.21
C THR E 55 39.77 -25.82 0.21
N ALA E 56 38.55 -25.48 0.62
CA ALA E 56 37.38 -25.70 -0.23
C ALA E 56 36.45 -24.50 -0.27
N ILE E 57 35.99 -24.18 -1.47
CA ILE E 57 34.97 -23.16 -1.66
C ILE E 57 33.62 -23.76 -1.30
N PHE E 58 32.84 -23.03 -0.52
CA PHE E 58 31.55 -23.53 -0.05
C PHE E 58 30.41 -23.17 -1.00
N ARG E 59 29.76 -24.21 -1.53
CA ARG E 59 28.66 -24.08 -2.48
C ARG E 59 28.99 -23.14 -3.64
N LEU E 60 30.12 -23.40 -4.27
CA LEU E 60 30.58 -22.66 -5.44
C LEU E 60 29.56 -22.70 -6.57
N LYS E 61 28.97 -23.87 -6.82
CA LYS E 61 28.00 -24.04 -7.89
C LYS E 61 26.79 -23.12 -7.72
N GLU E 62 26.20 -23.12 -6.53
CA GLU E 62 25.02 -22.30 -6.26
C GLU E 62 25.30 -20.81 -6.41
N HIS E 63 26.42 -20.35 -5.87
CA HIS E 63 26.78 -18.94 -5.99
C HIS E 63 26.99 -18.53 -7.43
N THR E 64 27.67 -19.38 -8.21
CA THR E 64 27.95 -19.09 -9.60
C THR E 64 26.66 -19.18 -10.43
N LYS E 65 25.80 -20.12 -10.07
CA LYS E 65 24.49 -20.23 -10.68
C LYS E 65 23.69 -18.94 -10.43
N ARG E 66 23.76 -18.44 -9.20
CA ARG E 66 23.01 -17.24 -8.85
C ARG E 66 23.59 -16.01 -9.54
N LEU E 67 24.92 -15.98 -9.63
CA LEU E 67 25.60 -14.88 -10.31
C LEU E 67 25.07 -14.72 -11.73
N LEU E 68 25.05 -15.83 -12.47
CA LEU E 68 24.57 -15.80 -13.84
C LEU E 68 23.06 -15.55 -13.91
N ASN E 69 22.31 -16.02 -12.91
CA ASN E 69 20.88 -15.73 -12.85
C ASN E 69 20.62 -14.24 -12.60
N SER E 70 21.48 -13.63 -11.79
CA SER E 70 21.40 -12.19 -11.55
C SER E 70 21.58 -11.40 -12.84
N ALA E 71 22.61 -11.79 -13.60
CA ALA E 71 22.85 -11.20 -14.92
C ALA E 71 21.65 -11.39 -15.82
N LYS E 72 21.12 -12.61 -15.82
CA LYS E 72 20.00 -12.97 -16.68
C LYS E 72 18.79 -12.08 -16.39
N ILE E 73 18.58 -11.77 -15.11
CA ILE E 73 17.48 -10.91 -14.68
C ILE E 73 17.59 -9.54 -15.34
N PHE E 74 18.82 -9.04 -15.49
CA PHE E 74 19.07 -7.73 -16.09
C PHE E 74 19.31 -7.78 -17.60
N GLN E 75 19.20 -8.97 -18.19
CA GLN E 75 19.49 -9.19 -19.61
C GLN E 75 20.93 -8.82 -19.97
N MET E 76 21.84 -9.07 -19.04
CA MET E 76 23.26 -8.86 -19.28
C MET E 76 23.84 -10.14 -19.86
N ASP E 77 24.31 -10.06 -21.09
CA ASP E 77 24.88 -11.23 -21.75
C ASP E 77 26.32 -11.46 -21.28
N VAL E 78 26.50 -12.45 -20.41
CA VAL E 78 27.82 -12.75 -19.85
C VAL E 78 28.65 -13.62 -20.78
N PRO E 79 29.80 -13.10 -21.25
CA PRO E 79 30.67 -13.77 -22.22
C PRO E 79 31.36 -15.05 -21.74
N PHE E 80 30.95 -15.58 -20.59
CA PHE E 80 31.54 -16.82 -20.08
C PHE E 80 30.44 -17.72 -19.52
N ASP E 81 30.61 -19.03 -19.56
CA ASP E 81 29.59 -19.91 -18.98
C ASP E 81 29.91 -20.26 -17.53
N GLN E 82 29.08 -21.10 -16.91
CA GLN E 82 29.22 -21.38 -15.49
C GLN E 82 30.46 -22.22 -15.19
N GLU E 83 30.74 -23.21 -16.05
CA GLU E 83 31.92 -24.05 -15.84
C GLU E 83 33.18 -23.20 -15.81
N THR E 84 33.28 -22.27 -16.75
CA THR E 84 34.43 -21.39 -16.86
C THR E 84 34.58 -20.51 -15.61
N LEU E 85 33.47 -19.97 -15.12
CA LEU E 85 33.51 -19.08 -13.97
C LEU E 85 33.83 -19.81 -12.67
N GLU E 86 33.34 -21.04 -12.54
CA GLU E 86 33.67 -21.86 -11.39
C GLU E 86 35.18 -22.15 -11.34
N ALA E 87 35.75 -22.55 -12.47
CA ALA E 87 37.17 -22.86 -12.54
C ALA E 87 38.00 -21.61 -12.32
N ALA E 88 37.49 -20.46 -12.76
CA ALA E 88 38.19 -19.20 -12.60
C ALA E 88 38.28 -18.81 -11.13
N GLN E 89 37.19 -19.03 -10.39
CA GLN E 89 37.17 -18.73 -8.96
C GLN E 89 38.15 -19.60 -8.20
N ARG E 90 38.22 -20.88 -8.58
CA ARG E 90 39.20 -21.79 -8.00
C ARG E 90 40.60 -21.32 -8.35
N ASP E 91 40.78 -20.87 -9.58
CA ASP E 91 42.08 -20.34 -10.03
C ASP E 91 42.53 -19.16 -9.19
N VAL E 92 41.60 -18.24 -8.92
CA VAL E 92 41.95 -17.03 -8.17
C VAL E 92 42.41 -17.38 -6.75
N VAL E 93 41.71 -18.31 -6.10
CA VAL E 93 42.10 -18.78 -4.78
C VAL E 93 43.49 -19.43 -4.82
N ARG E 94 43.66 -20.36 -5.76
CA ARG E 94 44.90 -21.14 -5.89
C ARG E 94 46.12 -20.27 -6.16
N GLU E 95 46.01 -19.41 -7.16
CA GLU E 95 47.16 -18.61 -7.60
C GLU E 95 47.54 -17.54 -6.58
N ASN E 96 46.56 -17.09 -5.80
CA ASN E 96 46.84 -16.13 -4.74
C ASN E 96 47.40 -16.84 -3.50
N LYS E 97 47.42 -18.16 -3.55
CA LYS E 97 47.91 -18.98 -2.44
C LYS E 97 47.16 -18.63 -1.16
N LEU E 98 45.83 -18.64 -1.25
CA LEU E 98 44.97 -18.35 -0.11
C LEU E 98 44.52 -19.63 0.57
N GLU E 99 44.69 -19.71 1.88
CA GLU E 99 44.27 -20.89 2.64
C GLU E 99 42.78 -20.82 2.96
N SER E 100 42.31 -19.61 3.18
CA SER E 100 40.89 -19.35 3.38
C SER E 100 40.66 -17.90 2.99
N CYS E 101 39.51 -17.60 2.41
CA CYS E 101 39.30 -16.26 1.90
C CYS E 101 37.85 -15.92 1.59
N TYR E 102 37.64 -14.66 1.25
CA TYR E 102 36.38 -14.18 0.72
C TYR E 102 36.56 -13.92 -0.76
N LEU E 103 35.68 -14.52 -1.57
CA LEU E 103 35.69 -14.32 -3.01
C LEU E 103 34.63 -13.31 -3.42
N ARG E 104 35.01 -12.37 -4.28
CA ARG E 104 34.07 -11.38 -4.80
C ARG E 104 34.09 -11.40 -6.32
N PRO E 105 33.19 -12.20 -6.93
CA PRO E 105 32.95 -12.11 -8.37
C PRO E 105 32.05 -10.92 -8.66
N ILE E 106 32.37 -10.13 -9.67
CA ILE E 106 31.49 -9.03 -10.06
C ILE E 106 31.38 -8.90 -11.57
N ILE E 107 30.15 -8.71 -12.04
CA ILE E 107 29.86 -8.52 -13.45
C ILE E 107 29.27 -7.13 -13.64
N TRP E 108 29.87 -6.33 -14.50
CA TRP E 108 29.39 -4.96 -14.69
C TRP E 108 29.33 -4.53 -16.15
N ILE E 109 28.84 -3.32 -16.37
CA ILE E 109 28.59 -2.81 -17.72
C ILE E 109 29.61 -1.74 -18.04
N GLY E 110 30.23 -1.86 -19.21
CA GLY E 110 31.43 -1.13 -19.55
C GLY E 110 31.29 0.33 -19.90
N SER E 111 32.32 0.86 -20.57
CA SER E 111 32.46 2.30 -20.77
C SER E 111 32.41 2.72 -22.24
N GLU E 112 31.63 2.00 -23.05
CA GLU E 112 31.47 2.36 -24.46
C GLU E 112 30.52 3.54 -24.63
N LYS E 113 29.41 3.52 -23.89
CA LYS E 113 28.41 4.58 -23.95
C LYS E 113 27.82 4.82 -22.56
N LEU E 114 27.40 6.06 -22.30
CA LEU E 114 27.02 6.45 -20.94
C LEU E 114 25.60 7.02 -20.89
N GLY E 115 24.76 6.64 -21.84
CA GLY E 115 23.34 6.93 -21.77
C GLY E 115 22.69 5.91 -20.85
N VAL E 116 21.43 6.11 -20.50
CA VAL E 116 20.73 5.15 -19.65
C VAL E 116 20.73 3.77 -20.30
N SER E 117 20.40 3.73 -21.59
CA SER E 117 20.46 2.50 -22.37
C SER E 117 21.82 1.80 -22.25
N ALA E 118 21.79 0.56 -21.76
CA ALA E 118 23.01 -0.22 -21.59
C ALA E 118 23.54 -0.76 -22.94
N LYS E 119 22.69 -0.69 -23.97
CA LYS E 119 23.09 -1.09 -25.31
C LYS E 119 23.93 0.00 -25.97
N GLY E 120 25.15 -0.35 -26.39
CA GLY E 120 25.66 -1.70 -26.24
C GLY E 120 27.07 -1.67 -25.66
N ASN E 121 27.16 -1.75 -24.35
CA ASN E 121 28.45 -1.77 -23.66
C ASN E 121 28.96 -3.19 -23.45
N THR E 122 30.26 -3.31 -23.34
CA THR E 122 30.87 -4.60 -23.02
C THR E 122 30.42 -5.06 -21.64
N ILE E 123 30.13 -6.35 -21.51
CA ILE E 123 29.83 -6.93 -20.21
C ILE E 123 31.12 -7.48 -19.61
N HIS E 124 31.66 -6.79 -18.62
CA HIS E 124 32.91 -7.20 -17.99
C HIS E 124 32.69 -8.13 -16.80
N VAL E 125 33.67 -9.01 -16.56
CA VAL E 125 33.64 -9.90 -15.40
C VAL E 125 34.99 -9.84 -14.68
N ALA E 126 34.96 -9.71 -13.37
CA ALA E 126 36.19 -9.76 -12.58
C ALA E 126 36.00 -10.58 -11.30
N ILE E 127 37.08 -11.22 -10.86
CA ILE E 127 37.05 -12.03 -9.66
C ILE E 127 38.28 -11.77 -8.79
N ALA E 128 38.05 -11.27 -7.59
CA ALA E 128 39.13 -11.07 -6.64
C ALA E 128 38.86 -11.88 -5.37
N ALA E 129 39.89 -12.04 -4.56
CA ALA E 129 39.78 -12.76 -3.31
C ALA E 129 40.78 -12.24 -2.30
N TRP E 130 40.41 -12.29 -1.03
CA TRP E 130 41.25 -11.77 0.04
C TRP E 130 40.85 -12.40 1.36
N PRO E 131 41.78 -12.45 2.33
CA PRO E 131 41.42 -12.88 3.69
C PRO E 131 40.38 -11.96 4.31
N TRP E 132 39.35 -12.52 4.91
CA TRP E 132 38.30 -11.69 5.54
C TRP E 132 37.65 -12.43 6.70
N GLY E 133 37.87 -11.94 7.91
CA GLY E 133 37.32 -12.54 9.11
C GLY E 133 35.80 -12.41 9.24
N ALA E 134 35.30 -12.65 10.44
CA ALA E 134 33.86 -12.59 10.71
C ALA E 134 33.31 -11.20 10.44
N TYR E 135 32.33 -11.11 9.55
CA TYR E 135 31.76 -9.84 9.14
C TYR E 135 31.22 -9.04 10.32
N LEU E 136 30.61 -9.74 11.28
CA LEU E 136 30.02 -9.08 12.44
C LEU E 136 30.81 -9.32 13.73
N GLY E 137 32.06 -9.76 13.58
CA GLY E 137 32.95 -9.93 14.70
C GLY E 137 32.95 -11.34 15.30
N GLU E 138 34.08 -11.75 15.86
CA GLU E 138 34.21 -13.08 16.45
C GLU E 138 33.37 -13.20 17.72
N GLU E 139 33.40 -12.18 18.58
CA GLU E 139 32.58 -12.16 19.77
C GLU E 139 31.10 -12.19 19.41
N GLY E 140 30.74 -11.50 18.33
CA GLY E 140 29.38 -11.45 17.84
C GLY E 140 28.86 -12.82 17.49
N LEU E 141 29.69 -13.61 16.83
CA LEU E 141 29.36 -15.00 16.48
C LEU E 141 29.03 -15.85 17.71
N ALA E 142 29.67 -15.53 18.83
CA ALA E 142 29.60 -16.38 20.01
C ALA E 142 28.55 -15.94 21.03
N LYS E 143 28.36 -14.62 21.18
CA LYS E 143 27.46 -14.11 22.21
C LYS E 143 26.29 -13.32 21.64
N GLY E 144 26.27 -13.13 20.33
CA GLY E 144 25.17 -12.45 19.70
C GLY E 144 25.33 -10.94 19.70
N ILE E 145 24.68 -10.29 18.74
CA ILE E 145 24.86 -8.85 18.55
C ILE E 145 23.61 -8.05 18.88
N ARG E 146 23.76 -6.73 18.95
CA ARG E 146 22.65 -5.83 19.18
C ARG E 146 22.19 -5.20 17.86
N VAL E 147 20.92 -5.36 17.54
CA VAL E 147 20.37 -4.92 16.27
C VAL E 147 19.36 -3.78 16.45
N LYS E 148 19.32 -2.88 15.48
CA LYS E 148 18.34 -1.81 15.47
C LYS E 148 17.46 -1.94 14.24
N THR E 149 16.15 -1.81 14.42
CA THR E 149 15.25 -1.77 13.28
C THR E 149 15.45 -0.45 12.55
N SER E 150 15.68 -0.52 11.24
CA SER E 150 15.96 0.66 10.46
C SER E 150 14.69 1.46 10.18
N SER E 151 14.83 2.77 10.05
CA SER E 151 13.72 3.62 9.63
C SER E 151 13.67 3.69 8.10
N PHE E 152 14.69 3.13 7.46
CA PHE E 152 14.68 2.93 6.00
C PHE E 152 14.00 1.61 5.65
N THR E 153 13.18 1.63 4.62
CA THR E 153 12.34 0.51 4.27
C THR E 153 13.07 -0.37 3.23
N ARG E 154 12.86 -1.68 3.33
CA ARG E 154 13.47 -2.63 2.40
C ARG E 154 12.84 -2.56 1.00
N HIS E 155 13.65 -2.83 -0.02
CA HIS E 155 13.25 -2.84 -1.43
C HIS E 155 11.84 -3.36 -1.73
N HIS E 156 11.15 -2.65 -2.61
CA HIS E 156 9.86 -3.05 -3.19
C HIS E 156 10.11 -4.01 -4.36
N VAL E 157 9.44 -5.15 -4.37
CA VAL E 157 9.73 -6.22 -5.33
C VAL E 157 9.39 -5.94 -6.80
N ASN E 158 8.76 -4.81 -7.10
CA ASN E 158 8.60 -4.42 -8.50
C ASN E 158 9.29 -3.10 -8.81
N VAL E 159 10.09 -2.62 -7.86
CA VAL E 159 10.97 -1.49 -8.09
C VAL E 159 12.39 -2.01 -8.27
N SER E 160 12.79 -2.89 -7.36
CA SER E 160 14.06 -3.59 -7.44
C SER E 160 13.80 -5.06 -7.69
N MET E 161 14.68 -5.72 -8.43
CA MET E 161 14.58 -7.15 -8.63
C MET E 161 15.36 -7.84 -7.52
N VAL E 162 14.68 -8.20 -6.44
CA VAL E 162 15.33 -8.58 -5.18
C VAL E 162 15.99 -9.96 -5.21
N ARG E 163 15.71 -10.75 -6.24
CA ARG E 163 16.39 -12.04 -6.38
C ARG E 163 17.77 -11.86 -7.01
N ALA E 164 18.01 -10.68 -7.59
CA ALA E 164 19.34 -10.35 -8.11
C ALA E 164 20.18 -9.67 -7.03
N1 LLP E 165 20.63 -10.63 2.28
C2 LLP E 165 21.02 -9.78 1.31
C2' LLP E 165 20.23 -8.53 1.02
C3 LLP E 165 22.22 -10.07 0.51
O3 LLP E 165 22.62 -9.24 -0.48
C4 LLP E 165 22.97 -11.31 0.80
C4' LLP E 165 24.21 -11.66 -0.01
C5 LLP E 165 22.44 -12.16 1.89
C6 LLP E 165 21.30 -11.76 2.58
C5' LLP E 165 23.14 -13.43 2.26
OP4 LLP E 165 23.08 -14.27 1.14
P LLP E 165 24.00 -15.57 1.07
OP1 LLP E 165 23.56 -16.36 2.28
OP2 LLP E 165 23.65 -16.18 -0.27
OP3 LLP E 165 25.41 -15.03 1.16
N LLP E 165 21.41 -10.11 -6.86
CA LLP E 165 22.33 -9.47 -5.94
CB LLP E 165 23.35 -10.49 -5.44
CG LLP E 165 23.86 -10.15 -4.04
CD LLP E 165 24.66 -11.32 -3.45
CE LLP E 165 25.35 -10.95 -2.15
NZ LLP E 165 24.42 -10.68 -1.06
C LLP E 165 22.99 -8.39 -6.75
O LLP E 165 24.06 -8.63 -7.37
N ALA E 166 22.38 -7.21 -6.78
CA ALA E 166 22.80 -6.15 -7.68
C ALA E 166 23.49 -5.00 -6.96
N SER E 167 24.47 -4.39 -7.61
CA SER E 167 25.21 -3.27 -7.03
C SER E 167 24.29 -2.14 -6.59
N GLY E 168 23.36 -1.79 -7.46
CA GLY E 168 22.43 -0.71 -7.21
C GLY E 168 21.60 -0.87 -5.94
N TRP E 169 21.31 -2.11 -5.55
CA TRP E 169 20.42 -2.35 -4.40
C TRP E 169 21.02 -1.92 -3.06
N TYR E 170 22.32 -1.65 -3.02
CA TYR E 170 22.97 -1.55 -1.72
C TYR E 170 23.08 -0.15 -1.15
N VAL E 171 22.61 0.85 -1.90
CA VAL E 171 22.44 2.17 -1.29
C VAL E 171 21.48 2.07 -0.10
N ASN E 172 20.42 1.30 -0.27
CA ASN E 172 19.45 1.04 0.80
C ASN E 172 20.12 0.37 2.00
N SER E 173 20.88 -0.68 1.76
CA SER E 173 21.59 -1.39 2.82
C SER E 173 22.59 -0.49 3.55
N ILE E 174 23.34 0.32 2.79
CA ILE E 174 24.32 1.22 3.39
C ILE E 174 23.62 2.21 4.31
N LEU E 175 22.52 2.78 3.82
CA LEU E 175 21.74 3.74 4.59
C LEU E 175 21.21 3.12 5.89
N ALA E 176 20.63 1.94 5.80
CA ALA E 176 20.15 1.24 7.00
C ALA E 176 21.31 0.89 7.94
N ASN E 177 22.36 0.32 7.40
CA ASN E 177 23.48 -0.12 8.22
C ASN E 177 24.17 1.05 8.93
N GLN E 178 24.28 2.18 8.23
CA GLN E 178 24.90 3.37 8.82
C GLN E 178 24.05 3.93 9.96
N GLU E 179 22.73 3.90 9.77
CA GLU E 179 21.79 4.37 10.79
C GLU E 179 21.97 3.59 12.08
N ALA E 180 22.09 2.27 11.95
CA ALA E 180 22.29 1.39 13.10
C ALA E 180 23.65 1.65 13.78
N THR E 181 24.74 1.64 13.02
CA THR E 181 26.06 1.73 13.63
C THR E 181 26.33 3.12 14.21
N ALA E 182 25.79 4.15 13.59
CA ALA E 182 25.97 5.52 14.08
C ALA E 182 25.45 5.67 15.51
N ASP E 183 24.44 4.88 15.87
CA ASP E 183 23.90 4.94 17.22
C ASP E 183 24.34 3.77 18.10
N GLY E 184 25.46 3.14 17.72
CA GLY E 184 26.10 2.16 18.58
C GLY E 184 25.62 0.72 18.47
N TYR E 185 24.70 0.44 17.54
CA TYR E 185 24.27 -0.93 17.31
C TYR E 185 25.23 -1.64 16.36
N ASP E 186 25.08 -2.96 16.24
CA ASP E 186 25.97 -3.77 15.41
C ASP E 186 25.51 -3.92 13.96
N GLU E 187 24.20 -3.85 13.76
CA GLU E 187 23.62 -4.12 12.45
C GLU E 187 22.17 -3.65 12.41
N ALA E 188 21.64 -3.45 11.20
CA ALA E 188 20.27 -2.98 11.05
C ALA E 188 19.36 -4.11 10.61
N LEU E 189 18.11 -4.04 11.05
CA LEU E 189 17.07 -4.94 10.56
C LEU E 189 16.05 -4.10 9.78
N LEU E 190 15.68 -4.55 8.58
CA LEU E 190 14.78 -3.77 7.73
C LEU E 190 13.41 -4.41 7.60
N LEU E 191 12.38 -3.57 7.65
CA LEU E 191 11.01 -3.99 7.42
C LEU E 191 10.67 -3.73 5.95
N ASP E 192 9.76 -4.53 5.39
CA ASP E 192 9.32 -4.30 4.01
C ASP E 192 8.31 -3.15 3.97
N VAL E 193 7.77 -2.87 2.78
CA VAL E 193 6.86 -1.74 2.61
C VAL E 193 5.56 -1.92 3.40
N ASP E 194 5.33 -3.10 3.97
CA ASP E 194 4.11 -3.36 4.73
C ASP E 194 4.35 -3.38 6.24
N GLY E 195 5.60 -3.20 6.66
CA GLY E 195 5.91 -3.17 8.07
C GLY E 195 6.32 -4.52 8.66
N TYR E 196 6.42 -5.54 7.82
CA TYR E 196 6.87 -6.85 8.28
C TYR E 196 8.39 -7.01 8.15
N VAL E 197 8.99 -7.78 9.04
CA VAL E 197 10.44 -8.00 9.04
C VAL E 197 10.86 -8.71 7.75
N SER E 198 11.86 -8.16 7.08
CA SER E 198 12.33 -8.74 5.82
C SER E 198 13.71 -9.40 5.99
N GLU E 199 14.74 -8.59 6.23
CA GLU E 199 16.07 -9.13 6.48
C GLU E 199 17.02 -8.06 7.02
N GLY E 200 18.25 -8.46 7.34
CA GLY E 200 19.25 -7.51 7.77
C GLY E 200 19.72 -6.70 6.57
N SER E 201 20.65 -5.78 6.78
CA SER E 201 21.15 -4.97 5.66
C SER E 201 21.93 -5.84 4.67
N GLY E 202 22.56 -6.90 5.17
CA GLY E 202 23.25 -7.84 4.29
C GLY E 202 23.09 -9.29 4.75
N GLU E 203 21.98 -9.58 5.42
CA GLU E 203 21.79 -10.90 6.02
C GLU E 203 20.33 -11.31 5.98
N ASN E 204 20.06 -12.61 5.86
CA ASN E 204 18.71 -13.12 6.06
C ASN E 204 18.43 -13.24 7.56
N PHE E 205 17.16 -13.24 7.94
CA PHE E 205 16.77 -13.25 9.35
C PHE E 205 15.98 -14.49 9.76
N PHE E 206 16.30 -15.02 10.92
CA PHE E 206 15.59 -16.17 11.50
C PHE E 206 15.21 -15.85 12.93
N LEU E 207 14.08 -16.39 13.38
CA LEU E 207 13.82 -16.40 14.82
C LEU E 207 13.46 -17.81 15.25
N VAL E 208 13.62 -18.08 16.54
CA VAL E 208 13.24 -19.37 17.11
C VAL E 208 12.11 -19.15 18.12
N ASN E 209 11.10 -20.01 18.08
CA ASN E 209 10.03 -19.92 19.06
C ASN E 209 9.40 -21.27 19.36
N ARG E 210 9.39 -21.64 20.63
CA ARG E 210 8.81 -22.90 21.09
C ARG E 210 9.34 -24.10 20.30
N GLY E 211 10.66 -24.16 20.16
CA GLY E 211 11.33 -25.29 19.54
C GLY E 211 11.34 -25.26 18.01
N LYS E 212 10.65 -24.30 17.42
CA LYS E 212 10.52 -24.25 15.97
C LYS E 212 11.27 -23.06 15.36
N LEU E 213 11.65 -23.21 14.10
CA LEU E 213 12.45 -22.21 13.40
C LEU E 213 11.59 -21.42 12.42
N TYR E 214 11.60 -20.10 12.56
CA TYR E 214 10.81 -19.23 11.71
C TYR E 214 11.69 -18.32 10.88
N THR E 215 11.25 -18.01 9.66
CA THR E 215 11.96 -17.06 8.82
C THR E 215 10.94 -16.37 7.93
N PRO E 216 11.19 -15.11 7.54
CA PRO E 216 10.26 -14.46 6.63
C PRO E 216 10.14 -15.25 5.32
N ASP E 217 8.94 -15.32 4.76
CA ASP E 217 8.79 -16.02 3.49
C ASP E 217 9.63 -15.32 2.41
N LEU E 218 9.96 -16.08 1.38
CA LEU E 218 10.81 -15.57 0.30
C LEU E 218 10.02 -14.58 -0.55
N ALA E 219 9.87 -13.37 -0.05
CA ALA E 219 9.05 -12.37 -0.70
C ALA E 219 9.91 -11.17 -1.12
N SER E 220 10.24 -10.32 -0.16
CA SER E 220 11.05 -9.13 -0.46
C SER E 220 12.55 -9.35 -0.23
N CYS E 221 12.93 -10.48 0.34
CA CYS E 221 14.35 -10.72 0.66
C CYS E 221 15.10 -11.50 -0.43
N LEU E 222 16.42 -11.48 -0.34
CA LEU E 222 17.25 -12.27 -1.24
C LEU E 222 17.09 -13.75 -0.89
N ASP E 223 17.15 -14.60 -1.91
CA ASP E 223 17.12 -16.05 -1.73
C ASP E 223 18.52 -16.52 -1.30
N GLY E 224 18.87 -16.21 -0.06
CA GLY E 224 20.22 -16.44 0.44
C GLY E 224 20.59 -17.91 0.40
N ILE E 225 21.85 -18.17 0.14
CA ILE E 225 22.35 -19.53 0.07
C ILE E 225 22.67 -20.03 1.48
N THR E 226 23.10 -19.13 2.36
CA THR E 226 23.33 -19.49 3.74
C THR E 226 21.97 -19.80 4.39
N ARG E 227 20.97 -18.98 4.06
CA ARG E 227 19.60 -19.21 4.50
C ARG E 227 19.15 -20.60 4.09
N ASP E 228 19.35 -20.94 2.82
CA ASP E 228 19.01 -22.26 2.32
C ASP E 228 19.73 -23.38 3.08
N THR E 229 21.02 -23.15 3.37
CA THR E 229 21.83 -24.13 4.07
C THR E 229 21.28 -24.39 5.47
N VAL E 230 20.94 -23.31 6.18
CA VAL E 230 20.49 -23.42 7.56
C VAL E 230 19.13 -24.10 7.63
N ILE E 231 18.26 -23.79 6.67
CA ILE E 231 16.96 -24.43 6.58
C ILE E 231 17.11 -25.94 6.37
N THR E 232 17.99 -26.33 5.46
CA THR E 232 18.26 -27.73 5.19
C THR E 232 18.81 -28.45 6.43
N LEU E 233 19.75 -27.83 7.11
CA LEU E 233 20.32 -28.42 8.32
C LEU E 233 19.27 -28.56 9.41
N ALA E 234 18.38 -27.57 9.52
CA ALA E 234 17.34 -27.58 10.54
C ALA E 234 16.37 -28.74 10.33
N LYS E 235 16.02 -28.99 9.07
CA LYS E 235 15.12 -30.08 8.74
C LYS E 235 15.79 -31.43 8.98
N GLU E 236 17.10 -31.51 8.73
CA GLU E 236 17.84 -32.75 8.95
C GLU E 236 18.01 -33.03 10.44
N ALA E 237 17.93 -31.98 11.25
CA ALA E 237 18.04 -32.14 12.69
C ALA E 237 16.66 -32.36 13.33
N GLY E 238 15.63 -32.44 12.51
CA GLY E 238 14.28 -32.71 12.99
C GLY E 238 13.54 -31.48 13.51
N ILE E 239 14.08 -30.31 13.21
CA ILE E 239 13.45 -29.06 13.62
C ILE E 239 12.48 -28.59 12.54
N GLU E 240 11.26 -28.25 12.94
CA GLU E 240 10.29 -27.74 11.97
C GLU E 240 10.64 -26.32 11.55
N VAL E 241 10.64 -26.09 10.24
CA VAL E 241 10.90 -24.77 9.70
C VAL E 241 9.62 -24.18 9.15
N ILE E 242 9.32 -22.95 9.57
CA ILE E 242 8.11 -22.29 9.13
C ILE E 242 8.44 -20.94 8.51
N GLU E 243 7.90 -20.69 7.32
CA GLU E 243 8.08 -19.41 6.67
C GLU E 243 6.77 -18.64 6.77
N LYS E 244 6.85 -17.39 7.25
CA LYS E 244 5.65 -16.60 7.49
C LYS E 244 5.97 -15.11 7.49
N ARG E 245 4.92 -14.29 7.54
CA ARG E 245 5.08 -12.87 7.77
C ARG E 245 5.34 -12.64 9.25
N ILE E 246 6.43 -11.94 9.55
CA ILE E 246 6.86 -11.75 10.94
C ILE E 246 6.85 -10.27 11.31
N THR E 247 6.18 -9.93 12.41
CA THR E 247 6.17 -8.55 12.88
C THR E 247 7.37 -8.28 13.77
N ARG E 248 7.68 -7.01 14.00
CA ARG E 248 8.83 -6.66 14.83
C ARG E 248 8.62 -7.09 16.29
N ASP E 249 7.38 -7.00 16.78
CA ASP E 249 7.13 -7.36 18.19
C ASP E 249 7.04 -8.87 18.33
N GLU E 250 6.93 -9.57 17.20
CA GLU E 250 7.08 -11.02 17.17
C GLU E 250 8.54 -11.40 17.43
N VAL E 251 9.46 -10.56 16.96
CA VAL E 251 10.88 -10.78 17.26
C VAL E 251 11.14 -10.42 18.73
N TYR E 252 10.58 -9.32 19.20
CA TYR E 252 10.79 -8.88 20.60
C TYR E 252 10.50 -10.01 21.58
N THR E 253 9.51 -10.83 21.25
CA THR E 253 9.03 -11.85 22.16
C THR E 253 9.50 -13.27 21.81
N ALA E 254 10.40 -13.39 20.85
CA ALA E 254 10.88 -14.71 20.43
C ALA E 254 11.88 -15.32 21.43
N ASP E 255 12.03 -16.64 21.38
CA ASP E 255 13.01 -17.32 22.23
C ASP E 255 14.44 -17.02 21.76
N GLU E 256 14.66 -17.08 20.45
CA GLU E 256 15.96 -16.78 19.86
C GLU E 256 15.82 -16.08 18.53
N ALA E 257 16.92 -15.54 18.02
CA ALA E 257 16.96 -14.97 16.68
C ALA E 257 18.40 -14.90 16.19
N PHE E 258 18.60 -14.98 14.88
CA PHE E 258 19.95 -14.87 14.32
C PHE E 258 19.94 -14.40 12.86
N PHE E 259 21.11 -13.98 12.38
CA PHE E 259 21.32 -13.57 11.01
C PHE E 259 22.06 -14.68 10.26
N THR E 260 21.84 -14.78 8.95
CA THR E 260 22.65 -15.67 8.11
C THR E 260 23.12 -14.94 6.87
N GLY E 261 24.29 -15.33 6.37
CA GLY E 261 24.85 -14.75 5.15
C GLY E 261 26.24 -15.31 4.92
N THR E 262 26.78 -15.15 3.72
CA THR E 262 28.09 -15.70 3.42
C THR E 262 29.12 -15.02 4.30
N ALA E 263 29.09 -13.68 4.31
CA ALA E 263 30.00 -12.90 5.12
C ALA E 263 29.71 -13.10 6.61
N ALA E 264 28.43 -13.09 6.96
CA ALA E 264 28.01 -13.11 8.35
C ALA E 264 27.93 -14.51 8.96
N GLU E 265 27.96 -15.54 8.11
CA GLU E 265 27.83 -16.93 8.55
C GLU E 265 26.55 -17.10 9.38
N VAL E 266 26.64 -17.61 10.60
CA VAL E 266 25.46 -17.65 11.45
C VAL E 266 25.69 -16.83 12.72
N THR E 267 25.09 -15.65 12.76
CA THR E 267 25.34 -14.70 13.83
C THR E 267 24.11 -14.51 14.70
N PRO E 268 24.21 -14.87 15.99
CA PRO E 268 23.06 -14.74 16.89
C PRO E 268 22.69 -13.28 17.15
N ILE E 269 21.41 -13.02 17.42
CA ILE E 269 20.96 -11.68 17.75
C ILE E 269 20.44 -11.69 19.19
N ARG E 270 21.14 -11.01 20.09
CA ARG E 270 20.76 -11.04 21.50
C ARG E 270 19.85 -9.88 21.88
N GLU E 271 19.64 -8.95 20.96
CA GLU E 271 18.87 -7.75 21.28
C GLU E 271 18.37 -7.06 20.01
N LEU E 272 17.10 -6.67 20.02
CA LEU E 272 16.51 -5.87 18.95
C LEU E 272 15.80 -4.66 19.53
N ASP E 273 16.18 -3.47 19.08
CA ASP E 273 15.58 -2.23 19.56
C ASP E 273 15.59 -2.16 21.08
N ASN E 274 16.69 -2.61 21.66
CA ASN E 274 16.90 -2.61 23.12
C ASN E 274 15.91 -3.48 23.88
N ARG E 275 15.24 -4.39 23.17
CA ARG E 275 14.51 -5.46 23.83
C ARG E 275 15.38 -6.71 23.78
N THR E 276 15.66 -7.27 24.95
CA THR E 276 16.42 -8.49 25.05
C THR E 276 15.70 -9.65 24.37
N ILE E 277 16.42 -10.40 23.55
CA ILE E 277 15.84 -11.57 22.93
C ILE E 277 16.06 -12.76 23.85
N GLY E 278 14.98 -13.21 24.47
CA GLY E 278 15.04 -14.37 25.36
C GLY E 278 16.01 -14.16 26.51
N GLY E 279 17.00 -15.03 26.60
CA GLY E 279 17.97 -14.99 27.68
C GLY E 279 19.04 -13.93 27.54
N GLY E 280 19.17 -13.36 26.34
CA GLY E 280 20.16 -12.33 26.10
C GLY E 280 21.50 -12.88 25.62
N ALA E 281 21.54 -14.19 25.42
CA ALA E 281 22.74 -14.83 24.92
C ALA E 281 22.40 -15.72 23.73
N ARG E 282 23.39 -16.48 23.28
CA ARG E 282 23.16 -17.42 22.19
C ARG E 282 22.24 -18.55 22.65
N GLY E 283 21.10 -18.70 21.97
CA GLY E 283 20.11 -19.70 22.32
C GLY E 283 20.54 -21.09 21.88
N PRO E 284 19.92 -22.12 22.46
CA PRO E 284 20.33 -23.51 22.18
C PRO E 284 20.11 -23.93 20.73
N ILE E 285 18.99 -23.54 20.13
CA ILE E 285 18.72 -23.90 18.74
C ILE E 285 19.71 -23.20 17.81
N THR E 286 19.97 -21.92 18.07
CA THR E 286 20.94 -21.17 17.29
C THR E 286 22.32 -21.80 17.40
N GLU E 287 22.69 -22.23 18.60
CA GLU E 287 23.98 -22.89 18.79
C GLU E 287 24.08 -24.20 18.01
N LYS E 288 23.00 -24.98 18.02
CA LYS E 288 22.99 -26.25 17.31
C LYS E 288 23.15 -26.05 15.81
N LEU E 289 22.38 -25.12 15.26
CA LEU E 289 22.43 -24.84 13.83
C LEU E 289 23.75 -24.19 13.42
N GLN E 290 24.23 -23.27 14.25
CA GLN E 290 25.52 -22.64 14.03
C GLN E 290 26.64 -23.68 14.02
N SER E 291 26.60 -24.59 14.99
CA SER E 291 27.57 -25.68 15.06
C SER E 291 27.50 -26.60 13.85
N ALA E 292 26.27 -26.97 13.47
CA ALA E 292 26.06 -27.83 12.30
C ALA E 292 26.56 -27.15 11.04
N PHE E 293 26.40 -25.83 10.97
CA PHE E 293 26.87 -25.06 9.83
C PHE E 293 28.39 -25.11 9.70
N PHE E 294 29.08 -24.75 10.76
CA PHE E 294 30.53 -24.69 10.73
C PHE E 294 31.14 -26.08 10.54
N ASP E 295 30.42 -27.11 10.96
CA ASP E 295 30.84 -28.48 10.68
C ASP E 295 30.86 -28.73 9.18
N VAL E 296 29.86 -28.22 8.49
CA VAL E 296 29.73 -28.42 7.05
C VAL E 296 30.78 -27.67 6.25
N VAL E 297 30.98 -26.39 6.56
CA VAL E 297 31.96 -25.59 5.83
C VAL E 297 33.40 -25.96 6.16
N ASN E 298 33.62 -26.63 7.29
CA ASN E 298 34.97 -27.04 7.67
C ASN E 298 35.32 -28.44 7.17
N GLY E 299 34.35 -29.11 6.54
CA GLY E 299 34.54 -30.42 5.97
C GLY E 299 34.48 -31.54 7.00
N LYS E 300 33.74 -31.33 8.07
CA LYS E 300 33.63 -32.31 9.14
C LYS E 300 32.34 -33.13 9.04
N SER E 301 31.54 -32.86 8.01
CA SER E 301 30.27 -33.56 7.84
C SER E 301 30.21 -34.31 6.51
N ALA E 302 30.02 -35.63 6.59
CA ALA E 302 29.98 -36.47 5.39
C ALA E 302 28.74 -36.20 4.55
N LYS E 303 27.65 -35.82 5.22
CA LYS E 303 26.37 -35.62 4.56
C LYS E 303 26.41 -34.57 3.44
N HIS E 304 27.25 -33.55 3.60
CA HIS E 304 27.25 -32.45 2.64
C HIS E 304 28.61 -32.17 2.03
N ALA E 305 29.37 -33.23 1.76
CA ALA E 305 30.67 -33.09 1.10
C ALA E 305 30.53 -32.44 -0.27
N ASP E 306 29.42 -32.75 -0.96
CA ASP E 306 29.20 -32.24 -2.31
C ASP E 306 29.02 -30.72 -2.35
N TRP E 307 28.86 -30.09 -1.19
CA TRP E 307 28.77 -28.63 -1.12
C TRP E 307 30.16 -27.99 -1.13
N LEU E 308 31.20 -28.81 -1.03
CA LEU E 308 32.56 -28.31 -0.96
C LEU E 308 33.36 -28.62 -2.22
N THR E 309 34.00 -27.60 -2.78
CA THR E 309 34.87 -27.79 -3.94
C THR E 309 36.33 -27.52 -3.56
N LYS E 310 37.13 -28.58 -3.50
CA LYS E 310 38.55 -28.45 -3.17
C LYS E 310 39.26 -27.62 -4.23
N ILE E 311 40.13 -26.71 -3.79
CA ILE E 311 40.85 -25.83 -4.69
C ILE E 311 41.72 -26.60 -5.67
N SER F 6 -22.63 -1.50 38.30
CA SER F 6 -21.38 -0.75 38.31
C SER F 6 -20.18 -1.62 38.68
N MET F 7 -19.17 -1.63 37.81
CA MET F 7 -17.96 -2.40 38.06
C MET F 7 -17.16 -1.83 39.24
N ALA F 8 -17.37 -0.55 39.53
CA ALA F 8 -16.61 0.13 40.57
C ALA F 8 -17.20 -0.10 41.96
N ASP F 9 -18.53 -0.06 42.04
CA ASP F 9 -19.22 -0.17 43.33
C ASP F 9 -19.59 -1.62 43.65
N ARG F 10 -18.63 -2.37 44.17
CA ARG F 10 -18.83 -3.79 44.49
C ARG F 10 -18.12 -4.20 45.76
N ASP F 11 -18.66 -5.21 46.43
CA ASP F 11 -17.94 -5.90 47.49
C ASP F 11 -16.97 -6.90 46.85
N GLY F 12 -15.78 -7.03 47.40
CA GLY F 12 -14.82 -8.00 46.91
C GLY F 12 -13.39 -7.57 47.13
N LYS F 13 -12.46 -8.35 46.56
CA LYS F 13 -11.04 -8.04 46.67
C LYS F 13 -10.41 -7.90 45.30
N ILE F 14 -9.57 -6.87 45.15
CA ILE F 14 -8.79 -6.69 43.93
C ILE F 14 -7.31 -6.72 44.32
N TRP F 15 -6.52 -7.54 43.62
CA TRP F 15 -5.08 -7.54 43.81
C TRP F 15 -4.52 -6.31 43.11
N MET F 16 -3.75 -5.52 43.83
CA MET F 16 -3.16 -4.33 43.25
C MET F 16 -1.79 -4.06 43.86
N ASP F 17 -0.80 -4.00 42.98
CA ASP F 17 0.57 -3.65 43.35
C ASP F 17 1.11 -4.44 44.53
N GLY F 18 0.88 -5.75 44.52
CA GLY F 18 1.51 -6.61 45.50
C GLY F 18 0.60 -7.21 46.57
N LYS F 19 -0.66 -6.78 46.62
CA LYS F 19 -1.54 -7.28 47.66
C LYS F 19 -3.02 -7.08 47.36
N LEU F 20 -3.84 -7.90 48.02
CA LEU F 20 -5.29 -7.77 47.96
C LEU F 20 -5.77 -6.54 48.73
N ILE F 21 -6.55 -5.70 48.06
CA ILE F 21 -7.20 -4.57 48.71
C ILE F 21 -8.69 -4.68 48.48
N GLU F 22 -9.48 -3.88 49.20
CA GLU F 22 -10.92 -3.81 48.97
C GLU F 22 -11.21 -3.29 47.56
N TRP F 23 -12.15 -3.95 46.89
CA TRP F 23 -12.57 -3.63 45.52
C TRP F 23 -12.73 -2.13 45.25
N ARG F 24 -13.47 -1.45 46.12
CA ARG F 24 -13.78 -0.04 45.95
C ARG F 24 -12.57 0.86 46.17
N ASP F 25 -11.51 0.31 46.75
CA ASP F 25 -10.33 1.12 47.03
C ASP F 25 -9.34 1.08 45.87
N ALA F 26 -9.66 0.28 44.85
CA ALA F 26 -8.79 0.18 43.67
C ALA F 26 -8.97 1.41 42.78
N LYS F 27 -8.35 2.52 43.19
CA LYS F 27 -8.53 3.80 42.52
C LYS F 27 -7.21 4.38 42.04
N ILE F 28 -7.28 5.23 41.03
CA ILE F 28 -6.13 5.96 40.52
C ILE F 28 -6.53 7.40 40.24
N HIS F 29 -5.54 8.27 40.06
CA HIS F 29 -5.83 9.67 39.79
C HIS F 29 -6.14 9.87 38.32
N VAL F 30 -6.92 10.90 38.01
CA VAL F 30 -7.28 11.20 36.62
C VAL F 30 -6.06 11.54 35.78
N LEU F 31 -5.01 12.03 36.43
CA LEU F 31 -3.78 12.37 35.71
C LEU F 31 -2.87 11.15 35.59
N THR F 32 -3.49 9.99 35.38
CA THR F 32 -2.76 8.75 35.15
C THR F 32 -2.39 8.64 33.67
N HIS F 33 -1.11 8.36 33.41
CA HIS F 33 -0.53 8.37 32.07
C HIS F 33 -1.33 7.54 31.04
N THR F 34 -1.70 6.31 31.40
CA THR F 34 -2.39 5.40 30.47
C THR F 34 -3.79 5.92 30.10
N LEU F 35 -4.43 6.65 31.00
CA LEU F 35 -5.73 7.24 30.73
C LEU F 35 -5.63 8.29 29.62
N HIS F 36 -4.50 8.97 29.56
CA HIS F 36 -4.29 10.04 28.58
C HIS F 36 -3.63 9.58 27.30
N TYR F 37 -2.85 8.50 27.37
CA TYR F 37 -1.93 8.15 26.27
C TYR F 37 -2.01 6.71 25.80
N GLY F 38 -2.85 5.90 26.44
CA GLY F 38 -3.23 4.61 25.90
C GLY F 38 -2.29 3.44 26.08
N MET F 39 -1.09 3.67 26.61
CA MET F 39 -0.14 2.59 26.76
C MET F 39 -0.34 1.87 28.09
N GLY F 40 -1.10 0.78 28.02
CA GLY F 40 -1.31 -0.12 29.13
C GLY F 40 -1.55 -1.46 28.47
N VAL F 41 -1.40 -2.55 29.22
CA VAL F 41 -1.67 -3.87 28.65
C VAL F 41 -2.56 -4.69 29.59
N PHE F 42 -3.35 -5.58 29.01
CA PHE F 42 -4.28 -6.37 29.81
C PHE F 42 -4.49 -7.76 29.25
N GLU F 43 -5.16 -8.60 30.04
CA GLU F 43 -5.54 -9.94 29.61
C GLU F 43 -7.00 -10.21 29.95
N GLY F 44 -7.56 -11.21 29.29
CA GLY F 44 -8.85 -11.76 29.67
C GLY F 44 -8.64 -13.25 29.85
N VAL F 45 -8.95 -13.75 31.04
CA VAL F 45 -8.79 -15.17 31.34
C VAL F 45 -10.08 -15.72 31.96
N ARG F 46 -10.46 -16.93 31.56
CA ARG F 46 -11.65 -17.57 32.13
C ARG F 46 -11.28 -18.63 33.16
N ALA F 47 -12.11 -18.75 34.18
CA ALA F 47 -12.06 -19.91 35.05
C ALA F 47 -13.35 -20.68 34.85
N TYR F 48 -13.26 -21.99 34.85
CA TYR F 48 -14.43 -22.84 34.63
C TYR F 48 -14.68 -23.72 35.84
N LYS F 49 -15.95 -24.00 36.10
CA LYS F 49 -16.27 -25.05 37.06
C LYS F 49 -16.06 -26.37 36.33
N THR F 50 -15.20 -27.22 36.89
CA THR F 50 -14.83 -28.46 36.21
C THR F 50 -15.75 -29.62 36.58
N ALA F 51 -15.55 -30.75 35.91
CA ALA F 51 -16.45 -31.90 36.06
C ALA F 51 -16.42 -32.47 37.48
N ASP F 52 -15.32 -32.27 38.19
CA ASP F 52 -15.19 -32.83 39.53
C ASP F 52 -15.65 -31.87 40.63
N GLY F 53 -16.36 -30.82 40.23
CA GLY F 53 -16.88 -29.85 41.19
C GLY F 53 -15.92 -28.71 41.52
N GLY F 54 -14.66 -28.87 41.13
CA GLY F 54 -13.66 -27.84 41.38
C GLY F 54 -13.75 -26.66 40.42
N THR F 55 -12.83 -25.71 40.59
CA THR F 55 -12.72 -24.55 39.71
C THR F 55 -11.30 -24.43 39.19
N ALA F 56 -11.15 -24.21 37.89
CA ALA F 56 -9.81 -24.14 37.29
C ALA F 56 -9.71 -23.04 36.24
N ILE F 57 -8.61 -22.29 36.29
CA ILE F 57 -8.33 -21.26 35.30
C ILE F 57 -7.82 -21.91 34.00
N PHE F 58 -8.32 -21.45 32.86
CA PHE F 58 -7.92 -22.01 31.57
C PHE F 58 -6.70 -21.29 30.97
N ARG F 59 -5.63 -22.08 30.75
CA ARG F 59 -4.36 -21.62 30.22
C ARG F 59 -3.86 -20.33 30.88
N LEU F 60 -3.77 -20.38 32.20
CA LEU F 60 -3.27 -19.28 33.02
C LEU F 60 -1.82 -18.92 32.69
N LYS F 61 -0.99 -19.94 32.50
CA LYS F 61 0.42 -19.71 32.24
C LYS F 61 0.60 -18.99 30.91
N GLU F 62 -0.12 -19.43 29.89
CA GLU F 62 0.02 -18.82 28.57
CA GLU F 62 -0.02 -18.85 28.56
C GLU F 62 -0.54 -17.40 28.56
N HIS F 63 -1.61 -17.15 29.29
CA HIS F 63 -2.16 -15.79 29.39
C HIS F 63 -1.24 -14.86 30.16
N THR F 64 -0.61 -15.35 31.21
CA THR F 64 0.28 -14.53 32.03
C THR F 64 1.60 -14.29 31.30
N LYS F 65 2.03 -15.28 30.52
CA LYS F 65 3.21 -15.10 29.67
C LYS F 65 2.95 -14.02 28.62
N ARG F 66 1.73 -13.98 28.10
CA ARG F 66 1.41 -12.99 27.08
C ARG F 66 1.30 -11.60 27.70
N LEU F 67 0.74 -11.54 28.91
CA LEU F 67 0.65 -10.29 29.65
C LEU F 67 2.04 -9.64 29.82
N LEU F 68 3.01 -10.45 30.24
CA LEU F 68 4.36 -9.93 30.48
C LEU F 68 5.09 -9.64 29.16
N ASN F 69 4.81 -10.42 28.12
CA ASN F 69 5.34 -10.13 26.79
C ASN F 69 4.78 -8.84 26.21
N SER F 70 3.50 -8.56 26.49
CA SER F 70 2.87 -7.32 26.03
C SER F 70 3.59 -6.13 26.65
N ALA F 71 3.85 -6.20 27.96
CA ALA F 71 4.57 -5.13 28.65
C ALA F 71 6.01 -5.04 28.13
N LYS F 72 6.62 -6.19 27.88
CA LYS F 72 7.98 -6.22 27.38
C LYS F 72 8.08 -5.54 26.02
N ILE F 73 7.06 -5.73 25.19
CA ILE F 73 7.02 -5.08 23.88
C ILE F 73 7.05 -3.56 24.04
N PHE F 74 6.39 -3.05 25.07
CA PHE F 74 6.34 -1.62 25.35
C PHE F 74 7.49 -1.12 26.25
N GLN F 75 8.41 -2.02 26.58
CA GLN F 75 9.51 -1.76 27.52
C GLN F 75 8.99 -1.26 28.87
N MET F 76 7.86 -1.82 29.28
CA MET F 76 7.31 -1.59 30.60
C MET F 76 7.89 -2.62 31.57
N ASP F 77 8.69 -2.13 32.51
CA ASP F 77 9.29 -3.01 33.51
C ASP F 77 8.25 -3.33 34.58
N VAL F 78 7.75 -4.57 34.56
CA VAL F 78 6.75 -5.02 35.52
C VAL F 78 7.42 -5.49 36.82
N PRO F 79 7.01 -4.90 37.95
CA PRO F 79 7.68 -5.19 39.23
C PRO F 79 7.33 -6.56 39.82
N PHE F 80 6.73 -7.45 39.03
CA PHE F 80 6.38 -8.79 39.52
C PHE F 80 6.68 -9.84 38.45
N ASP F 81 7.13 -11.01 38.87
CA ASP F 81 7.41 -12.08 37.92
C ASP F 81 6.16 -12.91 37.61
N GLN F 82 6.28 -13.82 36.64
CA GLN F 82 5.15 -14.61 36.18
C GLN F 82 4.55 -15.46 37.30
N GLU F 83 5.41 -16.09 38.10
CA GLU F 83 4.94 -16.97 39.17
C GLU F 83 4.10 -16.21 40.18
N THR F 84 4.51 -14.99 40.49
CA THR F 84 3.78 -14.14 41.44
C THR F 84 2.41 -13.75 40.87
N LEU F 85 2.37 -13.39 39.60
CA LEU F 85 1.12 -12.97 38.96
C LEU F 85 0.14 -14.12 38.77
N GLU F 86 0.67 -15.32 38.52
CA GLU F 86 -0.18 -16.50 38.41
C GLU F 86 -0.82 -16.81 39.76
N ALA F 87 -0.06 -16.64 40.83
CA ALA F 87 -0.57 -16.91 42.17
C ALA F 87 -1.60 -15.86 42.57
N ALA F 88 -1.36 -14.62 42.18
CA ALA F 88 -2.26 -13.52 42.48
C ALA F 88 -3.62 -13.69 41.79
N GLN F 89 -3.60 -14.15 40.53
CA GLN F 89 -4.84 -14.38 39.80
C GLN F 89 -5.65 -15.49 40.46
N ARG F 90 -4.97 -16.51 40.95
CA ARG F 90 -5.65 -17.57 41.70
C ARG F 90 -6.16 -17.02 43.03
N ASP F 91 -5.36 -16.17 43.67
CA ASP F 91 -5.75 -15.52 44.92
C ASP F 91 -7.03 -14.70 44.77
N VAL F 92 -7.15 -14.00 43.64
CA VAL F 92 -8.31 -13.15 43.40
C VAL F 92 -9.58 -13.98 43.19
N VAL F 93 -9.46 -15.07 42.45
CA VAL F 93 -10.59 -15.99 42.29
C VAL F 93 -10.99 -16.59 43.64
N ARG F 94 -10.01 -17.09 44.38
CA ARG F 94 -10.28 -17.74 45.66
C ARG F 94 -10.94 -16.82 46.67
N GLU F 95 -10.37 -15.62 46.84
CA GLU F 95 -10.80 -14.73 47.90
C GLU F 95 -12.10 -14.00 47.59
N ASN F 96 -12.49 -13.99 46.32
CA ASN F 96 -13.80 -13.46 45.95
C ASN F 96 -14.86 -14.56 45.92
N LYS F 97 -14.45 -15.76 46.35
CA LYS F 97 -15.34 -16.93 46.41
C LYS F 97 -16.02 -17.20 45.08
N LEU F 98 -15.25 -17.07 44.00
CA LEU F 98 -15.78 -17.22 42.65
C LEU F 98 -15.62 -18.64 42.14
N GLU F 99 -16.52 -19.03 41.24
CA GLU F 99 -16.40 -20.29 40.54
C GLU F 99 -16.19 -19.99 39.05
N SER F 100 -17.20 -20.18 38.22
CA SER F 100 -17.06 -19.80 36.82
C SER F 100 -16.97 -18.28 36.78
N CYS F 101 -15.88 -17.76 36.21
CA CYS F 101 -15.63 -16.32 36.25
C CYS F 101 -14.66 -15.86 35.18
N TYR F 102 -14.46 -14.55 35.14
CA TYR F 102 -13.57 -13.89 34.18
C TYR F 102 -12.55 -13.05 34.93
N LEU F 103 -11.27 -13.28 34.66
CA LEU F 103 -10.18 -12.51 35.27
C LEU F 103 -9.71 -11.39 34.34
N ARG F 104 -9.45 -10.22 34.92
CA ARG F 104 -8.93 -9.09 34.15
C ARG F 104 -7.70 -8.51 34.85
N PRO F 105 -6.52 -8.99 34.45
CA PRO F 105 -5.26 -8.37 34.86
C PRO F 105 -4.99 -7.16 33.98
N ILE F 106 -4.55 -6.06 34.56
CA ILE F 106 -4.18 -4.92 33.75
C ILE F 106 -2.92 -4.28 34.31
N ILE F 107 -1.99 -3.96 33.40
CA ILE F 107 -0.76 -3.29 33.77
C ILE F 107 -0.75 -1.93 33.10
N TRP F 108 -0.48 -0.87 33.87
CA TRP F 108 -0.54 0.47 33.31
C TRP F 108 0.51 1.41 33.86
N ILE F 109 0.52 2.62 33.33
CA ILE F 109 1.54 3.62 33.64
C ILE F 109 0.94 4.74 34.50
N GLY F 110 1.59 5.01 35.62
CA GLY F 110 1.03 5.85 36.67
C GLY F 110 0.99 7.34 36.44
N SER F 111 0.91 8.08 37.55
CA SER F 111 0.59 9.49 37.50
C SER F 111 1.68 10.40 38.07
N GLU F 112 2.94 9.98 37.96
CA GLU F 112 4.05 10.82 38.39
C GLU F 112 4.27 11.99 37.42
N LYS F 113 4.21 11.71 36.13
CA LYS F 113 4.45 12.70 35.09
C LYS F 113 3.52 12.48 33.90
N LEU F 114 3.09 13.55 33.24
CA LEU F 114 2.10 13.43 32.18
C LEU F 114 2.52 14.00 30.83
N GLY F 115 3.83 14.04 30.58
CA GLY F 115 4.31 14.27 29.23
C GLY F 115 4.17 12.98 28.43
N VAL F 116 4.34 13.05 27.11
CA VAL F 116 4.28 11.86 26.27
C VAL F 116 5.28 10.81 26.75
N SER F 117 6.43 11.28 27.21
CA SER F 117 7.42 10.39 27.82
C SER F 117 6.85 9.69 29.07
N ALA F 118 6.97 8.36 29.11
CA ALA F 118 6.52 7.59 30.26
C ALA F 118 7.62 7.45 31.31
N LYS F 119 8.76 8.09 31.07
CA LYS F 119 9.92 7.98 31.94
C LYS F 119 9.64 8.52 33.35
N GLY F 120 9.89 7.70 34.35
CA GLY F 120 9.73 8.10 35.74
C GLY F 120 8.42 7.67 36.37
N ASN F 121 7.51 7.14 35.56
CA ASN F 121 6.21 6.73 36.06
C ASN F 121 6.21 5.32 36.63
N THR F 122 5.49 5.13 37.74
CA THR F 122 5.26 3.82 38.32
C THR F 122 4.54 2.88 37.35
N ILE F 123 5.00 1.64 37.28
CA ILE F 123 4.30 0.61 36.52
C ILE F 123 3.38 -0.16 37.46
N HIS F 124 2.08 0.07 37.33
CA HIS F 124 1.08 -0.53 38.21
C HIS F 124 0.53 -1.83 37.65
N VAL F 125 0.10 -2.72 38.55
CA VAL F 125 -0.55 -3.97 38.16
C VAL F 125 -1.79 -4.20 39.02
N ALA F 126 -2.92 -4.48 38.39
CA ALA F 126 -4.14 -4.80 39.14
C ALA F 126 -4.84 -6.01 38.54
N ILE F 127 -5.43 -6.84 39.40
CA ILE F 127 -6.19 -8.00 38.95
C ILE F 127 -7.56 -8.03 39.59
N ALA F 128 -8.62 -7.99 38.79
CA ALA F 128 -9.97 -8.15 39.30
C ALA F 128 -10.63 -9.34 38.61
N ALA F 129 -11.73 -9.82 39.18
CA ALA F 129 -12.49 -10.90 38.57
C ALA F 129 -13.95 -10.77 38.93
N TRP F 130 -14.81 -11.33 38.08
CA TRP F 130 -16.25 -11.26 38.29
C TRP F 130 -16.92 -12.49 37.69
N PRO F 131 -18.11 -12.86 38.23
CA PRO F 131 -18.75 -14.10 37.77
C PRO F 131 -19.10 -14.08 36.29
N TRP F 132 -19.12 -15.26 35.68
CA TRP F 132 -19.60 -15.40 34.32
C TRP F 132 -21.10 -15.70 34.36
N GLY F 133 -21.79 -15.45 33.26
CA GLY F 133 -23.18 -15.85 33.13
C GLY F 133 -23.29 -17.35 32.94
N ALA F 134 -24.48 -17.83 32.61
CA ALA F 134 -24.70 -19.26 32.44
C ALA F 134 -23.75 -19.88 31.41
N TYR F 135 -23.35 -21.10 31.68
CA TYR F 135 -22.60 -21.92 30.74
C TYR F 135 -23.44 -22.15 29.48
N LEU F 136 -22.90 -21.77 28.31
CA LEU F 136 -23.63 -22.00 27.06
C LEU F 136 -23.33 -23.38 26.50
N GLY F 137 -22.04 -23.67 26.29
CA GLY F 137 -21.61 -24.93 25.71
C GLY F 137 -22.06 -25.11 24.27
N GLU F 138 -21.96 -26.35 23.79
CA GLU F 138 -22.35 -26.72 22.44
C GLU F 138 -23.79 -26.32 22.12
N GLU F 139 -24.72 -26.68 23.00
CA GLU F 139 -26.14 -26.36 22.80
C GLU F 139 -26.39 -24.86 22.81
N GLY F 140 -25.75 -24.16 23.75
CA GLY F 140 -25.97 -22.73 23.90
C GLY F 140 -25.29 -21.89 22.85
N LEU F 141 -24.40 -22.51 22.06
CA LEU F 141 -23.74 -21.83 20.96
C LEU F 141 -23.99 -22.58 19.66
N ALA F 142 -25.21 -23.07 19.51
CA ALA F 142 -25.61 -23.80 18.31
C ALA F 142 -26.06 -22.86 17.21
N LYS F 143 -26.47 -21.65 17.60
CA LYS F 143 -26.91 -20.65 16.63
C LYS F 143 -25.74 -19.78 16.21
N GLY F 144 -25.47 -19.74 14.91
CA GLY F 144 -24.45 -18.85 14.38
C GLY F 144 -24.90 -17.40 14.50
N ILE F 145 -23.94 -16.48 14.58
CA ILE F 145 -24.27 -15.08 14.69
C ILE F 145 -24.19 -14.39 13.32
N ARG F 146 -24.71 -13.17 13.27
CA ARG F 146 -24.70 -12.35 12.05
C ARG F 146 -23.58 -11.33 12.13
N VAL F 147 -22.67 -11.38 11.17
CA VAL F 147 -21.50 -10.51 11.22
C VAL F 147 -21.54 -9.52 10.06
N LYS F 148 -20.97 -8.34 10.28
CA LYS F 148 -20.82 -7.31 9.27
C LYS F 148 -19.36 -6.96 9.10
N THR F 149 -18.89 -6.91 7.85
CA THR F 149 -17.53 -6.43 7.57
C THR F 149 -17.48 -4.94 7.87
N SER F 150 -16.56 -4.54 8.73
CA SER F 150 -16.46 -3.15 9.14
C SER F 150 -15.91 -2.28 8.03
N SER F 151 -16.33 -1.01 8.00
CA SER F 151 -15.72 -0.05 7.09
C SER F 151 -14.44 0.55 7.70
N PHE F 152 -14.13 0.15 8.93
CA PHE F 152 -12.87 0.53 9.57
C PHE F 152 -11.85 -0.57 9.34
N THR F 153 -10.61 -0.17 9.10
CA THR F 153 -9.53 -1.10 8.78
C THR F 153 -8.79 -1.56 10.06
N ARG F 154 -8.33 -2.80 10.05
CA ARG F 154 -7.59 -3.39 11.16
C ARG F 154 -6.18 -2.80 11.26
N HIS F 155 -5.67 -2.73 12.49
CA HIS F 155 -4.34 -2.20 12.81
C HIS F 155 -3.24 -2.53 11.81
N HIS F 156 -2.41 -1.52 11.51
CA HIS F 156 -1.19 -1.68 10.72
C HIS F 156 -0.05 -2.19 11.62
N VAL F 157 0.66 -3.23 11.18
CA VAL F 157 1.61 -3.91 12.07
C VAL F 157 2.90 -3.15 12.38
N ASN F 158 3.14 -2.01 11.73
CA ASN F 158 4.27 -1.17 12.16
C ASN F 158 3.79 0.17 12.72
N VAL F 159 2.48 0.32 12.85
CA VAL F 159 1.88 1.47 13.53
C VAL F 159 1.52 1.04 14.93
N SER F 160 0.81 -0.09 15.04
CA SER F 160 0.47 -0.72 16.30
C SER F 160 1.25 -2.02 16.45
N MET F 161 1.67 -2.31 17.67
CA MET F 161 2.29 -3.60 17.97
C MET F 161 1.19 -4.61 18.29
N VAL F 162 0.73 -5.31 17.26
CA VAL F 162 -0.48 -6.12 17.35
C VAL F 162 -0.35 -7.42 18.15
N ARG F 163 0.89 -7.81 18.48
CA ARG F 163 1.06 -8.96 19.38
C ARG F 163 0.85 -8.56 20.84
N ALA F 164 0.87 -7.25 21.11
CA ALA F 164 0.57 -6.76 22.46
C ALA F 164 -0.93 -6.53 22.61
N1 LLP F 165 -8.24 -10.51 18.88
C2 LLP F 165 -7.98 -9.38 19.56
C2' LLP F 165 -7.74 -8.08 18.84
C3 LLP F 165 -7.92 -9.44 21.04
O3 LLP F 165 -7.65 -8.31 21.74
C4 LLP F 165 -8.16 -10.73 21.71
C4' LLP F 165 -8.10 -10.84 23.21
C5 LLP F 165 -8.43 -11.89 20.83
C6 LLP F 165 -8.46 -11.71 19.46
C5' LLP F 165 -8.70 -13.26 21.40
OP4 LLP F 165 -7.57 -13.75 22.10
P LLP F 165 -7.72 -14.94 23.18
OP1 LLP F 165 -8.69 -14.40 24.21
OP2 LLP F 165 -8.23 -16.12 22.39
OP3 LLP F 165 -6.31 -15.12 23.72
N LLP F 165 -1.51 -7.01 23.70
CA LLP F 165 -2.92 -6.79 23.99
CB LLP F 165 -3.48 -7.97 24.80
CG LLP F 165 -4.99 -8.12 24.65
CD LLP F 165 -5.47 -9.46 25.20
CE LLP F 165 -6.99 -9.63 25.13
NZ LLP F 165 -7.48 -9.66 23.75
C LLP F 165 -2.98 -5.51 24.78
O LLP F 165 -2.88 -5.54 26.02
N ALA F 166 -3.14 -4.39 24.08
CA ALA F 166 -2.89 -3.10 24.70
C ALA F 166 -4.15 -2.25 24.77
N SER F 167 -4.27 -1.48 25.84
CA SER F 167 -5.41 -0.58 26.03
C SER F 167 -5.73 0.24 24.79
N GLY F 168 -4.71 0.90 24.24
CA GLY F 168 -4.89 1.81 23.12
C GLY F 168 -5.41 1.21 21.83
N TRP F 169 -5.20 -0.10 21.63
CA TRP F 169 -5.62 -0.74 20.39
C TRP F 169 -7.13 -0.82 20.20
N TYR F 170 -7.88 -0.68 21.29
CA TYR F 170 -9.29 -1.07 21.23
C TYR F 170 -10.23 0.05 20.86
N VAL F 171 -9.69 1.23 20.60
CA VAL F 171 -10.48 2.30 20.02
C VAL F 171 -10.99 1.83 18.66
N ASN F 172 -10.09 1.21 17.90
CA ASN F 172 -10.40 0.61 16.61
C ASN F 172 -11.47 -0.47 16.75
N SER F 173 -11.32 -1.34 17.73
CA SER F 173 -12.31 -2.39 18.01
C SER F 173 -13.68 -1.81 18.37
N ILE F 174 -13.70 -0.79 19.22
CA ILE F 174 -14.97 -0.20 19.62
C ILE F 174 -15.66 0.43 18.41
N LEU F 175 -14.89 1.15 17.60
CA LEU F 175 -15.44 1.78 16.40
C LEU F 175 -16.06 0.74 15.46
N ALA F 176 -15.36 -0.36 15.22
CA ALA F 176 -15.86 -1.40 14.34
C ALA F 176 -17.07 -2.11 14.94
N ASN F 177 -17.01 -2.37 16.24
CA ASN F 177 -18.09 -3.09 16.90
C ASN F 177 -19.35 -2.22 17.00
N GLN F 178 -19.19 -0.94 17.29
CA GLN F 178 -20.33 -0.03 17.34
C GLN F 178 -20.98 0.12 15.96
N GLU F 179 -20.16 0.14 14.91
CA GLU F 179 -20.69 0.20 13.55
C GLU F 179 -21.59 -1.01 13.24
N ALA F 180 -21.14 -2.21 13.61
CA ALA F 180 -21.91 -3.42 13.35
C ALA F 180 -23.21 -3.45 14.17
N THR F 181 -23.10 -3.24 15.48
CA THR F 181 -24.27 -3.34 16.34
C THR F 181 -25.31 -2.25 16.08
N ALA F 182 -24.87 -1.05 15.69
CA ALA F 182 -25.81 0.04 15.39
C ALA F 182 -26.76 -0.33 14.24
N ASP F 183 -26.30 -1.18 13.34
CA ASP F 183 -27.14 -1.61 12.23
C ASP F 183 -27.69 -3.02 12.44
N GLY F 184 -27.69 -3.48 13.68
CA GLY F 184 -28.38 -4.71 14.05
C GLY F 184 -27.62 -6.02 13.91
N TYR F 185 -26.32 -5.95 13.65
CA TYR F 185 -25.50 -7.14 13.51
C TYR F 185 -24.93 -7.53 14.88
N ASP F 186 -24.45 -8.77 15.00
CA ASP F 186 -23.92 -9.24 16.27
C ASP F 186 -22.49 -8.81 16.51
N GLU F 187 -21.69 -8.78 15.45
CA GLU F 187 -20.26 -8.49 15.60
C GLU F 187 -19.67 -7.96 14.29
N ALA F 188 -18.52 -7.29 14.38
CA ALA F 188 -17.82 -6.81 13.20
C ALA F 188 -16.71 -7.76 12.79
N LEU F 189 -16.42 -7.76 11.48
CA LEU F 189 -15.24 -8.42 10.95
C LEU F 189 -14.36 -7.36 10.29
N LEU F 190 -13.08 -7.35 10.60
CA LEU F 190 -12.20 -6.33 10.07
C LEU F 190 -11.23 -6.85 9.01
N LEU F 191 -11.06 -6.08 7.95
CA LEU F 191 -10.04 -6.38 6.95
C LEU F 191 -8.76 -5.62 7.27
N ASP F 192 -7.61 -6.16 6.88
CA ASP F 192 -6.35 -5.47 7.11
C ASP F 192 -6.20 -4.38 6.07
N VAL F 193 -5.06 -3.68 6.08
CA VAL F 193 -4.85 -2.57 5.17
C VAL F 193 -4.81 -2.99 3.69
N ASP F 194 -4.74 -4.30 3.44
CA ASP F 194 -4.71 -4.81 2.07
C ASP F 194 -6.05 -5.36 1.60
N GLY F 195 -7.02 -5.40 2.52
CA GLY F 195 -8.34 -5.86 2.15
C GLY F 195 -8.59 -7.33 2.44
N TYR F 196 -7.66 -7.98 3.12
CA TYR F 196 -7.85 -9.38 3.52
C TYR F 196 -8.41 -9.47 4.92
N VAL F 197 -9.22 -10.49 5.17
CA VAL F 197 -9.79 -10.73 6.49
C VAL F 197 -8.68 -10.91 7.51
N SER F 198 -8.74 -10.13 8.59
CA SER F 198 -7.78 -10.27 9.68
C SER F 198 -8.42 -10.99 10.86
N GLU F 199 -9.46 -10.39 11.44
CA GLU F 199 -10.16 -10.97 12.58
C GLU F 199 -11.37 -10.15 12.97
N GLY F 200 -12.08 -10.61 14.00
CA GLY F 200 -13.21 -9.87 14.56
C GLY F 200 -12.68 -8.76 15.44
N SER F 201 -13.57 -7.95 16.01
CA SER F 201 -13.13 -6.80 16.79
C SER F 201 -12.37 -7.23 18.06
N GLY F 202 -12.69 -8.41 18.57
CA GLY F 202 -11.96 -8.95 19.72
C GLY F 202 -11.86 -10.47 19.69
N GLU F 203 -11.93 -11.04 18.48
CA GLU F 203 -11.92 -12.49 18.32
C GLU F 203 -11.17 -12.86 17.04
N ASN F 204 -10.46 -13.99 17.07
CA ASN F 204 -9.84 -14.49 15.84
C ASN F 204 -10.88 -15.17 14.95
N PHE F 205 -10.57 -15.29 13.67
CA PHE F 205 -11.53 -15.77 12.70
C PHE F 205 -11.10 -17.10 12.05
N PHE F 206 -12.05 -18.00 11.86
CA PHE F 206 -11.81 -19.25 11.15
C PHE F 206 -12.89 -19.48 10.10
N LEU F 207 -12.54 -20.17 9.03
CA LEU F 207 -13.56 -20.70 8.13
C LEU F 207 -13.25 -22.15 7.83
N VAL F 208 -14.26 -22.88 7.41
CA VAL F 208 -14.09 -24.26 6.98
C VAL F 208 -14.48 -24.38 5.52
N ASN F 209 -13.67 -25.07 4.74
CA ASN F 209 -14.01 -25.34 3.36
C ASN F 209 -13.47 -26.69 2.92
N ARG F 210 -14.35 -27.48 2.30
CA ARG F 210 -14.00 -28.81 1.82
C ARG F 210 -13.31 -29.66 2.89
N GLY F 211 -13.82 -29.60 4.11
CA GLY F 211 -13.33 -30.42 5.20
C GLY F 211 -12.03 -29.96 5.84
N LYS F 212 -11.54 -28.80 5.43
CA LYS F 212 -10.28 -28.28 5.98
C LYS F 212 -10.52 -26.98 6.72
N LEU F 213 -9.73 -26.76 7.77
CA LEU F 213 -9.86 -25.56 8.58
C LEU F 213 -8.91 -24.47 8.10
N TYR F 214 -9.45 -23.28 7.86
CA TYR F 214 -8.66 -22.15 7.40
C TYR F 214 -8.69 -21.01 8.41
N THR F 215 -7.60 -20.27 8.46
CA THR F 215 -7.56 -19.08 9.31
C THR F 215 -6.56 -18.10 8.73
N PRO F 216 -6.76 -16.79 8.95
CA PRO F 216 -5.77 -15.81 8.52
C PRO F 216 -4.41 -16.12 9.11
N ASP F 217 -3.34 -15.97 8.34
CA ASP F 217 -2.01 -16.21 8.89
C ASP F 217 -1.75 -15.21 10.02
N LEU F 218 -0.80 -15.55 10.88
CA LEU F 218 -0.50 -14.74 12.05
C LEU F 218 0.24 -13.48 11.60
N ALA F 219 -0.52 -12.53 11.08
CA ALA F 219 0.07 -11.33 10.49
C ALA F 219 -0.38 -10.08 11.25
N SER F 220 -1.54 -9.55 10.88
CA SER F 220 -2.06 -8.32 11.50
C SER F 220 -2.93 -8.60 12.73
N CYS F 221 -3.28 -9.87 12.95
CA CYS F 221 -4.12 -10.24 14.07
C CYS F 221 -3.35 -10.59 15.35
N LEU F 222 -4.04 -10.55 16.49
CA LEU F 222 -3.45 -10.96 17.75
C LEU F 222 -3.23 -12.47 17.75
N ASP F 223 -2.17 -12.91 18.42
CA ASP F 223 -1.93 -14.34 18.56
C ASP F 223 -2.83 -14.93 19.66
N GLY F 224 -4.10 -15.16 19.31
CA GLY F 224 -5.08 -15.60 20.28
C GLY F 224 -4.77 -16.95 20.90
N ILE F 225 -5.06 -17.07 22.19
CA ILE F 225 -4.81 -18.32 22.88
C ILE F 225 -5.96 -19.30 22.58
N THR F 226 -7.17 -18.79 22.41
CA THR F 226 -8.27 -19.65 21.98
C THR F 226 -8.01 -20.13 20.55
N ARG F 227 -7.53 -19.22 19.69
CA ARG F 227 -7.06 -19.57 18.35
C ARG F 227 -6.05 -20.72 18.38
N ASP F 228 -5.04 -20.60 19.22
CA ASP F 228 -4.03 -21.65 19.33
C ASP F 228 -4.64 -22.94 19.84
N THR F 229 -5.51 -22.83 20.82
CA THR F 229 -6.20 -24.00 21.39
C THR F 229 -6.95 -24.76 20.30
N VAL F 230 -7.74 -24.04 19.52
CA VAL F 230 -8.55 -24.65 18.47
C VAL F 230 -7.69 -25.28 17.38
N ILE F 231 -6.62 -24.60 16.98
CA ILE F 231 -5.72 -25.14 15.96
C ILE F 231 -5.12 -26.46 16.42
N THR F 232 -4.69 -26.50 17.68
CA THR F 232 -4.12 -27.71 18.25
C THR F 232 -5.14 -28.85 18.30
N LEU F 233 -6.35 -28.54 18.78
CA LEU F 233 -7.41 -29.54 18.84
C LEU F 233 -7.75 -30.05 17.45
N ALA F 234 -7.75 -29.14 16.48
CA ALA F 234 -8.04 -29.49 15.09
C ALA F 234 -7.05 -30.52 14.55
N LYS F 235 -5.77 -30.26 14.75
CA LYS F 235 -4.72 -31.18 14.31
C LYS F 235 -4.82 -32.53 15.03
N GLU F 236 -5.13 -32.50 16.31
CA GLU F 236 -5.25 -33.74 17.07
C GLU F 236 -6.47 -34.55 16.62
N ALA F 237 -7.44 -33.88 16.01
CA ALA F 237 -8.63 -34.54 15.48
C ALA F 237 -8.43 -34.98 14.02
N GLY F 238 -7.24 -34.75 13.49
CA GLY F 238 -6.94 -35.17 12.13
C GLY F 238 -7.45 -34.21 11.07
N ILE F 239 -7.77 -32.99 11.49
CA ILE F 239 -8.25 -31.96 10.56
C ILE F 239 -7.09 -31.12 10.04
N GLU F 240 -7.02 -30.94 8.72
CA GLU F 240 -5.94 -30.14 8.15
C GLU F 240 -6.17 -28.66 8.45
N VAL F 241 -5.12 -28.01 8.94
CA VAL F 241 -5.19 -26.58 9.26
C VAL F 241 -4.35 -25.80 8.27
N ILE F 242 -4.96 -24.81 7.63
CA ILE F 242 -4.29 -24.01 6.62
C ILE F 242 -4.37 -22.54 7.02
N GLU F 243 -3.20 -21.89 7.05
CA GLU F 243 -3.14 -20.46 7.32
C GLU F 243 -2.81 -19.75 6.01
N LYS F 244 -3.60 -18.74 5.67
CA LYS F 244 -3.48 -18.07 4.38
C LYS F 244 -4.14 -16.71 4.42
N ARG F 245 -3.95 -15.93 3.36
CA ARG F 245 -4.68 -14.69 3.17
C ARG F 245 -6.07 -15.03 2.66
N ILE F 246 -7.08 -14.55 3.38
CA ILE F 246 -8.48 -14.87 3.08
C ILE F 246 -9.21 -13.61 2.65
N THR F 247 -9.93 -13.69 1.52
CA THR F 247 -10.74 -12.57 1.05
C THR F 247 -12.15 -12.65 1.65
N ARG F 248 -12.89 -11.55 1.62
CA ARG F 248 -14.22 -11.57 2.20
C ARG F 248 -15.17 -12.46 1.40
N ASP F 249 -14.96 -12.55 0.09
CA ASP F 249 -15.88 -13.37 -0.71
C ASP F 249 -15.51 -14.85 -0.59
N GLU F 250 -14.28 -15.12 -0.15
CA GLU F 250 -13.88 -16.46 0.23
C GLU F 250 -14.66 -16.93 1.46
N VAL F 251 -14.98 -15.99 2.34
CA VAL F 251 -15.85 -16.29 3.48
C VAL F 251 -17.29 -16.48 3.01
N TYR F 252 -17.77 -15.61 2.13
CA TYR F 252 -19.13 -15.71 1.60
C TYR F 252 -19.42 -17.10 1.05
N THR F 253 -18.39 -17.73 0.51
CA THR F 253 -18.53 -18.99 -0.20
C THR F 253 -18.00 -20.20 0.57
N ALA F 254 -17.65 -19.99 1.84
CA ALA F 254 -17.12 -21.08 2.67
C ALA F 254 -18.24 -22.02 3.12
N ASP F 255 -17.86 -23.18 3.63
CA ASP F 255 -18.83 -24.14 4.16
C ASP F 255 -19.25 -23.73 5.56
N GLU F 256 -18.27 -23.33 6.38
CA GLU F 256 -18.54 -22.88 7.75
C GLU F 256 -17.62 -21.73 8.11
N ALA F 257 -17.97 -21.01 9.18
CA ALA F 257 -17.07 -20.00 9.75
C ALA F 257 -17.38 -19.85 11.24
N PHE F 258 -16.39 -19.42 12.01
CA PHE F 258 -16.61 -19.13 13.44
C PHE F 258 -15.56 -18.19 14.03
N PHE F 259 -15.87 -17.61 15.19
CA PHE F 259 -14.95 -16.76 15.95
C PHE F 259 -14.37 -17.54 17.14
N THR F 260 -13.14 -17.22 17.53
CA THR F 260 -12.60 -17.74 18.78
C THR F 260 -12.11 -16.60 19.65
N GLY F 261 -12.28 -16.74 20.95
CA GLY F 261 -11.81 -15.76 21.92
C GLY F 261 -12.10 -16.26 23.32
N THR F 262 -11.39 -15.73 24.31
CA THR F 262 -11.60 -16.14 25.69
C THR F 262 -13.07 -15.97 26.11
N ALA F 263 -13.65 -14.80 25.82
CA ALA F 263 -15.06 -14.56 26.13
C ALA F 263 -15.99 -15.29 25.15
N ALA F 264 -15.65 -15.24 23.87
CA ALA F 264 -16.50 -15.80 22.83
C ALA F 264 -16.42 -17.33 22.72
N GLU F 265 -15.39 -17.91 23.33
CA GLU F 265 -15.12 -19.34 23.23
C GLU F 265 -15.09 -19.72 21.74
N VAL F 266 -15.95 -20.64 21.30
CA VAL F 266 -16.05 -20.91 19.86
C VAL F 266 -17.46 -20.60 19.39
N THR F 267 -17.62 -19.47 18.71
CA THR F 267 -18.94 -19.02 18.28
C THR F 267 -19.08 -19.09 16.76
N PRO F 268 -20.07 -19.87 16.28
CA PRO F 268 -20.31 -20.03 14.84
C PRO F 268 -20.77 -18.73 14.18
N ILE F 269 -20.46 -18.56 12.90
CA ILE F 269 -20.94 -17.42 12.13
C ILE F 269 -21.82 -17.93 11.01
N ARG F 270 -23.09 -17.54 11.00
CA ARG F 270 -24.01 -18.10 10.01
C ARG F 270 -24.25 -17.15 8.84
N GLU F 271 -23.71 -15.94 8.95
CA GLU F 271 -23.97 -14.93 7.94
C GLU F 271 -22.92 -13.82 8.01
N LEU F 272 -22.38 -13.43 6.85
CA LEU F 272 -21.51 -12.26 6.76
C LEU F 272 -22.02 -11.33 5.66
N ASP F 273 -22.25 -10.06 6.01
CA ASP F 273 -22.73 -9.07 5.06
C ASP F 273 -24.00 -9.54 4.35
N ASN F 274 -24.87 -10.19 5.13
CA ASN F 274 -26.13 -10.70 4.62
C ASN F 274 -25.98 -11.79 3.57
N ARG F 275 -24.77 -12.33 3.43
CA ARG F 275 -24.58 -13.58 2.68
C ARG F 275 -24.56 -14.73 3.67
N THR F 276 -25.41 -15.71 3.44
CA THR F 276 -25.51 -16.88 4.30
C THR F 276 -24.25 -17.76 4.20
N ILE F 277 -23.69 -18.15 5.33
CA ILE F 277 -22.54 -19.05 5.30
C ILE F 277 -23.00 -20.49 5.18
N GLY F 278 -22.65 -21.13 4.06
CA GLY F 278 -23.09 -22.49 3.80
C GLY F 278 -24.61 -22.60 3.85
N GLY F 279 -25.11 -23.53 4.65
CA GLY F 279 -26.54 -23.68 4.82
C GLY F 279 -27.15 -22.75 5.87
N GLY F 280 -26.31 -22.01 6.58
CA GLY F 280 -26.81 -21.06 7.56
C GLY F 280 -26.98 -21.64 8.95
N ALA F 281 -26.53 -22.87 9.13
CA ALA F 281 -26.52 -23.51 10.44
C ALA F 281 -25.09 -23.72 10.88
N ARG F 282 -24.91 -24.13 12.12
CA ARG F 282 -23.57 -24.51 12.59
C ARG F 282 -23.11 -25.73 11.80
N GLY F 283 -21.90 -25.71 11.28
CA GLY F 283 -21.40 -26.82 10.49
C GLY F 283 -20.82 -27.94 11.33
N PRO F 284 -20.60 -29.11 10.72
CA PRO F 284 -20.10 -30.28 11.44
C PRO F 284 -18.68 -30.10 12.00
N ILE F 285 -17.82 -29.39 11.29
CA ILE F 285 -16.45 -29.21 11.78
C ILE F 285 -16.43 -28.26 12.97
N THR F 286 -17.21 -27.19 12.88
CA THR F 286 -17.33 -26.21 13.95
C THR F 286 -17.87 -26.89 15.21
N GLU F 287 -18.84 -27.77 15.04
CA GLU F 287 -19.42 -28.50 16.15
C GLU F 287 -18.41 -29.44 16.79
N LYS F 288 -17.65 -30.15 15.96
CA LYS F 288 -16.62 -31.05 16.46
C LYS F 288 -15.57 -30.29 17.27
N LEU F 289 -15.15 -29.13 16.76
CA LEU F 289 -14.15 -28.31 17.45
C LEU F 289 -14.73 -27.68 18.72
N GLN F 290 -16.00 -27.30 18.69
CA GLN F 290 -16.68 -26.85 19.91
C GLN F 290 -16.63 -27.93 20.98
N SER F 291 -16.96 -29.15 20.61
CA SER F 291 -16.99 -30.29 21.53
C SER F 291 -15.63 -30.57 22.16
N ALA F 292 -14.59 -30.59 21.33
CA ALA F 292 -13.23 -30.77 21.83
C ALA F 292 -12.86 -29.63 22.77
N PHE F 293 -13.21 -28.40 22.40
CA PHE F 293 -12.88 -27.24 23.23
C PHE F 293 -13.53 -27.31 24.61
N PHE F 294 -14.82 -27.59 24.64
CA PHE F 294 -15.53 -27.62 25.92
C PHE F 294 -15.16 -28.83 26.76
N ASP F 295 -14.69 -29.90 26.13
CA ASP F 295 -14.22 -31.05 26.87
C ASP F 295 -12.94 -30.72 27.60
N VAL F 296 -12.12 -29.87 26.99
CA VAL F 296 -10.88 -29.43 27.61
C VAL F 296 -11.14 -28.47 28.78
N VAL F 297 -11.93 -27.42 28.56
CA VAL F 297 -12.15 -26.43 29.61
C VAL F 297 -12.95 -26.99 30.80
N ASN F 298 -13.69 -28.06 30.59
CA ASN F 298 -14.47 -28.67 31.66
C ASN F 298 -13.69 -29.76 32.40
N GLY F 299 -12.45 -29.97 31.99
CA GLY F 299 -11.58 -30.93 32.66
C GLY F 299 -11.93 -32.37 32.38
N LYS F 300 -12.47 -32.65 31.20
CA LYS F 300 -12.83 -34.02 30.84
C LYS F 300 -11.91 -34.53 29.74
N SER F 301 -10.82 -33.81 29.51
CA SER F 301 -9.84 -34.16 28.50
C SER F 301 -8.62 -34.85 29.12
N ALA F 302 -8.23 -35.99 28.55
CA ALA F 302 -7.06 -36.71 29.04
C ALA F 302 -5.77 -36.07 28.57
N LYS F 303 -5.80 -35.44 27.39
CA LYS F 303 -4.59 -34.91 26.77
C LYS F 303 -4.14 -33.55 27.30
N HIS F 304 -5.07 -32.75 27.81
CA HIS F 304 -4.75 -31.35 28.11
C HIS F 304 -5.07 -30.88 29.52
N ALA F 305 -4.82 -31.74 30.51
CA ALA F 305 -5.00 -31.37 31.91
C ALA F 305 -4.09 -30.19 32.30
N ASP F 306 -2.90 -30.13 31.71
CA ASP F 306 -1.96 -29.08 32.06
C ASP F 306 -2.43 -27.69 31.60
N TRP F 307 -3.54 -27.62 30.89
CA TRP F 307 -4.11 -26.33 30.50
C TRP F 307 -5.03 -25.76 31.57
N LEU F 308 -5.34 -26.56 32.59
CA LEU F 308 -6.19 -26.10 33.69
C LEU F 308 -5.41 -25.95 34.99
N THR F 309 -5.57 -24.80 35.65
CA THR F 309 -4.95 -24.59 36.95
C THR F 309 -6.02 -24.50 38.02
N LYS F 310 -6.05 -25.51 38.90
CA LYS F 310 -7.01 -25.52 40.00
C LYS F 310 -6.74 -24.35 40.93
N ILE F 311 -7.82 -23.71 41.39
CA ILE F 311 -7.67 -22.54 42.25
C ILE F 311 -7.00 -22.90 43.56
N ALA G . -23.78 8.23 -12.04
CA ALA G . -24.46 8.32 -13.32
C ALA G . -25.22 9.66 -13.44
O ALA G . -26.00 9.86 -14.38
CB ALA G . -25.42 7.15 -13.49
OXT ALA G . -25.03 10.56 -12.64
C1 EDO H . -30.74 5.70 -5.58
O1 EDO H . -31.91 5.36 -4.82
C2 EDO H . -29.49 5.40 -4.75
O2 EDO H . -29.36 3.98 -4.62
N ALA I . 0.88 17.09 22.08
CA ALA I . 0.26 17.58 23.32
C ALA I . 0.24 19.11 23.40
O ALA I . -0.30 19.71 24.32
CB ALA I . 1.00 16.99 24.53
OXT ALA I . 0.77 19.82 22.53
N ALA J . 19.95 11.40 -18.22
CA ALA J . 19.90 12.31 -17.08
C ALA J . 19.99 13.76 -17.52
O ALA J . 21.08 14.33 -17.60
CB ALA J . 21.01 11.97 -16.09
OXT ALA J . 18.98 14.41 -17.80
N ALA K . 25.90 -9.49 1.88
CA ALA K . 27.09 -9.87 1.11
C ALA K . 27.70 -11.18 1.60
O ALA K . 27.30 -11.72 2.64
CB ALA K . 28.12 -8.75 1.15
OXT ALA K . 28.59 -11.74 0.98
C1 EDO L . 35.23 -16.37 8.67
O1 EDO L . 34.96 -17.56 7.93
C2 EDO L . 35.47 -16.72 10.14
O2 EDO L . 34.29 -17.34 10.69
#